data_5DKC
# 
_entry.id   5DKC 
# 
_audit_conform.dict_name       mmcif_pdbx.dic 
_audit_conform.dict_version    5.383 
_audit_conform.dict_location   http://mmcif.pdb.org/dictionaries/ascii/mmcif_pdbx.dic 
# 
loop_
_database_2.database_id 
_database_2.database_code 
_database_2.pdbx_database_accession 
_database_2.pdbx_DOI 
PDB   5DKC         pdb_00005dkc 10.2210/pdb5dkc/pdb 
WWPDB D_1000213342 ?            ?                   
# 
loop_
_pdbx_audit_revision_history.ordinal 
_pdbx_audit_revision_history.data_content_type 
_pdbx_audit_revision_history.major_revision 
_pdbx_audit_revision_history.minor_revision 
_pdbx_audit_revision_history.revision_date 
1 'Structure model' 1 0 2015-10-14 
2 'Structure model' 1 1 2024-01-10 
# 
_pdbx_audit_revision_details.ordinal             1 
_pdbx_audit_revision_details.revision_ordinal    1 
_pdbx_audit_revision_details.data_content_type   'Structure model' 
_pdbx_audit_revision_details.provider            repository 
_pdbx_audit_revision_details.type                'Initial release' 
_pdbx_audit_revision_details.description         ? 
_pdbx_audit_revision_details.details             ? 
# 
loop_
_pdbx_audit_revision_group.ordinal 
_pdbx_audit_revision_group.revision_ordinal 
_pdbx_audit_revision_group.data_content_type 
_pdbx_audit_revision_group.group 
1 2 'Structure model' 'Data collection'        
2 2 'Structure model' 'Database references'    
3 2 'Structure model' 'Derived calculations'   
4 2 'Structure model' 'Refinement description' 
# 
loop_
_pdbx_audit_revision_category.ordinal 
_pdbx_audit_revision_category.revision_ordinal 
_pdbx_audit_revision_category.data_content_type 
_pdbx_audit_revision_category.category 
1 2 'Structure model' chem_comp_atom                
2 2 'Structure model' chem_comp_bond                
3 2 'Structure model' database_2                    
4 2 'Structure model' pdbx_initial_refinement_model 
5 2 'Structure model' pdbx_struct_conn_angle        
6 2 'Structure model' struct_conn                   
# 
loop_
_pdbx_audit_revision_item.ordinal 
_pdbx_audit_revision_item.revision_ordinal 
_pdbx_audit_revision_item.data_content_type 
_pdbx_audit_revision_item.item 
1  2 'Structure model' '_database_2.pdbx_DOI'                        
2  2 'Structure model' '_database_2.pdbx_database_accession'         
3  2 'Structure model' '_pdbx_struct_conn_angle.ptnr1_auth_comp_id'  
4  2 'Structure model' '_pdbx_struct_conn_angle.ptnr1_auth_seq_id'   
5  2 'Structure model' '_pdbx_struct_conn_angle.ptnr1_label_asym_id' 
6  2 'Structure model' '_pdbx_struct_conn_angle.ptnr1_label_atom_id' 
7  2 'Structure model' '_pdbx_struct_conn_angle.ptnr1_label_comp_id' 
8  2 'Structure model' '_pdbx_struct_conn_angle.ptnr1_label_seq_id'  
9  2 'Structure model' '_pdbx_struct_conn_angle.ptnr1_symmetry'      
10 2 'Structure model' '_pdbx_struct_conn_angle.ptnr3_auth_comp_id'  
11 2 'Structure model' '_pdbx_struct_conn_angle.ptnr3_auth_seq_id'   
12 2 'Structure model' '_pdbx_struct_conn_angle.ptnr3_label_asym_id' 
13 2 'Structure model' '_pdbx_struct_conn_angle.ptnr3_label_atom_id' 
14 2 'Structure model' '_pdbx_struct_conn_angle.ptnr3_label_comp_id' 
15 2 'Structure model' '_pdbx_struct_conn_angle.ptnr3_label_seq_id'  
16 2 'Structure model' '_pdbx_struct_conn_angle.ptnr3_symmetry'      
17 2 'Structure model' '_pdbx_struct_conn_angle.value'               
18 2 'Structure model' '_struct_conn.pdbx_dist_value'                
19 2 'Structure model' '_struct_conn.ptnr1_auth_comp_id'             
20 2 'Structure model' '_struct_conn.ptnr1_auth_seq_id'              
21 2 'Structure model' '_struct_conn.ptnr1_label_asym_id'            
22 2 'Structure model' '_struct_conn.ptnr1_label_atom_id'            
23 2 'Structure model' '_struct_conn.ptnr1_label_comp_id'            
24 2 'Structure model' '_struct_conn.ptnr1_label_seq_id'             
25 2 'Structure model' '_struct_conn.ptnr2_auth_comp_id'             
26 2 'Structure model' '_struct_conn.ptnr2_auth_seq_id'              
27 2 'Structure model' '_struct_conn.ptnr2_label_asym_id'            
28 2 'Structure model' '_struct_conn.ptnr2_label_atom_id'            
29 2 'Structure model' '_struct_conn.ptnr2_label_comp_id'            
30 2 'Structure model' '_struct_conn.ptnr2_symmetry'                 
# 
_pdbx_database_status.status_code                     REL 
_pdbx_database_status.status_code_sf                  REL 
_pdbx_database_status.status_code_mr                  ? 
_pdbx_database_status.entry_id                        5DKC 
_pdbx_database_status.recvd_initial_deposition_date   2015-09-03 
_pdbx_database_status.SG_entry                        Y 
_pdbx_database_status.deposit_site                    RCSB 
_pdbx_database_status.process_site                    PDBE 
_pdbx_database_status.status_code_cs                  ? 
_pdbx_database_status.methods_development_category    ? 
_pdbx_database_status.pdb_format_compatible           Y 
_pdbx_database_status.status_code_nmr_data            ? 
# 
loop_
_audit_author.pdbx_ordinal 
_audit_author.name 
1  'Tallant, C.'         
2  'Owen, D.R.'          
3  'Gerstenberger, B.S.' 
4  'Fedorov, O.'         
5  'Savitsky, P.'        
6  'Nunez-Alonso, G.'    
7  'Fonseca, M.'         
8  'Krojer, T.'          
9  'Filippakopoulos, P.' 
10 'von Delft, F.'       
11 'Arrowsmith, C.H.'    
12 'Edwards, A.M.'       
13 'Bountra, C.'         
14 'Muller, S.'          
15 'Knapp, S.'           
# 
_citation.abstract                  ? 
_citation.abstract_id_CAS           ? 
_citation.book_id_ISBN              ? 
_citation.book_publisher            ? 
_citation.book_publisher_city       ? 
_citation.book_title                ? 
_citation.coordinate_linkage        ? 
_citation.country                   ? 
_citation.database_id_Medline       ? 
_citation.details                   ? 
_citation.id                        primary 
_citation.journal_abbrev            'To Be Published' 
_citation.journal_id_ASTM           ? 
_citation.journal_id_CSD            0353 
_citation.journal_id_ISSN           ? 
_citation.journal_full              ? 
_citation.journal_issue             ? 
_citation.journal_volume            ? 
_citation.language                  ? 
_citation.page_first                ? 
_citation.page_last                 ? 
_citation.title                     
'Crystal structure of the bromodomain of human BRM (SMARCA2) in complex with PFI-3 chemical probe' 
_citation.year                      ? 
_citation.database_id_CSD           ? 
_citation.pdbx_database_id_DOI      ? 
_citation.pdbx_database_id_PubMed   ? 
_citation.unpublished_flag          ? 
# 
loop_
_citation_author.citation_id 
_citation_author.name 
_citation_author.ordinal 
_citation_author.identifier_ORCID 
primary 'Tallant, C.'         1  ? 
primary 'Owen, D.R.'          2  ? 
primary 'Gerstenberger, B.S.' 3  ? 
primary 'Fedorov, O.'         4  ? 
primary 'Savitsky, P.'        5  ? 
primary 'Nunez-Alonso, G.'    6  ? 
primary 'Fonseca, M.'         7  ? 
primary 'Krojer, T.'          8  ? 
primary 'Filippakopoulos, P.' 9  ? 
primary 'von Delft, F.'       10 ? 
primary 'Arrowsmith, C.H.'    11 ? 
primary 'Edwards, A.M.'       12 ? 
primary 'Bountra, C.'         13 ? 
primary 'Muller, S.'          14 ? 
primary 'Knapp, S.'           15 ? 
# 
loop_
_entity.id 
_entity.type 
_entity.src_method 
_entity.pdbx_description 
_entity.formula_weight 
_entity.pdbx_number_of_molecules 
_entity.pdbx_ec 
_entity.pdbx_mutation 
_entity.pdbx_fragment 
_entity.details 
1 polymer     man 'Probable global transcription activator SNF2L2'                                                        
14380.542 1   3.6.4.- ? 'UNP residues 1373-1493' ? 
2 non-polymer syn 'ZINC ION'                                                                                              65.409 1 
?       ? ?                        ? 
3 non-polymer syn '(2E)-1-(2-hydroxyphenyl)-3-[(1R,4R)-5-(pyridin-2-yl)-2,5-diazabicyclo[2.2.1]hept-2-yl]prop-2-en-1-one' 321.373 
1   ?       ? ?                        ? 
4 water       nat water                                                                                                   18.015 
114 ?       ? ?                        ? 
# 
_entity_name_com.entity_id   1 
_entity_name_com.name        
;ATP-dependent helicase SMARCA2,BRG1-associated factor 190B,BAF190B,Protein brahma homolog,hBRM,SNF2-alpha,SWI/SNF-related matrix-associated actin-dependent regulator of chromatin subfamily A member 2
;
# 
_entity_poly.entity_id                      1 
_entity_poly.type                           'polypeptide(L)' 
_entity_poly.nstd_linkage                   no 
_entity_poly.nstd_monomer                   no 
_entity_poly.pdbx_seq_one_letter_code       
;SMAEKLSPNPPKLTKQMNAIIDTVINYKDSSGRQLSEVFIQLPSRKELPEYYELIRKPVDFKKIKERIRNHKYRSLGDLE
KDVMLLCHNAQTFNLEGSQIYEDSIVLQSVFKSARQKIAKEEE
;
_entity_poly.pdbx_seq_one_letter_code_can   
;SMAEKLSPNPPKLTKQMNAIIDTVINYKDSSGRQLSEVFIQLPSRKELPEYYELIRKPVDFKKIKERIRNHKYRSLGDLE
KDVMLLCHNAQTFNLEGSQIYEDSIVLQSVFKSARQKIAKEEE
;
_entity_poly.pdbx_strand_id                 A 
_entity_poly.pdbx_target_identifier         ? 
# 
loop_
_pdbx_entity_nonpoly.entity_id 
_pdbx_entity_nonpoly.name 
_pdbx_entity_nonpoly.comp_id 
2 'ZINC ION'                                                                                              ZN  
3 '(2E)-1-(2-hydroxyphenyl)-3-[(1R,4R)-5-(pyridin-2-yl)-2,5-diazabicyclo[2.2.1]hept-2-yl]prop-2-en-1-one' 5BW 
4 water                                                                                                   HOH 
# 
loop_
_entity_poly_seq.entity_id 
_entity_poly_seq.num 
_entity_poly_seq.mon_id 
_entity_poly_seq.hetero 
1 1   SER n 
1 2   MET n 
1 3   ALA n 
1 4   GLU n 
1 5   LYS n 
1 6   LEU n 
1 7   SER n 
1 8   PRO n 
1 9   ASN n 
1 10  PRO n 
1 11  PRO n 
1 12  LYS n 
1 13  LEU n 
1 14  THR n 
1 15  LYS n 
1 16  GLN n 
1 17  MET n 
1 18  ASN n 
1 19  ALA n 
1 20  ILE n 
1 21  ILE n 
1 22  ASP n 
1 23  THR n 
1 24  VAL n 
1 25  ILE n 
1 26  ASN n 
1 27  TYR n 
1 28  LYS n 
1 29  ASP n 
1 30  SER n 
1 31  SER n 
1 32  GLY n 
1 33  ARG n 
1 34  GLN n 
1 35  LEU n 
1 36  SER n 
1 37  GLU n 
1 38  VAL n 
1 39  PHE n 
1 40  ILE n 
1 41  GLN n 
1 42  LEU n 
1 43  PRO n 
1 44  SER n 
1 45  ARG n 
1 46  LYS n 
1 47  GLU n 
1 48  LEU n 
1 49  PRO n 
1 50  GLU n 
1 51  TYR n 
1 52  TYR n 
1 53  GLU n 
1 54  LEU n 
1 55  ILE n 
1 56  ARG n 
1 57  LYS n 
1 58  PRO n 
1 59  VAL n 
1 60  ASP n 
1 61  PHE n 
1 62  LYS n 
1 63  LYS n 
1 64  ILE n 
1 65  LYS n 
1 66  GLU n 
1 67  ARG n 
1 68  ILE n 
1 69  ARG n 
1 70  ASN n 
1 71  HIS n 
1 72  LYS n 
1 73  TYR n 
1 74  ARG n 
1 75  SER n 
1 76  LEU n 
1 77  GLY n 
1 78  ASP n 
1 79  LEU n 
1 80  GLU n 
1 81  LYS n 
1 82  ASP n 
1 83  VAL n 
1 84  MET n 
1 85  LEU n 
1 86  LEU n 
1 87  CYS n 
1 88  HIS n 
1 89  ASN n 
1 90  ALA n 
1 91  GLN n 
1 92  THR n 
1 93  PHE n 
1 94  ASN n 
1 95  LEU n 
1 96  GLU n 
1 97  GLY n 
1 98  SER n 
1 99  GLN n 
1 100 ILE n 
1 101 TYR n 
1 102 GLU n 
1 103 ASP n 
1 104 SER n 
1 105 ILE n 
1 106 VAL n 
1 107 LEU n 
1 108 GLN n 
1 109 SER n 
1 110 VAL n 
1 111 PHE n 
1 112 LYS n 
1 113 SER n 
1 114 ALA n 
1 115 ARG n 
1 116 GLN n 
1 117 LYS n 
1 118 ILE n 
1 119 ALA n 
1 120 LYS n 
1 121 GLU n 
1 122 GLU n 
1 123 GLU n 
# 
_entity_src_gen.entity_id                          1 
_entity_src_gen.pdbx_src_id                        1 
_entity_src_gen.pdbx_alt_source_flag               sample 
_entity_src_gen.pdbx_seq_type                      'Biological sequence' 
_entity_src_gen.pdbx_beg_seq_num                   1 
_entity_src_gen.pdbx_end_seq_num                   123 
_entity_src_gen.gene_src_common_name               Human 
_entity_src_gen.gene_src_genus                     ? 
_entity_src_gen.pdbx_gene_src_gene                 'SMARCA2, BAF190B, BRM, SNF2A, SNF2L2' 
_entity_src_gen.gene_src_species                   ? 
_entity_src_gen.gene_src_strain                    ? 
_entity_src_gen.gene_src_tissue                    ? 
_entity_src_gen.gene_src_tissue_fraction           ? 
_entity_src_gen.gene_src_details                   ? 
_entity_src_gen.pdbx_gene_src_fragment             ? 
_entity_src_gen.pdbx_gene_src_scientific_name      'Homo sapiens' 
_entity_src_gen.pdbx_gene_src_ncbi_taxonomy_id     9606 
_entity_src_gen.pdbx_gene_src_variant              ? 
_entity_src_gen.pdbx_gene_src_cell_line            ? 
_entity_src_gen.pdbx_gene_src_atcc                 ? 
_entity_src_gen.pdbx_gene_src_organ                ? 
_entity_src_gen.pdbx_gene_src_organelle            ? 
_entity_src_gen.pdbx_gene_src_cell                 ? 
_entity_src_gen.pdbx_gene_src_cellular_location    ? 
_entity_src_gen.host_org_common_name               ? 
_entity_src_gen.pdbx_host_org_scientific_name      'Escherichia coli' 
_entity_src_gen.pdbx_host_org_ncbi_taxonomy_id     562 
_entity_src_gen.host_org_genus                     ? 
_entity_src_gen.pdbx_host_org_gene                 ? 
_entity_src_gen.pdbx_host_org_organ                ? 
_entity_src_gen.host_org_species                   ? 
_entity_src_gen.pdbx_host_org_tissue               ? 
_entity_src_gen.pdbx_host_org_tissue_fraction      ? 
_entity_src_gen.pdbx_host_org_strain               ? 
_entity_src_gen.pdbx_host_org_variant              ? 
_entity_src_gen.pdbx_host_org_cell_line            ? 
_entity_src_gen.pdbx_host_org_atcc                 ? 
_entity_src_gen.pdbx_host_org_culture_collection   ? 
_entity_src_gen.pdbx_host_org_cell                 ? 
_entity_src_gen.pdbx_host_org_organelle            ? 
_entity_src_gen.pdbx_host_org_cellular_location    ? 
_entity_src_gen.pdbx_host_org_vector_type          Plasmid 
_entity_src_gen.pdbx_host_org_vector               ? 
_entity_src_gen.host_org_details                   ? 
_entity_src_gen.expression_system_id               ? 
_entity_src_gen.plasmid_name                       pNIC28-Bsa4 
_entity_src_gen.plasmid_details                    ? 
_entity_src_gen.pdbx_description                   ? 
# 
loop_
_chem_comp.id 
_chem_comp.type 
_chem_comp.mon_nstd_flag 
_chem_comp.name 
_chem_comp.pdbx_synonyms 
_chem_comp.formula 
_chem_comp.formula_weight 
5BW non-polymer         . '(2E)-1-(2-hydroxyphenyl)-3-[(1R,4R)-5-(pyridin-2-yl)-2,5-diazabicyclo[2.2.1]hept-2-yl]prop-2-en-1-one' 
? 'C19 H19 N3 O2'  321.373 
ALA 'L-peptide linking' y ALANINE                                                                                                 
? 'C3 H7 N O2'     89.093  
ARG 'L-peptide linking' y ARGININE                                                                                                
? 'C6 H15 N4 O2 1' 175.209 
ASN 'L-peptide linking' y ASPARAGINE                                                                                              
? 'C4 H8 N2 O3'    132.118 
ASP 'L-peptide linking' y 'ASPARTIC ACID'                                                                                         
? 'C4 H7 N O4'     133.103 
CYS 'L-peptide linking' y CYSTEINE                                                                                                
? 'C3 H7 N O2 S'   121.158 
GLN 'L-peptide linking' y GLUTAMINE                                                                                               
? 'C5 H10 N2 O3'   146.144 
GLU 'L-peptide linking' y 'GLUTAMIC ACID'                                                                                         
? 'C5 H9 N O4'     147.129 
GLY 'peptide linking'   y GLYCINE                                                                                                 
? 'C2 H5 N O2'     75.067  
HIS 'L-peptide linking' y HISTIDINE                                                                                               
? 'C6 H10 N3 O2 1' 156.162 
HOH non-polymer         . WATER                                                                                                   
? 'H2 O'           18.015  
ILE 'L-peptide linking' y ISOLEUCINE                                                                                              
? 'C6 H13 N O2'    131.173 
LEU 'L-peptide linking' y LEUCINE                                                                                                 
? 'C6 H13 N O2'    131.173 
LYS 'L-peptide linking' y LYSINE                                                                                                  
? 'C6 H15 N2 O2 1' 147.195 
MET 'L-peptide linking' y METHIONINE                                                                                              
? 'C5 H11 N O2 S'  149.211 
PHE 'L-peptide linking' y PHENYLALANINE                                                                                           
? 'C9 H11 N O2'    165.189 
PRO 'L-peptide linking' y PROLINE                                                                                                 
? 'C5 H9 N O2'     115.130 
SER 'L-peptide linking' y SERINE                                                                                                  
? 'C3 H7 N O3'     105.093 
THR 'L-peptide linking' y THREONINE                                                                                               
? 'C4 H9 N O3'     119.119 
TYR 'L-peptide linking' y TYROSINE                                                                                                
? 'C9 H11 N O3'    181.189 
VAL 'L-peptide linking' y VALINE                                                                                                  
? 'C5 H11 N O2'    117.146 
ZN  non-polymer         . 'ZINC ION'                                                                                              
? 'Zn 2'           65.409  
# 
loop_
_pdbx_poly_seq_scheme.asym_id 
_pdbx_poly_seq_scheme.entity_id 
_pdbx_poly_seq_scheme.seq_id 
_pdbx_poly_seq_scheme.mon_id 
_pdbx_poly_seq_scheme.ndb_seq_num 
_pdbx_poly_seq_scheme.pdb_seq_num 
_pdbx_poly_seq_scheme.auth_seq_num 
_pdbx_poly_seq_scheme.pdb_mon_id 
_pdbx_poly_seq_scheme.auth_mon_id 
_pdbx_poly_seq_scheme.pdb_strand_id 
_pdbx_poly_seq_scheme.pdb_ins_code 
_pdbx_poly_seq_scheme.hetero 
A 1 1   SER 1   1371 ?    ?   ?   A . n 
A 1 2   MET 2   1372 ?    ?   ?   A . n 
A 1 3   ALA 3   1373 ?    ?   ?   A . n 
A 1 4   GLU 4   1374 ?    ?   ?   A . n 
A 1 5   LYS 5   1375 ?    ?   ?   A . n 
A 1 6   LEU 6   1376 ?    ?   ?   A . n 
A 1 7   SER 7   1377 ?    ?   ?   A . n 
A 1 8   PRO 8   1378 ?    ?   ?   A . n 
A 1 9   ASN 9   1379 ?    ?   ?   A . n 
A 1 10  PRO 10  1380 ?    ?   ?   A . n 
A 1 11  PRO 11  1381 1381 PRO PRO A . n 
A 1 12  LYS 12  1382 1382 LYS LYS A . n 
A 1 13  LEU 13  1383 1383 LEU LEU A . n 
A 1 14  THR 14  1384 1384 THR THR A . n 
A 1 15  LYS 15  1385 1385 LYS LYS A . n 
A 1 16  GLN 16  1386 1386 GLN GLN A . n 
A 1 17  MET 17  1387 1387 MET MET A . n 
A 1 18  ASN 18  1388 1388 ASN ASN A . n 
A 1 19  ALA 19  1389 1389 ALA ALA A . n 
A 1 20  ILE 20  1390 1390 ILE ILE A . n 
A 1 21  ILE 21  1391 1391 ILE ILE A . n 
A 1 22  ASP 22  1392 1392 ASP ASP A . n 
A 1 23  THR 23  1393 1393 THR THR A . n 
A 1 24  VAL 24  1394 1394 VAL VAL A . n 
A 1 25  ILE 25  1395 1395 ILE ILE A . n 
A 1 26  ASN 26  1396 1396 ASN ASN A . n 
A 1 27  TYR 27  1397 1397 TYR TYR A . n 
A 1 28  LYS 28  1398 1398 LYS LYS A . n 
A 1 29  ASP 29  1399 1399 ASP ASP A . n 
A 1 30  SER 30  1400 1400 SER SER A . n 
A 1 31  SER 31  1401 1401 SER SER A . n 
A 1 32  GLY 32  1402 1402 GLY GLY A . n 
A 1 33  ARG 33  1403 1403 ARG ARG A . n 
A 1 34  GLN 34  1404 1404 GLN GLN A . n 
A 1 35  LEU 35  1405 1405 LEU LEU A . n 
A 1 36  SER 36  1406 1406 SER SER A . n 
A 1 37  GLU 37  1407 1407 GLU GLU A . n 
A 1 38  VAL 38  1408 1408 VAL VAL A . n 
A 1 39  PHE 39  1409 1409 PHE PHE A . n 
A 1 40  ILE 40  1410 1410 ILE ILE A . n 
A 1 41  GLN 41  1411 1411 GLN GLN A . n 
A 1 42  LEU 42  1412 1412 LEU LEU A . n 
A 1 43  PRO 43  1413 1413 PRO PRO A . n 
A 1 44  SER 44  1414 1414 SER SER A . n 
A 1 45  ARG 45  1415 1415 ARG ARG A . n 
A 1 46  LYS 46  1416 1416 LYS LYS A . n 
A 1 47  GLU 47  1417 1417 GLU GLU A . n 
A 1 48  LEU 48  1418 1418 LEU LEU A . n 
A 1 49  PRO 49  1419 1419 PRO PRO A . n 
A 1 50  GLU 50  1420 1420 GLU GLU A . n 
A 1 51  TYR 51  1421 1421 TYR TYR A . n 
A 1 52  TYR 52  1422 1422 TYR TYR A . n 
A 1 53  GLU 53  1423 1423 GLU GLU A . n 
A 1 54  LEU 54  1424 1424 LEU LEU A . n 
A 1 55  ILE 55  1425 1425 ILE ILE A . n 
A 1 56  ARG 56  1426 1426 ARG ARG A . n 
A 1 57  LYS 57  1427 1427 LYS LYS A . n 
A 1 58  PRO 58  1428 1428 PRO PRO A . n 
A 1 59  VAL 59  1429 1429 VAL VAL A . n 
A 1 60  ASP 60  1430 1430 ASP ASP A . n 
A 1 61  PHE 61  1431 1431 PHE PHE A . n 
A 1 62  LYS 62  1432 1432 LYS LYS A . n 
A 1 63  LYS 63  1433 1433 LYS LYS A . n 
A 1 64  ILE 64  1434 1434 ILE ILE A . n 
A 1 65  LYS 65  1435 1435 LYS LYS A . n 
A 1 66  GLU 66  1436 1436 GLU GLU A . n 
A 1 67  ARG 67  1437 1437 ARG ARG A . n 
A 1 68  ILE 68  1438 1438 ILE ILE A . n 
A 1 69  ARG 69  1439 1439 ARG ARG A . n 
A 1 70  ASN 70  1440 1440 ASN ASN A . n 
A 1 71  HIS 71  1441 1441 HIS HIS A . n 
A 1 72  LYS 72  1442 1442 LYS LYS A . n 
A 1 73  TYR 73  1443 1443 TYR TYR A . n 
A 1 74  ARG 74  1444 1444 ARG ARG A . n 
A 1 75  SER 75  1445 1445 SER SER A . n 
A 1 76  LEU 76  1446 1446 LEU LEU A . n 
A 1 77  GLY 77  1447 1447 GLY GLY A . n 
A 1 78  ASP 78  1448 1448 ASP ASP A . n 
A 1 79  LEU 79  1449 1449 LEU LEU A . n 
A 1 80  GLU 80  1450 1450 GLU GLU A . n 
A 1 81  LYS 81  1451 1451 LYS LYS A . n 
A 1 82  ASP 82  1452 1452 ASP ASP A . n 
A 1 83  VAL 83  1453 1453 VAL VAL A . n 
A 1 84  MET 84  1454 1454 MET MET A . n 
A 1 85  LEU 85  1455 1455 LEU LEU A . n 
A 1 86  LEU 86  1456 1456 LEU LEU A . n 
A 1 87  CYS 87  1457 1457 CYS CYS A . n 
A 1 88  HIS 88  1458 1458 HIS HIS A . n 
A 1 89  ASN 89  1459 1459 ASN ASN A . n 
A 1 90  ALA 90  1460 1460 ALA ALA A . n 
A 1 91  GLN 91  1461 1461 GLN GLN A . n 
A 1 92  THR 92  1462 1462 THR THR A . n 
A 1 93  PHE 93  1463 1463 PHE PHE A . n 
A 1 94  ASN 94  1464 1464 ASN ASN A . n 
A 1 95  LEU 95  1465 1465 LEU LEU A . n 
A 1 96  GLU 96  1466 1466 GLU GLU A . n 
A 1 97  GLY 97  1467 1467 GLY GLY A . n 
A 1 98  SER 98  1468 1468 SER SER A . n 
A 1 99  GLN 99  1469 1469 GLN GLN A . n 
A 1 100 ILE 100 1470 1470 ILE ILE A . n 
A 1 101 TYR 101 1471 1471 TYR TYR A . n 
A 1 102 GLU 102 1472 1472 GLU GLU A . n 
A 1 103 ASP 103 1473 1473 ASP ASP A . n 
A 1 104 SER 104 1474 1474 SER SER A . n 
A 1 105 ILE 105 1475 1475 ILE ILE A . n 
A 1 106 VAL 106 1476 1476 VAL VAL A . n 
A 1 107 LEU 107 1477 1477 LEU LEU A . n 
A 1 108 GLN 108 1478 1478 GLN GLN A . n 
A 1 109 SER 109 1479 1479 SER SER A . n 
A 1 110 VAL 110 1480 1480 VAL VAL A . n 
A 1 111 PHE 111 1481 1481 PHE PHE A . n 
A 1 112 LYS 112 1482 1482 LYS LYS A . n 
A 1 113 SER 113 1483 1483 SER SER A . n 
A 1 114 ALA 114 1484 1484 ALA ALA A . n 
A 1 115 ARG 115 1485 1485 ARG ARG A . n 
A 1 116 GLN 116 1486 1486 GLN GLN A . n 
A 1 117 LYS 117 1487 1487 LYS LYS A . n 
A 1 118 ILE 118 1488 1488 ILE ILE A . n 
A 1 119 ALA 119 1489 1489 ALA ALA A . n 
A 1 120 LYS 120 1490 1490 LYS LYS A . n 
A 1 121 GLU 121 1491 ?    ?   ?   A . n 
A 1 122 GLU 122 1492 ?    ?   ?   A . n 
A 1 123 GLU 123 1493 ?    ?   ?   A . n 
# 
loop_
_pdbx_nonpoly_scheme.asym_id 
_pdbx_nonpoly_scheme.entity_id 
_pdbx_nonpoly_scheme.mon_id 
_pdbx_nonpoly_scheme.ndb_seq_num 
_pdbx_nonpoly_scheme.pdb_seq_num 
_pdbx_nonpoly_scheme.auth_seq_num 
_pdbx_nonpoly_scheme.pdb_mon_id 
_pdbx_nonpoly_scheme.auth_mon_id 
_pdbx_nonpoly_scheme.pdb_strand_id 
_pdbx_nonpoly_scheme.pdb_ins_code 
B 2 ZN  1   1501 1   ZN  ZN  A . 
C 3 5BW 1   1502 1   5BW DRG A . 
D 4 HOH 1   1601 31  HOH HOH A . 
D 4 HOH 2   1602 100 HOH HOH A . 
D 4 HOH 3   1603 80  HOH HOH A . 
D 4 HOH 4   1604 113 HOH HOH A . 
D 4 HOH 5   1605 42  HOH HOH A . 
D 4 HOH 6   1606 16  HOH HOH A . 
D 4 HOH 7   1607 30  HOH HOH A . 
D 4 HOH 8   1608 82  HOH HOH A . 
D 4 HOH 9   1609 13  HOH HOH A . 
D 4 HOH 10  1610 84  HOH HOH A . 
D 4 HOH 11  1611 56  HOH HOH A . 
D 4 HOH 12  1612 83  HOH HOH A . 
D 4 HOH 13  1613 3   HOH HOH A . 
D 4 HOH 14  1614 48  HOH HOH A . 
D 4 HOH 15  1615 54  HOH HOH A . 
D 4 HOH 16  1616 64  HOH HOH A . 
D 4 HOH 17  1617 44  HOH HOH A . 
D 4 HOH 18  1618 20  HOH HOH A . 
D 4 HOH 19  1619 37  HOH HOH A . 
D 4 HOH 20  1620 47  HOH HOH A . 
D 4 HOH 21  1621 29  HOH HOH A . 
D 4 HOH 22  1622 105 HOH HOH A . 
D 4 HOH 23  1623 51  HOH HOH A . 
D 4 HOH 24  1624 5   HOH HOH A . 
D 4 HOH 25  1625 4   HOH HOH A . 
D 4 HOH 26  1626 41  HOH HOH A . 
D 4 HOH 27  1627 46  HOH HOH A . 
D 4 HOH 28  1628 85  HOH HOH A . 
D 4 HOH 29  1629 7   HOH HOH A . 
D 4 HOH 30  1630 86  HOH HOH A . 
D 4 HOH 31  1631 2   HOH HOH A . 
D 4 HOH 32  1632 15  HOH HOH A . 
D 4 HOH 33  1633 73  HOH HOH A . 
D 4 HOH 34  1634 98  HOH HOH A . 
D 4 HOH 35  1635 81  HOH HOH A . 
D 4 HOH 36  1636 28  HOH HOH A . 
D 4 HOH 37  1637 108 HOH HOH A . 
D 4 HOH 38  1638 79  HOH HOH A . 
D 4 HOH 39  1639 77  HOH HOH A . 
D 4 HOH 40  1640 21  HOH HOH A . 
D 4 HOH 41  1641 1   HOH HOH A . 
D 4 HOH 42  1642 75  HOH HOH A . 
D 4 HOH 43  1643 32  HOH HOH A . 
D 4 HOH 44  1644 66  HOH HOH A . 
D 4 HOH 45  1645 106 HOH HOH A . 
D 4 HOH 46  1646 12  HOH HOH A . 
D 4 HOH 47  1647 25  HOH HOH A . 
D 4 HOH 48  1648 26  HOH HOH A . 
D 4 HOH 49  1649 8   HOH HOH A . 
D 4 HOH 50  1650 23  HOH HOH A . 
D 4 HOH 51  1651 22  HOH HOH A . 
D 4 HOH 52  1652 18  HOH HOH A . 
D 4 HOH 53  1653 19  HOH HOH A . 
D 4 HOH 54  1654 17  HOH HOH A . 
D 4 HOH 55  1655 52  HOH HOH A . 
D 4 HOH 56  1656 53  HOH HOH A . 
D 4 HOH 57  1657 78  HOH HOH A . 
D 4 HOH 58  1658 63  HOH HOH A . 
D 4 HOH 59  1659 27  HOH HOH A . 
D 4 HOH 60  1660 62  HOH HOH A . 
D 4 HOH 61  1661 10  HOH HOH A . 
D 4 HOH 62  1662 11  HOH HOH A . 
D 4 HOH 63  1663 38  HOH HOH A . 
D 4 HOH 64  1664 72  HOH HOH A . 
D 4 HOH 65  1665 14  HOH HOH A . 
D 4 HOH 66  1666 50  HOH HOH A . 
D 4 HOH 67  1667 74  HOH HOH A . 
D 4 HOH 68  1668 9   HOH HOH A . 
D 4 HOH 69  1669 76  HOH HOH A . 
D 4 HOH 70  1670 33  HOH HOH A . 
D 4 HOH 71  1671 71  HOH HOH A . 
D 4 HOH 72  1672 87  HOH HOH A . 
D 4 HOH 73  1673 6   HOH HOH A . 
D 4 HOH 74  1674 65  HOH HOH A . 
D 4 HOH 75  1675 24  HOH HOH A . 
D 4 HOH 76  1676 34  HOH HOH A . 
D 4 HOH 77  1677 67  HOH HOH A . 
D 4 HOH 78  1678 68  HOH HOH A . 
D 4 HOH 79  1679 88  HOH HOH A . 
D 4 HOH 80  1680 35  HOH HOH A . 
D 4 HOH 81  1681 69  HOH HOH A . 
D 4 HOH 82  1682 70  HOH HOH A . 
D 4 HOH 83  1683 36  HOH HOH A . 
D 4 HOH 84  1684 58  HOH HOH A . 
D 4 HOH 85  1685 107 HOH HOH A . 
D 4 HOH 86  1686 109 HOH HOH A . 
D 4 HOH 87  1687 96  HOH HOH A . 
D 4 HOH 88  1688 99  HOH HOH A . 
D 4 HOH 89  1689 111 HOH HOH A . 
D 4 HOH 90  1690 92  HOH HOH A . 
D 4 HOH 91  1691 112 HOH HOH A . 
D 4 HOH 92  1692 59  HOH HOH A . 
D 4 HOH 93  1693 103 HOH HOH A . 
D 4 HOH 94  1694 89  HOH HOH A . 
D 4 HOH 95  1695 40  HOH HOH A . 
D 4 HOH 96  1696 97  HOH HOH A . 
D 4 HOH 97  1697 49  HOH HOH A . 
D 4 HOH 98  1698 57  HOH HOH A . 
D 4 HOH 99  1699 110 HOH HOH A . 
D 4 HOH 100 1700 93  HOH HOH A . 
D 4 HOH 101 1701 101 HOH HOH A . 
D 4 HOH 102 1702 39  HOH HOH A . 
D 4 HOH 103 1703 90  HOH HOH A . 
D 4 HOH 104 1704 91  HOH HOH A . 
D 4 HOH 105 1705 95  HOH HOH A . 
D 4 HOH 106 1706 104 HOH HOH A . 
D 4 HOH 107 1707 94  HOH HOH A . 
D 4 HOH 108 1708 55  HOH HOH A . 
D 4 HOH 109 1709 43  HOH HOH A . 
D 4 HOH 110 1710 45  HOH HOH A . 
D 4 HOH 111 1711 114 HOH HOH A . 
D 4 HOH 112 1712 60  HOH HOH A . 
D 4 HOH 113 1713 102 HOH HOH A . 
D 4 HOH 114 1714 61  HOH HOH A . 
# 
loop_
_software.citation_id 
_software.classification 
_software.compiler_name 
_software.compiler_version 
_software.contact_author 
_software.contact_author_email 
_software.date 
_software.description 
_software.dependencies 
_software.hardware 
_software.language 
_software.location 
_software.mods 
_software.name 
_software.os 
_software.os_version 
_software.type 
_software.version 
_software.pdbx_ordinal 
? refinement       ? ? ? ? ? ? ? ? ? ? ? REFMAC  ? ? ? 5.8.0073 1 
? 'data reduction' ? ? ? ? ? ? ? ? ? ? ? XDS     ? ? ? .        2 
? 'data scaling'   ? ? ? ? ? ? ? ? ? ? ? Aimless ? ? ? .        3 
? phasing          ? ? ? ? ? ? ? ? ? ? ? PHASER  ? ? ? .        4 
# 
_cell.angle_alpha                  90.00 
_cell.angle_alpha_esd              ? 
_cell.angle_beta                   90.00 
_cell.angle_beta_esd               ? 
_cell.angle_gamma                  120.00 
_cell.angle_gamma_esd              ? 
_cell.entry_id                     5DKC 
_cell.details                      ? 
_cell.formula_units_Z              ? 
_cell.length_a                     74.424 
_cell.length_a_esd                 ? 
_cell.length_b                     74.424 
_cell.length_b_esd                 ? 
_cell.length_c                     89.856 
_cell.length_c_esd                 ? 
_cell.volume                       ? 
_cell.volume_esd                   ? 
_cell.Z_PDB                        9 
_cell.reciprocal_angle_alpha       ? 
_cell.reciprocal_angle_beta        ? 
_cell.reciprocal_angle_gamma       ? 
_cell.reciprocal_angle_alpha_esd   ? 
_cell.reciprocal_angle_beta_esd    ? 
_cell.reciprocal_angle_gamma_esd   ? 
_cell.reciprocal_length_a          ? 
_cell.reciprocal_length_b          ? 
_cell.reciprocal_length_c          ? 
_cell.reciprocal_length_a_esd      ? 
_cell.reciprocal_length_b_esd      ? 
_cell.reciprocal_length_c_esd      ? 
_cell.pdbx_unique_axis             ? 
# 
_symmetry.entry_id                         5DKC 
_symmetry.cell_setting                     ? 
_symmetry.Int_Tables_number                146 
_symmetry.space_group_name_Hall            ? 
_symmetry.space_group_name_H-M             'H 3' 
_symmetry.pdbx_full_space_group_name_H-M   ? 
# 
_exptl.absorpt_coefficient_mu     ? 
_exptl.absorpt_correction_T_max   ? 
_exptl.absorpt_correction_T_min   ? 
_exptl.absorpt_correction_type    ? 
_exptl.absorpt_process_details    ? 
_exptl.entry_id                   5DKC 
_exptl.crystals_number            ? 
_exptl.details                    ? 
_exptl.method                     'X-RAY DIFFRACTION' 
_exptl.method_details             ? 
# 
_exptl_crystal.colour                      ? 
_exptl_crystal.density_diffrn              ? 
_exptl_crystal.density_Matthews            3.34 
_exptl_crystal.density_method              ? 
_exptl_crystal.density_percent_sol         63.15 
_exptl_crystal.description                 ? 
_exptl_crystal.F_000                       ? 
_exptl_crystal.id                          1 
_exptl_crystal.preparation                 ? 
_exptl_crystal.size_max                    ? 
_exptl_crystal.size_mid                    ? 
_exptl_crystal.size_min                    ? 
_exptl_crystal.size_rad                    ? 
_exptl_crystal.colour_lustre               ? 
_exptl_crystal.colour_modifier             ? 
_exptl_crystal.colour_primary              ? 
_exptl_crystal.density_meas                ? 
_exptl_crystal.density_meas_esd            ? 
_exptl_crystal.density_meas_gt             ? 
_exptl_crystal.density_meas_lt             ? 
_exptl_crystal.density_meas_temp           ? 
_exptl_crystal.density_meas_temp_esd       ? 
_exptl_crystal.density_meas_temp_gt        ? 
_exptl_crystal.density_meas_temp_lt        ? 
_exptl_crystal.pdbx_crystal_image_url      ? 
_exptl_crystal.pdbx_crystal_image_format   ? 
_exptl_crystal.pdbx_mosaicity              ? 
_exptl_crystal.pdbx_mosaicity_esd          ? 
# 
_exptl_crystal_grow.apparatus       ? 
_exptl_crystal_grow.atmosphere      ? 
_exptl_crystal_grow.crystal_id      1 
_exptl_crystal_grow.details         ? 
_exptl_crystal_grow.method          'VAPOR DIFFUSION, SITTING DROP' 
_exptl_crystal_grow.method_ref      ? 
_exptl_crystal_grow.pH              7 
_exptl_crystal_grow.pressure        ? 
_exptl_crystal_grow.pressure_esd    ? 
_exptl_crystal_grow.seeding         ? 
_exptl_crystal_grow.seeding_ref     ? 
_exptl_crystal_grow.temp            277.15 
_exptl_crystal_grow.temp_details    ? 
_exptl_crystal_grow.temp_esd        ? 
_exptl_crystal_grow.time            ? 
_exptl_crystal_grow.pdbx_details    '19% PEG 6K, 4% ethyleneglycol, 0.01M ZnCl2' 
_exptl_crystal_grow.pdbx_pH_range   7 
# 
_diffrn.ambient_environment    ? 
_diffrn.ambient_temp           100 
_diffrn.ambient_temp_details   ? 
_diffrn.ambient_temp_esd       ? 
_diffrn.crystal_id             1 
_diffrn.crystal_support        ? 
_diffrn.crystal_treatment      ? 
_diffrn.details                ? 
_diffrn.id                     1 
_diffrn.ambient_pressure       ? 
_diffrn.ambient_pressure_esd   ? 
_diffrn.ambient_pressure_gt    ? 
_diffrn.ambient_pressure_lt    ? 
_diffrn.ambient_temp_gt        ? 
_diffrn.ambient_temp_lt        ? 
# 
_diffrn_detector.details                      ? 
_diffrn_detector.detector                     PIXEL 
_diffrn_detector.diffrn_id                    1 
_diffrn_detector.type                         'DECTRIS PILATUS 6M' 
_diffrn_detector.area_resol_mean              ? 
_diffrn_detector.dtime                        ? 
_diffrn_detector.pdbx_frames_total            ? 
_diffrn_detector.pdbx_collection_time_total   ? 
_diffrn_detector.pdbx_collection_date         2014-07-06 
# 
_diffrn_radiation.collimation                      ? 
_diffrn_radiation.diffrn_id                        1 
_diffrn_radiation.filter_edge                      ? 
_diffrn_radiation.inhomogeneity                    ? 
_diffrn_radiation.monochromator                    ? 
_diffrn_radiation.polarisn_norm                    ? 
_diffrn_radiation.polarisn_ratio                   ? 
_diffrn_radiation.probe                            ? 
_diffrn_radiation.type                             ? 
_diffrn_radiation.xray_symbol                      ? 
_diffrn_radiation.wavelength_id                    1 
_diffrn_radiation.pdbx_monochromatic_or_laue_m_l   M 
_diffrn_radiation.pdbx_wavelength_list             ? 
_diffrn_radiation.pdbx_wavelength                  ? 
_diffrn_radiation.pdbx_diffrn_protocol             'SINGLE WAVELENGTH' 
_diffrn_radiation.pdbx_analyzer                    ? 
_diffrn_radiation.pdbx_scattering_type             x-ray 
# 
_diffrn_radiation_wavelength.id           1 
_diffrn_radiation_wavelength.wavelength   0.9763 
_diffrn_radiation_wavelength.wt           1.0 
# 
_diffrn_source.current                     ? 
_diffrn_source.details                     ? 
_diffrn_source.diffrn_id                   1 
_diffrn_source.power                       ? 
_diffrn_source.size                        ? 
_diffrn_source.source                      SYNCHROTRON 
_diffrn_source.target                      ? 
_diffrn_source.type                        'DIAMOND BEAMLINE I03' 
_diffrn_source.voltage                     ? 
_diffrn_source.take-off_angle              ? 
_diffrn_source.pdbx_wavelength_list        0.9763 
_diffrn_source.pdbx_wavelength             ? 
_diffrn_source.pdbx_synchrotron_beamline   I03 
_diffrn_source.pdbx_synchrotron_site       Diamond 
# 
_reflns.B_iso_Wilson_estimate            ? 
_reflns.entry_id                         5DKC 
_reflns.data_reduction_details           ? 
_reflns.data_reduction_method            ? 
_reflns.d_resolution_high                1.60 
_reflns.d_resolution_low                 26.19 
_reflns.details                          ? 
_reflns.limit_h_max                      ? 
_reflns.limit_h_min                      ? 
_reflns.limit_k_max                      ? 
_reflns.limit_k_min                      ? 
_reflns.limit_l_max                      ? 
_reflns.limit_l_min                      ? 
_reflns.number_all                       24515 
_reflns.number_obs                       24515 
_reflns.observed_criterion               ? 
_reflns.observed_criterion_F_max         ? 
_reflns.observed_criterion_F_min         ? 
_reflns.observed_criterion_I_max         ? 
_reflns.observed_criterion_I_min         ? 
_reflns.observed_criterion_sigma_F       ? 
_reflns.observed_criterion_sigma_I       ? 
_reflns.percent_possible_obs             99.4 
_reflns.R_free_details                   ? 
_reflns.Rmerge_F_all                     ? 
_reflns.Rmerge_F_obs                     ? 
_reflns.Friedel_coverage                 ? 
_reflns.number_gt                        ? 
_reflns.threshold_expression             ? 
_reflns.pdbx_redundancy                  6.8 
_reflns.pdbx_Rmerge_I_obs                0.054 
_reflns.pdbx_Rmerge_I_all                ? 
_reflns.pdbx_Rsym_value                  0.025 
_reflns.pdbx_netI_over_av_sigmaI         17.1 
_reflns.pdbx_netI_over_sigmaI            17.1 
_reflns.pdbx_res_netI_over_av_sigmaI_2   ? 
_reflns.pdbx_res_netI_over_sigmaI_2      ? 
_reflns.pdbx_chi_squared                 ? 
_reflns.pdbx_scaling_rejects             ? 
_reflns.pdbx_d_res_high_opt              ? 
_reflns.pdbx_d_res_low_opt               ? 
_reflns.pdbx_d_res_opt_method            ? 
_reflns.phase_calculation_details        ? 
_reflns.pdbx_Rrim_I_all                  ? 
_reflns.pdbx_Rpim_I_all                  ? 
_reflns.pdbx_d_opt                       ? 
_reflns.pdbx_number_measured_all         ? 
_reflns.pdbx_diffrn_id                   1 
_reflns.pdbx_ordinal                     1 
_reflns.pdbx_CC_half                     ? 
_reflns.pdbx_R_split                     ? 
# 
_reflns_shell.d_res_high                  1.60 
_reflns_shell.d_res_low                   1.62 
_reflns_shell.meanI_over_sigI_all         ? 
_reflns_shell.meanI_over_sigI_obs         2.1 
_reflns_shell.number_measured_all         ? 
_reflns_shell.number_measured_obs         ? 
_reflns_shell.number_possible             ? 
_reflns_shell.number_unique_all           ? 
_reflns_shell.number_unique_obs           ? 
_reflns_shell.percent_possible_all        93.5 
_reflns_shell.percent_possible_obs        ? 
_reflns_shell.Rmerge_F_all                ? 
_reflns_shell.Rmerge_F_obs                ? 
_reflns_shell.Rmerge_I_all                ? 
_reflns_shell.Rmerge_I_obs                0.8 
_reflns_shell.meanI_over_sigI_gt          ? 
_reflns_shell.meanI_over_uI_all           ? 
_reflns_shell.meanI_over_uI_gt            ? 
_reflns_shell.number_measured_gt          ? 
_reflns_shell.number_unique_gt            ? 
_reflns_shell.percent_possible_gt         ? 
_reflns_shell.Rmerge_F_gt                 ? 
_reflns_shell.Rmerge_I_gt                 ? 
_reflns_shell.pdbx_redundancy             6.0 
_reflns_shell.pdbx_Rsym_value             ? 
_reflns_shell.pdbx_chi_squared            ? 
_reflns_shell.pdbx_netI_over_sigmaI_all   ? 
_reflns_shell.pdbx_netI_over_sigmaI_obs   ? 
_reflns_shell.pdbx_Rrim_I_all             ? 
_reflns_shell.pdbx_Rpim_I_all             ? 
_reflns_shell.pdbx_rejects                ? 
_reflns_shell.pdbx_ordinal                1 
_reflns_shell.pdbx_diffrn_id              1 
_reflns_shell.pdbx_CC_half                ? 
_reflns_shell.pdbx_R_split                ? 
# 
_refine.aniso_B[1][1]                            0.31 
_refine.aniso_B[1][2]                            0.15 
_refine.aniso_B[1][3]                            -0.00 
_refine.aniso_B[2][2]                            0.31 
_refine.aniso_B[2][3]                            -0.00 
_refine.aniso_B[3][3]                            -1.00 
_refine.B_iso_max                                ? 
_refine.B_iso_mean                               31.676 
_refine.B_iso_min                                ? 
_refine.correlation_coeff_Fo_to_Fc               0.963 
_refine.correlation_coeff_Fo_to_Fc_free          0.954 
_refine.details                                  'HYDROGENS HAVE BEEN ADDED IN THE RIDING POSITIONS' 
_refine.diff_density_max                         ? 
_refine.diff_density_max_esd                     ? 
_refine.diff_density_min                         ? 
_refine.diff_density_min_esd                     ? 
_refine.diff_density_rms                         ? 
_refine.diff_density_rms_esd                     ? 
_refine.entry_id                                 5DKC 
_refine.pdbx_refine_id                           'X-RAY DIFFRACTION' 
_refine.ls_abs_structure_details                 ? 
_refine.ls_abs_structure_Flack                   ? 
_refine.ls_abs_structure_Flack_esd               ? 
_refine.ls_abs_structure_Rogers                  ? 
_refine.ls_abs_structure_Rogers_esd              ? 
_refine.ls_d_res_high                            1.60 
_refine.ls_d_res_low                             26.19 
_refine.ls_extinction_coef                       ? 
_refine.ls_extinction_coef_esd                   ? 
_refine.ls_extinction_expression                 ? 
_refine.ls_extinction_method                     ? 
_refine.ls_goodness_of_fit_all                   ? 
_refine.ls_goodness_of_fit_all_esd               ? 
_refine.ls_goodness_of_fit_obs                   ? 
_refine.ls_goodness_of_fit_obs_esd               ? 
_refine.ls_hydrogen_treatment                    ? 
_refine.ls_matrix_type                           ? 
_refine.ls_number_constraints                    ? 
_refine.ls_number_parameters                     ? 
_refine.ls_number_reflns_all                     ? 
_refine.ls_number_reflns_obs                     23139 
_refine.ls_number_reflns_R_free                  1375 
_refine.ls_number_reflns_R_work                  ? 
_refine.ls_number_restraints                     ? 
_refine.ls_percent_reflns_obs                    99.47 
_refine.ls_percent_reflns_R_free                 5.6 
_refine.ls_R_factor_all                          ? 
_refine.ls_R_factor_obs                          0.19468 
_refine.ls_R_factor_R_free                       0.21115 
_refine.ls_R_factor_R_free_error                 ? 
_refine.ls_R_factor_R_free_error_details         ? 
_refine.ls_R_factor_R_work                       0.19370 
_refine.ls_R_Fsqd_factor_obs                     ? 
_refine.ls_R_I_factor_obs                        ? 
_refine.ls_redundancy_reflns_all                 ? 
_refine.ls_redundancy_reflns_obs                 ? 
_refine.ls_restrained_S_all                      ? 
_refine.ls_restrained_S_obs                      ? 
_refine.ls_shift_over_esd_max                    ? 
_refine.ls_shift_over_esd_mean                   ? 
_refine.ls_structure_factor_coef                 ? 
_refine.ls_weighting_details                     ? 
_refine.ls_weighting_scheme                      ? 
_refine.ls_wR_factor_all                         ? 
_refine.ls_wR_factor_obs                         ? 
_refine.ls_wR_factor_R_free                      ? 
_refine.ls_wR_factor_R_work                      ? 
_refine.occupancy_max                            ? 
_refine.occupancy_min                            ? 
_refine.solvent_model_details                    MASK 
_refine.solvent_model_param_bsol                 ? 
_refine.solvent_model_param_ksol                 ? 
_refine.ls_R_factor_gt                           ? 
_refine.ls_goodness_of_fit_gt                    ? 
_refine.ls_goodness_of_fit_ref                   ? 
_refine.ls_shift_over_su_max                     ? 
_refine.ls_shift_over_su_max_lt                  ? 
_refine.ls_shift_over_su_mean                    ? 
_refine.ls_shift_over_su_mean_lt                 ? 
_refine.pdbx_ls_sigma_I                          ? 
_refine.pdbx_ls_sigma_F                          ? 
_refine.pdbx_ls_sigma_Fsqd                       ? 
_refine.pdbx_data_cutoff_high_absF               ? 
_refine.pdbx_data_cutoff_high_rms_absF           ? 
_refine.pdbx_data_cutoff_low_absF                ? 
_refine.pdbx_isotropic_thermal_model             ? 
_refine.pdbx_ls_cross_valid_method               THROUGHOUT 
_refine.pdbx_method_to_determine_struct          'MOLECULAR REPLACEMENT' 
_refine.pdbx_starting_model                      4QY4 
_refine.pdbx_stereochemistry_target_values       'MAXIMUM LIKELIHOOD' 
_refine.pdbx_R_Free_selection_details            RANDOM 
_refine.pdbx_stereochem_target_val_spec_case     ? 
_refine.pdbx_overall_ESU_R                       0.074 
_refine.pdbx_overall_ESU_R_Free                  0.073 
_refine.pdbx_solvent_vdw_probe_radii             1.20 
_refine.pdbx_solvent_ion_probe_radii             0.80 
_refine.pdbx_solvent_shrinkage_radii             0.80 
_refine.pdbx_real_space_R                        ? 
_refine.pdbx_density_correlation                 ? 
_refine.pdbx_pd_number_of_powder_patterns        ? 
_refine.pdbx_pd_number_of_points                 ? 
_refine.pdbx_pd_meas_number_of_points            ? 
_refine.pdbx_pd_proc_ls_prof_R_factor            ? 
_refine.pdbx_pd_proc_ls_prof_wR_factor           ? 
_refine.pdbx_pd_Marquardt_correlation_coeff      ? 
_refine.pdbx_pd_Fsqrd_R_factor                   ? 
_refine.pdbx_pd_ls_matrix_band_width             ? 
_refine.pdbx_overall_phase_error                 ? 
_refine.pdbx_overall_SU_R_free_Cruickshank_DPI   ? 
_refine.pdbx_overall_SU_R_free_Blow_DPI          ? 
_refine.pdbx_overall_SU_R_Blow_DPI               ? 
_refine.pdbx_TLS_residual_ADP_flag               ? 
_refine.pdbx_diffrn_id                           1 
_refine.overall_SU_B                             1.594 
_refine.overall_SU_ML                            0.055 
_refine.overall_SU_R_Cruickshank_DPI             ? 
_refine.overall_SU_R_free                        ? 
_refine.overall_FOM_free_R_set                   ? 
_refine.overall_FOM_work_R_set                   ? 
_refine.pdbx_average_fsc_overall                 ? 
_refine.pdbx_average_fsc_work                    ? 
_refine.pdbx_average_fsc_free                    ? 
# 
_refine_hist.pdbx_refine_id                   'X-RAY DIFFRACTION' 
_refine_hist.cycle_id                         1 
_refine_hist.pdbx_number_atoms_protein        908 
_refine_hist.pdbx_number_atoms_nucleic_acid   0 
_refine_hist.pdbx_number_atoms_ligand         25 
_refine_hist.number_atoms_solvent             114 
_refine_hist.number_atoms_total               1047 
_refine_hist.d_res_high                       1.60 
_refine_hist.d_res_low                        26.19 
# 
loop_
_refine_ls_restr.pdbx_refine_id 
_refine_ls_restr.criterion 
_refine_ls_restr.dev_ideal 
_refine_ls_restr.dev_ideal_target 
_refine_ls_restr.number 
_refine_ls_restr.rejects 
_refine_ls_restr.type 
_refine_ls_restr.weight 
_refine_ls_restr.pdbx_restraint_function 
'X-RAY DIFFRACTION' ? 0.013  0.020  949  ? r_bond_refined_d             ? ? 
'X-RAY DIFFRACTION' ? 0.002  0.020  948  ? r_bond_other_d               ? ? 
'X-RAY DIFFRACTION' ? 1.521  2.012  1272 ? r_angle_refined_deg          ? ? 
'X-RAY DIFFRACTION' ? 0.968  3.006  2186 ? r_angle_other_deg            ? ? 
'X-RAY DIFFRACTION' ? 5.433  5.000  109  ? r_dihedral_angle_1_deg       ? ? 
'X-RAY DIFFRACTION' ? 31.094 24.318 44   ? r_dihedral_angle_2_deg       ? ? 
'X-RAY DIFFRACTION' ? 12.633 15.000 192  ? r_dihedral_angle_3_deg       ? ? 
'X-RAY DIFFRACTION' ? 11.114 15.000 7    ? r_dihedral_angle_4_deg       ? ? 
'X-RAY DIFFRACTION' ? 0.104  0.200  140  ? r_chiral_restr               ? ? 
'X-RAY DIFFRACTION' ? 0.007  0.020  1034 ? r_gen_planes_refined         ? ? 
'X-RAY DIFFRACTION' ? 0.001  0.020  216  ? r_gen_planes_other           ? ? 
'X-RAY DIFFRACTION' ? ?      ?      ?    ? r_nbd_refined                ? ? 
'X-RAY DIFFRACTION' ? ?      ?      ?    ? r_nbd_other                  ? ? 
'X-RAY DIFFRACTION' ? ?      ?      ?    ? r_nbtor_refined              ? ? 
'X-RAY DIFFRACTION' ? ?      ?      ?    ? r_nbtor_other                ? ? 
'X-RAY DIFFRACTION' ? ?      ?      ?    ? r_xyhbond_nbd_refined        ? ? 
'X-RAY DIFFRACTION' ? ?      ?      ?    ? r_xyhbond_nbd_other          ? ? 
'X-RAY DIFFRACTION' ? ?      ?      ?    ? r_metal_ion_refined          ? ? 
'X-RAY DIFFRACTION' ? ?      ?      ?    ? r_metal_ion_other            ? ? 
'X-RAY DIFFRACTION' ? ?      ?      ?    ? r_symmetry_vdw_refined       ? ? 
'X-RAY DIFFRACTION' ? ?      ?      ?    ? r_symmetry_vdw_other         ? ? 
'X-RAY DIFFRACTION' ? ?      ?      ?    ? r_symmetry_hbond_refined     ? ? 
'X-RAY DIFFRACTION' ? ?      ?      ?    ? r_symmetry_hbond_other       ? ? 
'X-RAY DIFFRACTION' ? ?      ?      ?    ? r_symmetry_metal_ion_refined ? ? 
'X-RAY DIFFRACTION' ? ?      ?      ?    ? r_symmetry_metal_ion_other   ? ? 
'X-RAY DIFFRACTION' ? 1.977  2.771  439  ? r_mcbond_it                  ? ? 
'X-RAY DIFFRACTION' ? 1.977  2.763  438  ? r_mcbond_other               ? ? 
'X-RAY DIFFRACTION' ? 2.880  4.131  547  ? r_mcangle_it                 ? ? 
'X-RAY DIFFRACTION' ? 2.877  4.141  548  ? r_mcangle_other              ? ? 
'X-RAY DIFFRACTION' ? 3.123  3.193  510  ? r_scbond_it                  ? ? 
'X-RAY DIFFRACTION' ? 3.125  3.195  509  ? r_scbond_other               ? ? 
'X-RAY DIFFRACTION' ? ?      ?      ?    ? r_scangle_it                 ? ? 
'X-RAY DIFFRACTION' ? 5.025  4.589  726  ? r_scangle_other              ? ? 
'X-RAY DIFFRACTION' ? 6.339  22.666 1184 ? r_long_range_B_refined       ? ? 
'X-RAY DIFFRACTION' ? 6.337  22.664 1185 ? r_long_range_B_other         ? ? 
'X-RAY DIFFRACTION' ? ?      ?      ?    ? r_rigid_bond_restr           ? ? 
'X-RAY DIFFRACTION' ? ?      ?      ?    ? r_sphericity_free            ? ? 
'X-RAY DIFFRACTION' ? ?      ?      ?    ? r_sphericity_bonded          ? ? 
# 
_refine_ls_shell.pdbx_refine_id                   'X-RAY DIFFRACTION' 
_refine_ls_shell.d_res_high                       1.597 
_refine_ls_shell.d_res_low                        1.638 
_refine_ls_shell.number_reflns_all                ? 
_refine_ls_shell.number_reflns_obs                ? 
_refine_ls_shell.number_reflns_R_free             89 
_refine_ls_shell.number_reflns_R_work             1673 
_refine_ls_shell.percent_reflns_obs               95.92 
_refine_ls_shell.percent_reflns_R_free            ? 
_refine_ls_shell.R_factor_all                     ? 
_refine_ls_shell.R_factor_obs                     ? 
_refine_ls_shell.R_factor_R_free                  0.307 
_refine_ls_shell.R_factor_R_free_error            ? 
_refine_ls_shell.R_factor_R_work                  0.280 
_refine_ls_shell.redundancy_reflns_all            ? 
_refine_ls_shell.redundancy_reflns_obs            ? 
_refine_ls_shell.wR_factor_all                    ? 
_refine_ls_shell.wR_factor_obs                    ? 
_refine_ls_shell.wR_factor_R_free                 ? 
_refine_ls_shell.wR_factor_R_work                 ? 
_refine_ls_shell.pdbx_total_number_of_bins_used   20 
_refine_ls_shell.pdbx_phase_error                 ? 
_refine_ls_shell.pdbx_fsc_work                    ? 
_refine_ls_shell.pdbx_fsc_free                    ? 
# 
_struct.entry_id                     5DKC 
_struct.title                        
'Crystal structure of the bromodomain of human BRM (SMARCA2) in complex with PFI-3 chemical probe' 
_struct.pdbx_model_details           ? 
_struct.pdbx_formula_weight          ? 
_struct.pdbx_formula_weight_method   ? 
_struct.pdbx_model_type_details      ? 
_struct.pdbx_CASP_flag               ? 
# 
_struct_keywords.entry_id        5DKC 
_struct_keywords.text            'SWI-SNF complex, chromatin remodeling, Brg associated factors (BAF), transcription, hydrolase' 
_struct_keywords.pdbx_keywords   HYDROLASE 
# 
loop_
_struct_asym.id 
_struct_asym.pdbx_blank_PDB_chainid_flag 
_struct_asym.pdbx_modified 
_struct_asym.entity_id 
_struct_asym.details 
A N N 1 ? 
B N N 2 ? 
C N N 3 ? 
D N N 4 ? 
# 
_struct_ref.id                         1 
_struct_ref.db_name                    UNP 
_struct_ref.db_code                    SMCA2_HUMAN 
_struct_ref.pdbx_db_accession          P51531 
_struct_ref.pdbx_db_isoform            P51531-2 
_struct_ref.entity_id                  1 
_struct_ref.pdbx_seq_one_letter_code   
;AEKLSPNPPKLTKQMNAIIDTVINYKDSSGRQLSEVFIQLPSRKELPEYYELIRKPVDFKKIKERIRNHKYRSLGDLEKD
VMLLCHNAQTFNLEGSQIYEDSIVLQSVFKSARQKIAKEEE
;
_struct_ref.pdbx_align_begin           1373 
# 
_struct_ref_seq.align_id                      1 
_struct_ref_seq.ref_id                        1 
_struct_ref_seq.pdbx_PDB_id_code              5DKC 
_struct_ref_seq.pdbx_strand_id                A 
_struct_ref_seq.seq_align_beg                 3 
_struct_ref_seq.pdbx_seq_align_beg_ins_code   ? 
_struct_ref_seq.seq_align_end                 123 
_struct_ref_seq.pdbx_seq_align_end_ins_code   ? 
_struct_ref_seq.pdbx_db_accession             P51531 
_struct_ref_seq.db_align_beg                  1373 
_struct_ref_seq.pdbx_db_align_beg_ins_code    ? 
_struct_ref_seq.db_align_end                  1493 
_struct_ref_seq.pdbx_db_align_end_ins_code    ? 
_struct_ref_seq.pdbx_auth_seq_align_beg       1373 
_struct_ref_seq.pdbx_auth_seq_align_end       1493 
# 
loop_
_struct_ref_seq_dif.align_id 
_struct_ref_seq_dif.pdbx_pdb_id_code 
_struct_ref_seq_dif.mon_id 
_struct_ref_seq_dif.pdbx_pdb_strand_id 
_struct_ref_seq_dif.seq_num 
_struct_ref_seq_dif.pdbx_pdb_ins_code 
_struct_ref_seq_dif.pdbx_seq_db_name 
_struct_ref_seq_dif.pdbx_seq_db_accession_code 
_struct_ref_seq_dif.db_mon_id 
_struct_ref_seq_dif.pdbx_seq_db_seq_num 
_struct_ref_seq_dif.details 
_struct_ref_seq_dif.pdbx_auth_seq_num 
_struct_ref_seq_dif.pdbx_ordinal 
1 5DKC SER A 1 ? UNP P51531 ? ? 'expression tag' 1371 1 
1 5DKC MET A 2 ? UNP P51531 ? ? 'expression tag' 1372 2 
# 
_pdbx_struct_assembly.id                   1 
_pdbx_struct_assembly.details              author_and_software_defined_assembly 
_pdbx_struct_assembly.method_details       PISA 
_pdbx_struct_assembly.oligomeric_details   monomeric 
_pdbx_struct_assembly.oligomeric_count     1 
# 
loop_
_pdbx_struct_assembly_prop.biol_id 
_pdbx_struct_assembly_prop.type 
_pdbx_struct_assembly_prop.value 
_pdbx_struct_assembly_prop.details 
1 'ABSA (A^2)' 70   ? 
1 MORE         -18  ? 
1 'SSA (A^2)'  6950 ? 
# 
_pdbx_struct_assembly_gen.assembly_id       1 
_pdbx_struct_assembly_gen.oper_expression   1 
_pdbx_struct_assembly_gen.asym_id_list      A,B,C,D 
# 
_pdbx_struct_oper_list.id                   1 
_pdbx_struct_oper_list.type                 'identity operation' 
_pdbx_struct_oper_list.name                 1_555 
_pdbx_struct_oper_list.symmetry_operation   x,y,z 
_pdbx_struct_oper_list.matrix[1][1]         1.0000000000 
_pdbx_struct_oper_list.matrix[1][2]         0.0000000000 
_pdbx_struct_oper_list.matrix[1][3]         0.0000000000 
_pdbx_struct_oper_list.vector[1]            0.0000000000 
_pdbx_struct_oper_list.matrix[2][1]         0.0000000000 
_pdbx_struct_oper_list.matrix[2][2]         1.0000000000 
_pdbx_struct_oper_list.matrix[2][3]         0.0000000000 
_pdbx_struct_oper_list.vector[2]            0.0000000000 
_pdbx_struct_oper_list.matrix[3][1]         0.0000000000 
_pdbx_struct_oper_list.matrix[3][2]         0.0000000000 
_pdbx_struct_oper_list.matrix[3][3]         1.0000000000 
_pdbx_struct_oper_list.vector[3]            0.0000000000 
# 
loop_
_struct_conf.conf_type_id 
_struct_conf.id 
_struct_conf.pdbx_PDB_helix_id 
_struct_conf.beg_label_comp_id 
_struct_conf.beg_label_asym_id 
_struct_conf.beg_label_seq_id 
_struct_conf.pdbx_beg_PDB_ins_code 
_struct_conf.end_label_comp_id 
_struct_conf.end_label_asym_id 
_struct_conf.end_label_seq_id 
_struct_conf.pdbx_end_PDB_ins_code 
_struct_conf.beg_auth_comp_id 
_struct_conf.beg_auth_asym_id 
_struct_conf.beg_auth_seq_id 
_struct_conf.end_auth_comp_id 
_struct_conf.end_auth_asym_id 
_struct_conf.end_auth_seq_id 
_struct_conf.pdbx_PDB_helix_class 
_struct_conf.details 
_struct_conf.pdbx_PDB_helix_length 
HELX_P HELX_P1 AA1 PRO A 11 ? TYR A 27  ? PRO A 1381 TYR A 1397 1 ? 17 
HELX_P HELX_P2 AA2 SER A 36 ? ILE A 40  ? SER A 1406 ILE A 1410 5 ? 5  
HELX_P HELX_P3 AA3 LEU A 48 ? ILE A 55  ? LEU A 1418 ILE A 1425 1 ? 8  
HELX_P HELX_P4 AA4 ASP A 60 ? ASN A 70  ? ASP A 1430 ASN A 1440 1 ? 11 
HELX_P HELX_P5 AA5 SER A 75 ? ASN A 94  ? SER A 1445 ASN A 1464 1 ? 20 
HELX_P HELX_P6 AA6 SER A 98 ? LYS A 120 ? SER A 1468 LYS A 1490 1 ? 23 
# 
_struct_conf_type.id          HELX_P 
_struct_conf_type.criteria    ? 
_struct_conf_type.reference   ? 
# 
loop_
_struct_conn.id 
_struct_conn.conn_type_id 
_struct_conn.pdbx_leaving_atom_flag 
_struct_conn.pdbx_PDB_id 
_struct_conn.ptnr1_label_asym_id 
_struct_conn.ptnr1_label_comp_id 
_struct_conn.ptnr1_label_seq_id 
_struct_conn.ptnr1_label_atom_id 
_struct_conn.pdbx_ptnr1_label_alt_id 
_struct_conn.pdbx_ptnr1_PDB_ins_code 
_struct_conn.pdbx_ptnr1_standard_comp_id 
_struct_conn.ptnr1_symmetry 
_struct_conn.ptnr2_label_asym_id 
_struct_conn.ptnr2_label_comp_id 
_struct_conn.ptnr2_label_seq_id 
_struct_conn.ptnr2_label_atom_id 
_struct_conn.pdbx_ptnr2_label_alt_id 
_struct_conn.pdbx_ptnr2_PDB_ins_code 
_struct_conn.ptnr1_auth_asym_id 
_struct_conn.ptnr1_auth_comp_id 
_struct_conn.ptnr1_auth_seq_id 
_struct_conn.ptnr2_auth_asym_id 
_struct_conn.ptnr2_auth_comp_id 
_struct_conn.ptnr2_auth_seq_id 
_struct_conn.ptnr2_symmetry 
_struct_conn.pdbx_ptnr3_label_atom_id 
_struct_conn.pdbx_ptnr3_label_seq_id 
_struct_conn.pdbx_ptnr3_label_comp_id 
_struct_conn.pdbx_ptnr3_label_asym_id 
_struct_conn.pdbx_ptnr3_label_alt_id 
_struct_conn.pdbx_ptnr3_PDB_ins_code 
_struct_conn.details 
_struct_conn.pdbx_dist_value 
_struct_conn.pdbx_value_order 
_struct_conn.pdbx_role 
metalc1 metalc ? ? A HIS 71 NE2 ? ? ? 1_555 B ZN  . ZN ? ? A HIS 1441 A ZN  1501 1_555 ? ? ? ? ? ? ? 1.997 ? ? 
metalc2 metalc ? ? A HIS 88 NE2 ? ? ? 1_555 B ZN  . ZN ? ? A HIS 1458 A ZN  1501 5_555 ? ? ? ? ? ? ? 2.094 ? ? 
metalc3 metalc ? ? B ZN  .  ZN  ? ? ? 1_555 D HOH . O  ? ? A ZN  1501 A HOH 1617 1_555 ? ? ? ? ? ? ? 2.666 ? ? 
metalc4 metalc ? ? B ZN  .  ZN  ? ? ? 1_555 D HOH . O  ? ? A ZN  1501 A HOH 1677 9_554 ? ? ? ? ? ? ? 2.007 ? ? 
metalc5 metalc ? ? B ZN  .  ZN  ? ? ? 1_555 D HOH . O  ? ? A ZN  1501 A HOH 1684 1_555 ? ? ? ? ? ? ? 2.172 ? ? 
# 
_struct_conn_type.id          metalc 
_struct_conn_type.criteria    ? 
_struct_conn_type.reference   ? 
# 
loop_
_pdbx_struct_conn_angle.id 
_pdbx_struct_conn_angle.ptnr1_label_atom_id 
_pdbx_struct_conn_angle.ptnr1_label_alt_id 
_pdbx_struct_conn_angle.ptnr1_label_asym_id 
_pdbx_struct_conn_angle.ptnr1_label_comp_id 
_pdbx_struct_conn_angle.ptnr1_label_seq_id 
_pdbx_struct_conn_angle.ptnr1_auth_atom_id 
_pdbx_struct_conn_angle.ptnr1_auth_asym_id 
_pdbx_struct_conn_angle.ptnr1_auth_comp_id 
_pdbx_struct_conn_angle.ptnr1_auth_seq_id 
_pdbx_struct_conn_angle.ptnr1_PDB_ins_code 
_pdbx_struct_conn_angle.ptnr1_symmetry 
_pdbx_struct_conn_angle.ptnr2_label_atom_id 
_pdbx_struct_conn_angle.ptnr2_label_alt_id 
_pdbx_struct_conn_angle.ptnr2_label_asym_id 
_pdbx_struct_conn_angle.ptnr2_label_comp_id 
_pdbx_struct_conn_angle.ptnr2_label_seq_id 
_pdbx_struct_conn_angle.ptnr2_auth_atom_id 
_pdbx_struct_conn_angle.ptnr2_auth_asym_id 
_pdbx_struct_conn_angle.ptnr2_auth_comp_id 
_pdbx_struct_conn_angle.ptnr2_auth_seq_id 
_pdbx_struct_conn_angle.ptnr2_PDB_ins_code 
_pdbx_struct_conn_angle.ptnr2_symmetry 
_pdbx_struct_conn_angle.ptnr3_label_atom_id 
_pdbx_struct_conn_angle.ptnr3_label_alt_id 
_pdbx_struct_conn_angle.ptnr3_label_asym_id 
_pdbx_struct_conn_angle.ptnr3_label_comp_id 
_pdbx_struct_conn_angle.ptnr3_label_seq_id 
_pdbx_struct_conn_angle.ptnr3_auth_atom_id 
_pdbx_struct_conn_angle.ptnr3_auth_asym_id 
_pdbx_struct_conn_angle.ptnr3_auth_comp_id 
_pdbx_struct_conn_angle.ptnr3_auth_seq_id 
_pdbx_struct_conn_angle.ptnr3_PDB_ins_code 
_pdbx_struct_conn_angle.ptnr3_symmetry 
_pdbx_struct_conn_angle.value 
_pdbx_struct_conn_angle.value_esd 
1  NE2 ? A HIS 71 ? A HIS 1441 ? 1_555 ZN ? B ZN . ? A ZN 1501 ? 1_555 NE2 ? A HIS 88 ? A HIS 1458 ? 1_555 39.8  ? 
2  NE2 ? A HIS 71 ? A HIS 1441 ? 1_555 ZN ? B ZN . ? A ZN 1501 ? 1_555 O   ? D HOH .  ? A HOH 1617 ? 1_555 85.0  ? 
3  NE2 ? A HIS 88 ? A HIS 1458 ? 1_555 ZN ? B ZN . ? A ZN 1501 ? 1_555 O   ? D HOH .  ? A HOH 1617 ? 1_555 54.9  ? 
4  NE2 ? A HIS 71 ? A HIS 1441 ? 1_555 ZN ? B ZN . ? A ZN 1501 ? 1_555 O   ? D HOH .  ? A HOH 1677 ? 9_554 100.6 ? 
5  NE2 ? A HIS 88 ? A HIS 1458 ? 1_555 ZN ? B ZN . ? A ZN 1501 ? 1_555 O   ? D HOH .  ? A HOH 1677 ? 9_554 134.4 ? 
6  O   ? D HOH .  ? A HOH 1617 ? 1_555 ZN ? B ZN . ? A ZN 1501 ? 1_555 O   ? D HOH .  ? A HOH 1677 ? 9_554 169.0 ? 
7  NE2 ? A HIS 71 ? A HIS 1441 ? 1_555 ZN ? B ZN . ? A ZN 1501 ? 1_555 O   ? D HOH .  ? A HOH 1684 ? 1_555 99.5  ? 
8  NE2 ? A HIS 88 ? A HIS 1458 ? 1_555 ZN ? B ZN . ? A ZN 1501 ? 1_555 O   ? D HOH .  ? A HOH 1684 ? 1_555 110.8 ? 
9  O   ? D HOH .  ? A HOH 1617 ? 1_555 ZN ? B ZN . ? A ZN 1501 ? 1_555 O   ? D HOH .  ? A HOH 1684 ? 1_555 75.2  ? 
10 O   ? D HOH .  ? A HOH 1677 ? 9_554 ZN ? B ZN . ? A ZN 1501 ? 1_555 O   ? D HOH .  ? A HOH 1684 ? 1_555 94.4  ? 
# 
loop_
_struct_site.id 
_struct_site.pdbx_evidence_code 
_struct_site.pdbx_auth_asym_id 
_struct_site.pdbx_auth_comp_id 
_struct_site.pdbx_auth_seq_id 
_struct_site.pdbx_auth_ins_code 
_struct_site.pdbx_num_residues 
_struct_site.details 
AC1 Software A ZN  1501 ? 5  'binding site for residue ZN A 1501'  
AC2 Software A 5BW 1502 ? 14 'binding site for residue 5BW A 1502' 
# 
loop_
_struct_site_gen.id 
_struct_site_gen.site_id 
_struct_site_gen.pdbx_num_res 
_struct_site_gen.label_comp_id 
_struct_site_gen.label_asym_id 
_struct_site_gen.label_seq_id 
_struct_site_gen.pdbx_auth_ins_code 
_struct_site_gen.auth_comp_id 
_struct_site_gen.auth_asym_id 
_struct_site_gen.auth_seq_id 
_struct_site_gen.label_atom_id 
_struct_site_gen.label_alt_id 
_struct_site_gen.symmetry 
_struct_site_gen.details 
1  AC1 5  HIS A 71  ? HIS A 1441 . ? 1_555 ? 
2  AC1 5  HIS A 88  ? HIS A 1458 . ? 9_554 ? 
3  AC1 5  HOH D .   ? HOH A 1617 . ? 1_555 ? 
4  AC1 5  HOH D .   ? HOH A 1677 . ? 9_554 ? 
5  AC1 5  HOH D .   ? HOH A 1684 . ? 1_555 ? 
6  AC2 14 ASP A 29  ? ASP A 1399 . ? 2_665 ? 
7  AC2 14 SER A 30  ? SER A 1400 . ? 2_665 ? 
8  AC2 14 SER A 31  ? SER A 1401 . ? 2_665 ? 
9  AC2 14 GLY A 32  ? GLY A 1402 . ? 2_665 ? 
10 AC2 14 VAL A 38  ? VAL A 1408 . ? 1_555 ? 
11 AC2 14 PHE A 39  ? PHE A 1409 . ? 1_555 ? 
12 AC2 14 LEU A 42  ? LEU A 1412 . ? 1_555 ? 
13 AC2 14 PRO A 43  ? PRO A 1413 . ? 1_555 ? 
14 AC2 14 TYR A 51  ? TYR A 1421 . ? 1_555 ? 
15 AC2 14 VAL A 59  ? VAL A 1429 . ? 1_555 ? 
16 AC2 14 ALA A 90  ? ALA A 1460 . ? 1_555 ? 
17 AC2 14 ASN A 94  ? ASN A 1464 . ? 1_555 ? 
18 AC2 14 ILE A 100 ? ILE A 1470 . ? 1_555 ? 
19 AC2 14 HOH D .   ? HOH A 1650 . ? 1_555 ? 
# 
_pdbx_validate_close_contact.id               1 
_pdbx_validate_close_contact.PDB_model_num    1 
_pdbx_validate_close_contact.auth_atom_id_1   O 
_pdbx_validate_close_contact.auth_asym_id_1   A 
_pdbx_validate_close_contact.auth_comp_id_1   HOH 
_pdbx_validate_close_contact.auth_seq_id_1    1648 
_pdbx_validate_close_contact.PDB_ins_code_1   ? 
_pdbx_validate_close_contact.label_alt_id_1   ? 
_pdbx_validate_close_contact.auth_atom_id_2   O 
_pdbx_validate_close_contact.auth_asym_id_2   A 
_pdbx_validate_close_contact.auth_comp_id_2   HOH 
_pdbx_validate_close_contact.auth_seq_id_2    1687 
_pdbx_validate_close_contact.PDB_ins_code_2   ? 
_pdbx_validate_close_contact.label_alt_id_2   ? 
_pdbx_validate_close_contact.dist             2.19 
# 
_pdbx_validate_torsion.id              1 
_pdbx_validate_torsion.PDB_model_num   1 
_pdbx_validate_torsion.auth_comp_id    LEU 
_pdbx_validate_torsion.auth_asym_id    A 
_pdbx_validate_torsion.auth_seq_id     1418 
_pdbx_validate_torsion.PDB_ins_code    ? 
_pdbx_validate_torsion.label_alt_id    ? 
_pdbx_validate_torsion.phi             -152.00 
_pdbx_validate_torsion.psi             67.52 
# 
loop_
_pdbx_unobs_or_zero_occ_residues.id 
_pdbx_unobs_or_zero_occ_residues.PDB_model_num 
_pdbx_unobs_or_zero_occ_residues.polymer_flag 
_pdbx_unobs_or_zero_occ_residues.occupancy_flag 
_pdbx_unobs_or_zero_occ_residues.auth_asym_id 
_pdbx_unobs_or_zero_occ_residues.auth_comp_id 
_pdbx_unobs_or_zero_occ_residues.auth_seq_id 
_pdbx_unobs_or_zero_occ_residues.PDB_ins_code 
_pdbx_unobs_or_zero_occ_residues.label_asym_id 
_pdbx_unobs_or_zero_occ_residues.label_comp_id 
_pdbx_unobs_or_zero_occ_residues.label_seq_id 
1  1 Y 1 A SER 1371 ? A SER 1   
2  1 Y 1 A MET 1372 ? A MET 2   
3  1 Y 1 A ALA 1373 ? A ALA 3   
4  1 Y 1 A GLU 1374 ? A GLU 4   
5  1 Y 1 A LYS 1375 ? A LYS 5   
6  1 Y 1 A LEU 1376 ? A LEU 6   
7  1 Y 1 A SER 1377 ? A SER 7   
8  1 Y 1 A PRO 1378 ? A PRO 8   
9  1 Y 1 A ASN 1379 ? A ASN 9   
10 1 Y 1 A PRO 1380 ? A PRO 10  
11 1 Y 1 A GLU 1491 ? A GLU 121 
12 1 Y 1 A GLU 1492 ? A GLU 122 
13 1 Y 1 A GLU 1493 ? A GLU 123 
# 
loop_
_chem_comp_atom.comp_id 
_chem_comp_atom.atom_id 
_chem_comp_atom.type_symbol 
_chem_comp_atom.pdbx_aromatic_flag 
_chem_comp_atom.pdbx_stereo_config 
_chem_comp_atom.pdbx_ordinal 
5BW CAW  C  Y N 1   
5BW CAV  C  Y N 2   
5BW CAU  C  Y N 3   
5BW CAT  C  Y N 4   
5BW NAS  N  Y N 5   
5BW CAR  C  Y N 6   
5BW NAO  N  N N 7   
5BW CAN  C  N N 8   
5BW CAM  C  N R 9   
5BW CAX  C  N N 10  
5BW CAP  C  N R 11  
5BW CAQ  C  N N 12  
5BW NAL  N  N N 13  
5BW CAK  C  N N 14  
5BW CAH  C  N N 15  
5BW CAG  C  N N 16  
5BW OAI  O  N N 17  
5BW CAE  C  Y N 18  
5BW CAF  C  Y N 19  
5BW CAA  C  Y N 20  
5BW CAB  C  Y N 21  
5BW CAC  C  Y N 22  
5BW CAD  C  Y N 23  
5BW OAJ  O  N N 24  
5BW H1   H  N N 25  
5BW H2   H  N N 26  
5BW H3   H  N N 27  
5BW H4   H  N N 28  
5BW H5   H  N N 29  
5BW H6   H  N N 30  
5BW H7   H  N N 31  
5BW H8   H  N N 32  
5BW H9   H  N N 33  
5BW H10  H  N N 34  
5BW H11  H  N N 35  
5BW H12  H  N N 36  
5BW H13  H  N N 37  
5BW H14  H  N N 38  
5BW H15  H  N N 39  
5BW H16  H  N N 40  
5BW H17  H  N N 41  
5BW H18  H  N N 42  
5BW H19  H  N N 43  
ALA N    N  N N 44  
ALA CA   C  N S 45  
ALA C    C  N N 46  
ALA O    O  N N 47  
ALA CB   C  N N 48  
ALA OXT  O  N N 49  
ALA H    H  N N 50  
ALA H2   H  N N 51  
ALA HA   H  N N 52  
ALA HB1  H  N N 53  
ALA HB2  H  N N 54  
ALA HB3  H  N N 55  
ALA HXT  H  N N 56  
ARG N    N  N N 57  
ARG CA   C  N S 58  
ARG C    C  N N 59  
ARG O    O  N N 60  
ARG CB   C  N N 61  
ARG CG   C  N N 62  
ARG CD   C  N N 63  
ARG NE   N  N N 64  
ARG CZ   C  N N 65  
ARG NH1  N  N N 66  
ARG NH2  N  N N 67  
ARG OXT  O  N N 68  
ARG H    H  N N 69  
ARG H2   H  N N 70  
ARG HA   H  N N 71  
ARG HB2  H  N N 72  
ARG HB3  H  N N 73  
ARG HG2  H  N N 74  
ARG HG3  H  N N 75  
ARG HD2  H  N N 76  
ARG HD3  H  N N 77  
ARG HE   H  N N 78  
ARG HH11 H  N N 79  
ARG HH12 H  N N 80  
ARG HH21 H  N N 81  
ARG HH22 H  N N 82  
ARG HXT  H  N N 83  
ASN N    N  N N 84  
ASN CA   C  N S 85  
ASN C    C  N N 86  
ASN O    O  N N 87  
ASN CB   C  N N 88  
ASN CG   C  N N 89  
ASN OD1  O  N N 90  
ASN ND2  N  N N 91  
ASN OXT  O  N N 92  
ASN H    H  N N 93  
ASN H2   H  N N 94  
ASN HA   H  N N 95  
ASN HB2  H  N N 96  
ASN HB3  H  N N 97  
ASN HD21 H  N N 98  
ASN HD22 H  N N 99  
ASN HXT  H  N N 100 
ASP N    N  N N 101 
ASP CA   C  N S 102 
ASP C    C  N N 103 
ASP O    O  N N 104 
ASP CB   C  N N 105 
ASP CG   C  N N 106 
ASP OD1  O  N N 107 
ASP OD2  O  N N 108 
ASP OXT  O  N N 109 
ASP H    H  N N 110 
ASP H2   H  N N 111 
ASP HA   H  N N 112 
ASP HB2  H  N N 113 
ASP HB3  H  N N 114 
ASP HD2  H  N N 115 
ASP HXT  H  N N 116 
CYS N    N  N N 117 
CYS CA   C  N R 118 
CYS C    C  N N 119 
CYS O    O  N N 120 
CYS CB   C  N N 121 
CYS SG   S  N N 122 
CYS OXT  O  N N 123 
CYS H    H  N N 124 
CYS H2   H  N N 125 
CYS HA   H  N N 126 
CYS HB2  H  N N 127 
CYS HB3  H  N N 128 
CYS HG   H  N N 129 
CYS HXT  H  N N 130 
GLN N    N  N N 131 
GLN CA   C  N S 132 
GLN C    C  N N 133 
GLN O    O  N N 134 
GLN CB   C  N N 135 
GLN CG   C  N N 136 
GLN CD   C  N N 137 
GLN OE1  O  N N 138 
GLN NE2  N  N N 139 
GLN OXT  O  N N 140 
GLN H    H  N N 141 
GLN H2   H  N N 142 
GLN HA   H  N N 143 
GLN HB2  H  N N 144 
GLN HB3  H  N N 145 
GLN HG2  H  N N 146 
GLN HG3  H  N N 147 
GLN HE21 H  N N 148 
GLN HE22 H  N N 149 
GLN HXT  H  N N 150 
GLU N    N  N N 151 
GLU CA   C  N S 152 
GLU C    C  N N 153 
GLU O    O  N N 154 
GLU CB   C  N N 155 
GLU CG   C  N N 156 
GLU CD   C  N N 157 
GLU OE1  O  N N 158 
GLU OE2  O  N N 159 
GLU OXT  O  N N 160 
GLU H    H  N N 161 
GLU H2   H  N N 162 
GLU HA   H  N N 163 
GLU HB2  H  N N 164 
GLU HB3  H  N N 165 
GLU HG2  H  N N 166 
GLU HG3  H  N N 167 
GLU HE2  H  N N 168 
GLU HXT  H  N N 169 
GLY N    N  N N 170 
GLY CA   C  N N 171 
GLY C    C  N N 172 
GLY O    O  N N 173 
GLY OXT  O  N N 174 
GLY H    H  N N 175 
GLY H2   H  N N 176 
GLY HA2  H  N N 177 
GLY HA3  H  N N 178 
GLY HXT  H  N N 179 
HIS N    N  N N 180 
HIS CA   C  N S 181 
HIS C    C  N N 182 
HIS O    O  N N 183 
HIS CB   C  N N 184 
HIS CG   C  Y N 185 
HIS ND1  N  Y N 186 
HIS CD2  C  Y N 187 
HIS CE1  C  Y N 188 
HIS NE2  N  Y N 189 
HIS OXT  O  N N 190 
HIS H    H  N N 191 
HIS H2   H  N N 192 
HIS HA   H  N N 193 
HIS HB2  H  N N 194 
HIS HB3  H  N N 195 
HIS HD1  H  N N 196 
HIS HD2  H  N N 197 
HIS HE1  H  N N 198 
HIS HE2  H  N N 199 
HIS HXT  H  N N 200 
HOH O    O  N N 201 
HOH H1   H  N N 202 
HOH H2   H  N N 203 
ILE N    N  N N 204 
ILE CA   C  N S 205 
ILE C    C  N N 206 
ILE O    O  N N 207 
ILE CB   C  N S 208 
ILE CG1  C  N N 209 
ILE CG2  C  N N 210 
ILE CD1  C  N N 211 
ILE OXT  O  N N 212 
ILE H    H  N N 213 
ILE H2   H  N N 214 
ILE HA   H  N N 215 
ILE HB   H  N N 216 
ILE HG12 H  N N 217 
ILE HG13 H  N N 218 
ILE HG21 H  N N 219 
ILE HG22 H  N N 220 
ILE HG23 H  N N 221 
ILE HD11 H  N N 222 
ILE HD12 H  N N 223 
ILE HD13 H  N N 224 
ILE HXT  H  N N 225 
LEU N    N  N N 226 
LEU CA   C  N S 227 
LEU C    C  N N 228 
LEU O    O  N N 229 
LEU CB   C  N N 230 
LEU CG   C  N N 231 
LEU CD1  C  N N 232 
LEU CD2  C  N N 233 
LEU OXT  O  N N 234 
LEU H    H  N N 235 
LEU H2   H  N N 236 
LEU HA   H  N N 237 
LEU HB2  H  N N 238 
LEU HB3  H  N N 239 
LEU HG   H  N N 240 
LEU HD11 H  N N 241 
LEU HD12 H  N N 242 
LEU HD13 H  N N 243 
LEU HD21 H  N N 244 
LEU HD22 H  N N 245 
LEU HD23 H  N N 246 
LEU HXT  H  N N 247 
LYS N    N  N N 248 
LYS CA   C  N S 249 
LYS C    C  N N 250 
LYS O    O  N N 251 
LYS CB   C  N N 252 
LYS CG   C  N N 253 
LYS CD   C  N N 254 
LYS CE   C  N N 255 
LYS NZ   N  N N 256 
LYS OXT  O  N N 257 
LYS H    H  N N 258 
LYS H2   H  N N 259 
LYS HA   H  N N 260 
LYS HB2  H  N N 261 
LYS HB3  H  N N 262 
LYS HG2  H  N N 263 
LYS HG3  H  N N 264 
LYS HD2  H  N N 265 
LYS HD3  H  N N 266 
LYS HE2  H  N N 267 
LYS HE3  H  N N 268 
LYS HZ1  H  N N 269 
LYS HZ2  H  N N 270 
LYS HZ3  H  N N 271 
LYS HXT  H  N N 272 
MET N    N  N N 273 
MET CA   C  N S 274 
MET C    C  N N 275 
MET O    O  N N 276 
MET CB   C  N N 277 
MET CG   C  N N 278 
MET SD   S  N N 279 
MET CE   C  N N 280 
MET OXT  O  N N 281 
MET H    H  N N 282 
MET H2   H  N N 283 
MET HA   H  N N 284 
MET HB2  H  N N 285 
MET HB3  H  N N 286 
MET HG2  H  N N 287 
MET HG3  H  N N 288 
MET HE1  H  N N 289 
MET HE2  H  N N 290 
MET HE3  H  N N 291 
MET HXT  H  N N 292 
PHE N    N  N N 293 
PHE CA   C  N S 294 
PHE C    C  N N 295 
PHE O    O  N N 296 
PHE CB   C  N N 297 
PHE CG   C  Y N 298 
PHE CD1  C  Y N 299 
PHE CD2  C  Y N 300 
PHE CE1  C  Y N 301 
PHE CE2  C  Y N 302 
PHE CZ   C  Y N 303 
PHE OXT  O  N N 304 
PHE H    H  N N 305 
PHE H2   H  N N 306 
PHE HA   H  N N 307 
PHE HB2  H  N N 308 
PHE HB3  H  N N 309 
PHE HD1  H  N N 310 
PHE HD2  H  N N 311 
PHE HE1  H  N N 312 
PHE HE2  H  N N 313 
PHE HZ   H  N N 314 
PHE HXT  H  N N 315 
PRO N    N  N N 316 
PRO CA   C  N S 317 
PRO C    C  N N 318 
PRO O    O  N N 319 
PRO CB   C  N N 320 
PRO CG   C  N N 321 
PRO CD   C  N N 322 
PRO OXT  O  N N 323 
PRO H    H  N N 324 
PRO HA   H  N N 325 
PRO HB2  H  N N 326 
PRO HB3  H  N N 327 
PRO HG2  H  N N 328 
PRO HG3  H  N N 329 
PRO HD2  H  N N 330 
PRO HD3  H  N N 331 
PRO HXT  H  N N 332 
SER N    N  N N 333 
SER CA   C  N S 334 
SER C    C  N N 335 
SER O    O  N N 336 
SER CB   C  N N 337 
SER OG   O  N N 338 
SER OXT  O  N N 339 
SER H    H  N N 340 
SER H2   H  N N 341 
SER HA   H  N N 342 
SER HB2  H  N N 343 
SER HB3  H  N N 344 
SER HG   H  N N 345 
SER HXT  H  N N 346 
THR N    N  N N 347 
THR CA   C  N S 348 
THR C    C  N N 349 
THR O    O  N N 350 
THR CB   C  N R 351 
THR OG1  O  N N 352 
THR CG2  C  N N 353 
THR OXT  O  N N 354 
THR H    H  N N 355 
THR H2   H  N N 356 
THR HA   H  N N 357 
THR HB   H  N N 358 
THR HG1  H  N N 359 
THR HG21 H  N N 360 
THR HG22 H  N N 361 
THR HG23 H  N N 362 
THR HXT  H  N N 363 
TYR N    N  N N 364 
TYR CA   C  N S 365 
TYR C    C  N N 366 
TYR O    O  N N 367 
TYR CB   C  N N 368 
TYR CG   C  Y N 369 
TYR CD1  C  Y N 370 
TYR CD2  C  Y N 371 
TYR CE1  C  Y N 372 
TYR CE2  C  Y N 373 
TYR CZ   C  Y N 374 
TYR OH   O  N N 375 
TYR OXT  O  N N 376 
TYR H    H  N N 377 
TYR H2   H  N N 378 
TYR HA   H  N N 379 
TYR HB2  H  N N 380 
TYR HB3  H  N N 381 
TYR HD1  H  N N 382 
TYR HD2  H  N N 383 
TYR HE1  H  N N 384 
TYR HE2  H  N N 385 
TYR HH   H  N N 386 
TYR HXT  H  N N 387 
VAL N    N  N N 388 
VAL CA   C  N S 389 
VAL C    C  N N 390 
VAL O    O  N N 391 
VAL CB   C  N N 392 
VAL CG1  C  N N 393 
VAL CG2  C  N N 394 
VAL OXT  O  N N 395 
VAL H    H  N N 396 
VAL H2   H  N N 397 
VAL HA   H  N N 398 
VAL HB   H  N N 399 
VAL HG11 H  N N 400 
VAL HG12 H  N N 401 
VAL HG13 H  N N 402 
VAL HG21 H  N N 403 
VAL HG22 H  N N 404 
VAL HG23 H  N N 405 
VAL HXT  H  N N 406 
ZN  ZN   ZN N N 407 
# 
loop_
_chem_comp_bond.comp_id 
_chem_comp_bond.atom_id_1 
_chem_comp_bond.atom_id_2 
_chem_comp_bond.value_order 
_chem_comp_bond.pdbx_aromatic_flag 
_chem_comp_bond.pdbx_stereo_config 
_chem_comp_bond.pdbx_ordinal 
5BW CAA CAB  doub Y N 1   
5BW CAA CAF  sing Y N 2   
5BW CAB CAC  sing Y N 3   
5BW CAT CAU  doub Y N 4   
5BW CAT NAS  sing Y N 5   
5BW CAF CAE  doub Y N 6   
5BW CAC CAD  doub Y N 7   
5BW CAU CAV  sing Y N 8   
5BW NAS CAR  doub Y N 9   
5BW CAE CAD  sing Y N 10  
5BW CAE CAG  sing N N 11  
5BW CAD OAJ  sing N N 12  
5BW CAV CAW  doub Y N 13  
5BW CAQ CAP  sing N N 14  
5BW CAQ NAL  sing N N 15  
5BW CAR CAW  sing Y N 16  
5BW CAR NAO  sing N N 17  
5BW CAH CAG  sing N N 18  
5BW CAH CAK  doub N E 19  
5BW CAG OAI  doub N N 20  
5BW CAP NAO  sing N N 21  
5BW CAP CAX  sing N N 22  
5BW NAO CAN  sing N N 23  
5BW NAL CAK  sing N N 24  
5BW NAL CAM  sing N N 25  
5BW CAX CAM  sing N N 26  
5BW CAN CAM  sing N N 27  
5BW CAW H1   sing N N 28  
5BW CAV H2   sing N N 29  
5BW CAU H3   sing N N 30  
5BW CAT H4   sing N N 31  
5BW CAN H5   sing N N 32  
5BW CAN H6   sing N N 33  
5BW CAM H7   sing N N 34  
5BW CAX H8   sing N N 35  
5BW CAX H9   sing N N 36  
5BW CAP H10  sing N N 37  
5BW CAQ H11  sing N N 38  
5BW CAQ H12  sing N N 39  
5BW CAK H13  sing N N 40  
5BW CAH H14  sing N N 41  
5BW CAF H15  sing N N 42  
5BW CAA H16  sing N N 43  
5BW CAB H17  sing N N 44  
5BW CAC H18  sing N N 45  
5BW OAJ H19  sing N N 46  
ALA N   CA   sing N N 47  
ALA N   H    sing N N 48  
ALA N   H2   sing N N 49  
ALA CA  C    sing N N 50  
ALA CA  CB   sing N N 51  
ALA CA  HA   sing N N 52  
ALA C   O    doub N N 53  
ALA C   OXT  sing N N 54  
ALA CB  HB1  sing N N 55  
ALA CB  HB2  sing N N 56  
ALA CB  HB3  sing N N 57  
ALA OXT HXT  sing N N 58  
ARG N   CA   sing N N 59  
ARG N   H    sing N N 60  
ARG N   H2   sing N N 61  
ARG CA  C    sing N N 62  
ARG CA  CB   sing N N 63  
ARG CA  HA   sing N N 64  
ARG C   O    doub N N 65  
ARG C   OXT  sing N N 66  
ARG CB  CG   sing N N 67  
ARG CB  HB2  sing N N 68  
ARG CB  HB3  sing N N 69  
ARG CG  CD   sing N N 70  
ARG CG  HG2  sing N N 71  
ARG CG  HG3  sing N N 72  
ARG CD  NE   sing N N 73  
ARG CD  HD2  sing N N 74  
ARG CD  HD3  sing N N 75  
ARG NE  CZ   sing N N 76  
ARG NE  HE   sing N N 77  
ARG CZ  NH1  sing N N 78  
ARG CZ  NH2  doub N N 79  
ARG NH1 HH11 sing N N 80  
ARG NH1 HH12 sing N N 81  
ARG NH2 HH21 sing N N 82  
ARG NH2 HH22 sing N N 83  
ARG OXT HXT  sing N N 84  
ASN N   CA   sing N N 85  
ASN N   H    sing N N 86  
ASN N   H2   sing N N 87  
ASN CA  C    sing N N 88  
ASN CA  CB   sing N N 89  
ASN CA  HA   sing N N 90  
ASN C   O    doub N N 91  
ASN C   OXT  sing N N 92  
ASN CB  CG   sing N N 93  
ASN CB  HB2  sing N N 94  
ASN CB  HB3  sing N N 95  
ASN CG  OD1  doub N N 96  
ASN CG  ND2  sing N N 97  
ASN ND2 HD21 sing N N 98  
ASN ND2 HD22 sing N N 99  
ASN OXT HXT  sing N N 100 
ASP N   CA   sing N N 101 
ASP N   H    sing N N 102 
ASP N   H2   sing N N 103 
ASP CA  C    sing N N 104 
ASP CA  CB   sing N N 105 
ASP CA  HA   sing N N 106 
ASP C   O    doub N N 107 
ASP C   OXT  sing N N 108 
ASP CB  CG   sing N N 109 
ASP CB  HB2  sing N N 110 
ASP CB  HB3  sing N N 111 
ASP CG  OD1  doub N N 112 
ASP CG  OD2  sing N N 113 
ASP OD2 HD2  sing N N 114 
ASP OXT HXT  sing N N 115 
CYS N   CA   sing N N 116 
CYS N   H    sing N N 117 
CYS N   H2   sing N N 118 
CYS CA  C    sing N N 119 
CYS CA  CB   sing N N 120 
CYS CA  HA   sing N N 121 
CYS C   O    doub N N 122 
CYS C   OXT  sing N N 123 
CYS CB  SG   sing N N 124 
CYS CB  HB2  sing N N 125 
CYS CB  HB3  sing N N 126 
CYS SG  HG   sing N N 127 
CYS OXT HXT  sing N N 128 
GLN N   CA   sing N N 129 
GLN N   H    sing N N 130 
GLN N   H2   sing N N 131 
GLN CA  C    sing N N 132 
GLN CA  CB   sing N N 133 
GLN CA  HA   sing N N 134 
GLN C   O    doub N N 135 
GLN C   OXT  sing N N 136 
GLN CB  CG   sing N N 137 
GLN CB  HB2  sing N N 138 
GLN CB  HB3  sing N N 139 
GLN CG  CD   sing N N 140 
GLN CG  HG2  sing N N 141 
GLN CG  HG3  sing N N 142 
GLN CD  OE1  doub N N 143 
GLN CD  NE2  sing N N 144 
GLN NE2 HE21 sing N N 145 
GLN NE2 HE22 sing N N 146 
GLN OXT HXT  sing N N 147 
GLU N   CA   sing N N 148 
GLU N   H    sing N N 149 
GLU N   H2   sing N N 150 
GLU CA  C    sing N N 151 
GLU CA  CB   sing N N 152 
GLU CA  HA   sing N N 153 
GLU C   O    doub N N 154 
GLU C   OXT  sing N N 155 
GLU CB  CG   sing N N 156 
GLU CB  HB2  sing N N 157 
GLU CB  HB3  sing N N 158 
GLU CG  CD   sing N N 159 
GLU CG  HG2  sing N N 160 
GLU CG  HG3  sing N N 161 
GLU CD  OE1  doub N N 162 
GLU CD  OE2  sing N N 163 
GLU OE2 HE2  sing N N 164 
GLU OXT HXT  sing N N 165 
GLY N   CA   sing N N 166 
GLY N   H    sing N N 167 
GLY N   H2   sing N N 168 
GLY CA  C    sing N N 169 
GLY CA  HA2  sing N N 170 
GLY CA  HA3  sing N N 171 
GLY C   O    doub N N 172 
GLY C   OXT  sing N N 173 
GLY OXT HXT  sing N N 174 
HIS N   CA   sing N N 175 
HIS N   H    sing N N 176 
HIS N   H2   sing N N 177 
HIS CA  C    sing N N 178 
HIS CA  CB   sing N N 179 
HIS CA  HA   sing N N 180 
HIS C   O    doub N N 181 
HIS C   OXT  sing N N 182 
HIS CB  CG   sing N N 183 
HIS CB  HB2  sing N N 184 
HIS CB  HB3  sing N N 185 
HIS CG  ND1  sing Y N 186 
HIS CG  CD2  doub Y N 187 
HIS ND1 CE1  doub Y N 188 
HIS ND1 HD1  sing N N 189 
HIS CD2 NE2  sing Y N 190 
HIS CD2 HD2  sing N N 191 
HIS CE1 NE2  sing Y N 192 
HIS CE1 HE1  sing N N 193 
HIS NE2 HE2  sing N N 194 
HIS OXT HXT  sing N N 195 
HOH O   H1   sing N N 196 
HOH O   H2   sing N N 197 
ILE N   CA   sing N N 198 
ILE N   H    sing N N 199 
ILE N   H2   sing N N 200 
ILE CA  C    sing N N 201 
ILE CA  CB   sing N N 202 
ILE CA  HA   sing N N 203 
ILE C   O    doub N N 204 
ILE C   OXT  sing N N 205 
ILE CB  CG1  sing N N 206 
ILE CB  CG2  sing N N 207 
ILE CB  HB   sing N N 208 
ILE CG1 CD1  sing N N 209 
ILE CG1 HG12 sing N N 210 
ILE CG1 HG13 sing N N 211 
ILE CG2 HG21 sing N N 212 
ILE CG2 HG22 sing N N 213 
ILE CG2 HG23 sing N N 214 
ILE CD1 HD11 sing N N 215 
ILE CD1 HD12 sing N N 216 
ILE CD1 HD13 sing N N 217 
ILE OXT HXT  sing N N 218 
LEU N   CA   sing N N 219 
LEU N   H    sing N N 220 
LEU N   H2   sing N N 221 
LEU CA  C    sing N N 222 
LEU CA  CB   sing N N 223 
LEU CA  HA   sing N N 224 
LEU C   O    doub N N 225 
LEU C   OXT  sing N N 226 
LEU CB  CG   sing N N 227 
LEU CB  HB2  sing N N 228 
LEU CB  HB3  sing N N 229 
LEU CG  CD1  sing N N 230 
LEU CG  CD2  sing N N 231 
LEU CG  HG   sing N N 232 
LEU CD1 HD11 sing N N 233 
LEU CD1 HD12 sing N N 234 
LEU CD1 HD13 sing N N 235 
LEU CD2 HD21 sing N N 236 
LEU CD2 HD22 sing N N 237 
LEU CD2 HD23 sing N N 238 
LEU OXT HXT  sing N N 239 
LYS N   CA   sing N N 240 
LYS N   H    sing N N 241 
LYS N   H2   sing N N 242 
LYS CA  C    sing N N 243 
LYS CA  CB   sing N N 244 
LYS CA  HA   sing N N 245 
LYS C   O    doub N N 246 
LYS C   OXT  sing N N 247 
LYS CB  CG   sing N N 248 
LYS CB  HB2  sing N N 249 
LYS CB  HB3  sing N N 250 
LYS CG  CD   sing N N 251 
LYS CG  HG2  sing N N 252 
LYS CG  HG3  sing N N 253 
LYS CD  CE   sing N N 254 
LYS CD  HD2  sing N N 255 
LYS CD  HD3  sing N N 256 
LYS CE  NZ   sing N N 257 
LYS CE  HE2  sing N N 258 
LYS CE  HE3  sing N N 259 
LYS NZ  HZ1  sing N N 260 
LYS NZ  HZ2  sing N N 261 
LYS NZ  HZ3  sing N N 262 
LYS OXT HXT  sing N N 263 
MET N   CA   sing N N 264 
MET N   H    sing N N 265 
MET N   H2   sing N N 266 
MET CA  C    sing N N 267 
MET CA  CB   sing N N 268 
MET CA  HA   sing N N 269 
MET C   O    doub N N 270 
MET C   OXT  sing N N 271 
MET CB  CG   sing N N 272 
MET CB  HB2  sing N N 273 
MET CB  HB3  sing N N 274 
MET CG  SD   sing N N 275 
MET CG  HG2  sing N N 276 
MET CG  HG3  sing N N 277 
MET SD  CE   sing N N 278 
MET CE  HE1  sing N N 279 
MET CE  HE2  sing N N 280 
MET CE  HE3  sing N N 281 
MET OXT HXT  sing N N 282 
PHE N   CA   sing N N 283 
PHE N   H    sing N N 284 
PHE N   H2   sing N N 285 
PHE CA  C    sing N N 286 
PHE CA  CB   sing N N 287 
PHE CA  HA   sing N N 288 
PHE C   O    doub N N 289 
PHE C   OXT  sing N N 290 
PHE CB  CG   sing N N 291 
PHE CB  HB2  sing N N 292 
PHE CB  HB3  sing N N 293 
PHE CG  CD1  doub Y N 294 
PHE CG  CD2  sing Y N 295 
PHE CD1 CE1  sing Y N 296 
PHE CD1 HD1  sing N N 297 
PHE CD2 CE2  doub Y N 298 
PHE CD2 HD2  sing N N 299 
PHE CE1 CZ   doub Y N 300 
PHE CE1 HE1  sing N N 301 
PHE CE2 CZ   sing Y N 302 
PHE CE2 HE2  sing N N 303 
PHE CZ  HZ   sing N N 304 
PHE OXT HXT  sing N N 305 
PRO N   CA   sing N N 306 
PRO N   CD   sing N N 307 
PRO N   H    sing N N 308 
PRO CA  C    sing N N 309 
PRO CA  CB   sing N N 310 
PRO CA  HA   sing N N 311 
PRO C   O    doub N N 312 
PRO C   OXT  sing N N 313 
PRO CB  CG   sing N N 314 
PRO CB  HB2  sing N N 315 
PRO CB  HB3  sing N N 316 
PRO CG  CD   sing N N 317 
PRO CG  HG2  sing N N 318 
PRO CG  HG3  sing N N 319 
PRO CD  HD2  sing N N 320 
PRO CD  HD3  sing N N 321 
PRO OXT HXT  sing N N 322 
SER N   CA   sing N N 323 
SER N   H    sing N N 324 
SER N   H2   sing N N 325 
SER CA  C    sing N N 326 
SER CA  CB   sing N N 327 
SER CA  HA   sing N N 328 
SER C   O    doub N N 329 
SER C   OXT  sing N N 330 
SER CB  OG   sing N N 331 
SER CB  HB2  sing N N 332 
SER CB  HB3  sing N N 333 
SER OG  HG   sing N N 334 
SER OXT HXT  sing N N 335 
THR N   CA   sing N N 336 
THR N   H    sing N N 337 
THR N   H2   sing N N 338 
THR CA  C    sing N N 339 
THR CA  CB   sing N N 340 
THR CA  HA   sing N N 341 
THR C   O    doub N N 342 
THR C   OXT  sing N N 343 
THR CB  OG1  sing N N 344 
THR CB  CG2  sing N N 345 
THR CB  HB   sing N N 346 
THR OG1 HG1  sing N N 347 
THR CG2 HG21 sing N N 348 
THR CG2 HG22 sing N N 349 
THR CG2 HG23 sing N N 350 
THR OXT HXT  sing N N 351 
TYR N   CA   sing N N 352 
TYR N   H    sing N N 353 
TYR N   H2   sing N N 354 
TYR CA  C    sing N N 355 
TYR CA  CB   sing N N 356 
TYR CA  HA   sing N N 357 
TYR C   O    doub N N 358 
TYR C   OXT  sing N N 359 
TYR CB  CG   sing N N 360 
TYR CB  HB2  sing N N 361 
TYR CB  HB3  sing N N 362 
TYR CG  CD1  doub Y N 363 
TYR CG  CD2  sing Y N 364 
TYR CD1 CE1  sing Y N 365 
TYR CD1 HD1  sing N N 366 
TYR CD2 CE2  doub Y N 367 
TYR CD2 HD2  sing N N 368 
TYR CE1 CZ   doub Y N 369 
TYR CE1 HE1  sing N N 370 
TYR CE2 CZ   sing Y N 371 
TYR CE2 HE2  sing N N 372 
TYR CZ  OH   sing N N 373 
TYR OH  HH   sing N N 374 
TYR OXT HXT  sing N N 375 
VAL N   CA   sing N N 376 
VAL N   H    sing N N 377 
VAL N   H2   sing N N 378 
VAL CA  C    sing N N 379 
VAL CA  CB   sing N N 380 
VAL CA  HA   sing N N 381 
VAL C   O    doub N N 382 
VAL C   OXT  sing N N 383 
VAL CB  CG1  sing N N 384 
VAL CB  CG2  sing N N 385 
VAL CB  HB   sing N N 386 
VAL CG1 HG11 sing N N 387 
VAL CG1 HG12 sing N N 388 
VAL CG1 HG13 sing N N 389 
VAL CG2 HG21 sing N N 390 
VAL CG2 HG22 sing N N 391 
VAL CG2 HG23 sing N N 392 
VAL OXT HXT  sing N N 393 
# 
_pdbx_initial_refinement_model.id               1 
_pdbx_initial_refinement_model.entity_id_list   ? 
_pdbx_initial_refinement_model.type             'experimental model' 
_pdbx_initial_refinement_model.source_name      PDB 
_pdbx_initial_refinement_model.accession_code   4QY4 
_pdbx_initial_refinement_model.details          ? 
# 
_atom_sites.entry_id                    5DKC 
_atom_sites.fract_transf_matrix[1][1]   -0.00484345 
_atom_sites.fract_transf_matrix[1][2]   0.00531825 
_atom_sites.fract_transf_matrix[1][3]   -0.01374761 
_atom_sites.fract_transf_matrix[2][1]   -0.00717059 
_atom_sites.fract_transf_matrix[2][2]   -0.00953579 
_atom_sites.fract_transf_matrix[2][3]   -0.00991799 
_atom_sites.fract_transf_matrix[3][1]   -0.00981395 
_atom_sites.fract_transf_matrix[3][2]   0.00269803 
_atom_sites.fract_transf_matrix[3][3]   0.00450130 
_atom_sites.fract_transf_vector[1]      0.271192 
_atom_sites.fract_transf_vector[2]      0.364470 
_atom_sites.fract_transf_vector[3]      0.625872 
# 
loop_
_atom_type.symbol 
C  
N  
O  
S  
ZN 
# 
loop_
_atom_site.group_PDB 
_atom_site.id 
_atom_site.type_symbol 
_atom_site.label_atom_id 
_atom_site.label_alt_id 
_atom_site.label_comp_id 
_atom_site.label_asym_id 
_atom_site.label_entity_id 
_atom_site.label_seq_id 
_atom_site.pdbx_PDB_ins_code 
_atom_site.Cartn_x 
_atom_site.Cartn_y 
_atom_site.Cartn_z 
_atom_site.occupancy 
_atom_site.B_iso_or_equiv 
_atom_site.pdbx_formal_charge 
_atom_site.auth_seq_id 
_atom_site.auth_comp_id 
_atom_site.auth_asym_id 
_atom_site.auth_atom_id 
_atom_site.pdbx_PDB_model_num 
ATOM   1    N  N   . PRO A 1 11  ? 21.288  -0.128  3.722   1.00 80.30 ? 1381 PRO A N   1 
ATOM   2    C  CA  . PRO A 1 11  ? 21.427  -1.586  3.734   1.00 77.02 ? 1381 PRO A CA  1 
ATOM   3    C  C   . PRO A 1 11  ? 20.478  -2.253  4.744   1.00 72.60 ? 1381 PRO A C   1 
ATOM   4    O  O   . PRO A 1 11  ? 19.607  -3.037  4.359   1.00 67.01 ? 1381 PRO A O   1 
ATOM   5    C  CB  . PRO A 1 11  ? 22.904  -1.793  4.119   1.00 80.64 ? 1381 PRO A CB  1 
ATOM   6    C  CG  . PRO A 1 11  ? 23.363  -0.493  4.734   1.00 80.87 ? 1381 PRO A CG  1 
ATOM   7    C  CD  . PRO A 1 11  ? 22.252  0.522   4.625   1.00 81.12 ? 1381 PRO A CD  1 
ATOM   8    N  N   . LYS A 1 12  ? 20.658  -1.934  6.023   1.00 65.94 ? 1382 LYS A N   1 
ATOM   9    C  CA  . LYS A 1 12  ? 19.719  -2.300  7.070   1.00 63.08 ? 1382 LYS A CA  1 
ATOM   10   C  C   . LYS A 1 12  ? 18.356  -1.619  6.878   1.00 59.30 ? 1382 LYS A C   1 
ATOM   11   O  O   . LYS A 1 12  ? 17.319  -2.189  7.234   1.00 56.07 ? 1382 LYS A O   1 
ATOM   12   C  CB  . LYS A 1 12  ? 20.290  -1.888  8.423   1.00 66.63 ? 1382 LYS A CB  1 
ATOM   13   C  CG  . LYS A 1 12  ? 19.433  -2.241  9.631   1.00 70.95 ? 1382 LYS A CG  1 
ATOM   14   C  CD  . LYS A 1 12  ? 19.218  -1.029  10.522  1.00 75.16 ? 1382 LYS A CD  1 
ATOM   15   C  CE  . LYS A 1 12  ? 18.781  -1.437  11.919  1.00 79.34 ? 1382 LYS A CE  1 
ATOM   16   N  NZ  . LYS A 1 12  ? 18.417  -0.252  12.748  1.00 81.97 ? 1382 LYS A NZ  1 
ATOM   17   N  N   . LEU A 1 13  ? 18.369  -0.388  6.367   1.00 53.48 ? 1383 LEU A N   1 
ATOM   18   C  CA  . LEU A 1 13  ? 17.137  0.350   6.118   1.00 48.62 ? 1383 LEU A CA  1 
ATOM   19   C  C   . LEU A 1 13  ? 16.356  -0.339  5.013   1.00 47.09 ? 1383 LEU A C   1 
ATOM   20   O  O   . LEU A 1 13  ? 15.140  -0.570  5.161   1.00 40.51 ? 1383 LEU A O   1 
ATOM   21   C  CB  . LEU A 1 13  ? 17.426  1.810   5.741   1.00 46.91 ? 1383 LEU A CB  1 
ATOM   22   C  CG  . LEU A 1 13  ? 16.244  2.743   5.467   1.00 44.87 ? 1383 LEU A CG  1 
ATOM   23   C  CD1 . LEU A 1 13  ? 15.334  2.866   6.683   1.00 45.16 ? 1383 LEU A CD1 1 
ATOM   24   C  CD2 . LEU A 1 13  ? 16.737  4.123   5.037   1.00 45.84 ? 1383 LEU A CD2 1 
ATOM   25   N  N   . THR A 1 14  ? 17.051  -0.679  3.926   1.00 43.23 ? 1384 THR A N   1 
ATOM   26   C  CA  . THR A 1 14  ? 16.435  -1.344  2.772   1.00 47.53 ? 1384 THR A CA  1 
ATOM   27   C  C   . THR A 1 14  ? 15.801  -2.670  3.224   1.00 49.28 ? 1384 THR A C   1 
ATOM   28   O  O   . THR A 1 14  ? 14.706  -3.043  2.765   1.00 48.36 ? 1384 THR A O   1 
ATOM   29   C  CB  . THR A 1 14  ? 17.446  -1.593  1.618   1.00 50.23 ? 1384 THR A CB  1 
ATOM   30   O  OG1 . THR A 1 14  ? 17.766  -0.355  0.958   1.00 50.94 ? 1384 THR A OG1 1 
ATOM   31   C  CG2 . THR A 1 14  ? 16.874  -2.541  0.565   1.00 49.59 ? 1384 THR A CG2 1 
ATOM   32   N  N   . LYS A 1 15  ? 16.494  -3.365  4.118   1.00 48.85 ? 1385 LYS A N   1 
ATOM   33   C  CA  . LYS A 1 15  ? 15.988  -4.622  4.685   1.00 48.94 ? 1385 LYS A CA  1 
ATOM   34   C  C   . LYS A 1 15  ? 14.787  -4.433  5.619   1.00 43.97 ? 1385 LYS A C   1 
ATOM   35   O  O   . LYS A 1 15  ? 13.852  -5.246  5.581   1.00 40.02 ? 1385 LYS A O   1 
ATOM   36   C  CB  . LYS A 1 15  ? 17.117  -5.372  5.395   1.00 55.18 ? 1385 LYS A CB  1 
ATOM   37   C  CG  . LYS A 1 15  ? 18.137  -5.950  4.429   1.00 61.10 ? 1385 LYS A CG  1 
ATOM   38   C  CD  . LYS A 1 15  ? 17.575  -7.166  3.708   1.00 68.86 ? 1385 LYS A CD  1 
ATOM   39   C  CE  . LYS A 1 15  ? 18.610  -7.807  2.796   1.00 73.23 ? 1385 LYS A CE  1 
ATOM   40   N  NZ  . LYS A 1 15  ? 18.940  -6.924  1.640   1.00 74.79 ? 1385 LYS A NZ  1 
ATOM   41   N  N   . GLN A 1 16  ? 14.810  -3.386  6.442   1.00 38.50 ? 1386 GLN A N   1 
ATOM   42   C  CA  . GLN A 1 16  ? 13.641  -3.005  7.233   1.00 38.57 ? 1386 GLN A CA  1 
ATOM   43   C  C   . GLN A 1 16  ? 12.447  -2.693  6.331   1.00 35.50 ? 1386 GLN A C   1 
ATOM   44   O  O   . GLN A 1 16  ? 11.313  -3.127  6.598   1.00 31.10 ? 1386 GLN A O   1 
ATOM   45   C  CB  . GLN A 1 16  ? 13.909  -1.784  8.102   1.00 42.51 ? 1386 GLN A CB  1 
ATOM   46   C  CG  . GLN A 1 16  ? 14.582  -2.079  9.439   1.00 48.09 ? 1386 GLN A CG  1 
ATOM   47   C  CD  . GLN A 1 16  ? 14.709  -0.839  10.308  1.00 48.85 ? 1386 GLN A CD  1 
ATOM   48   O  OE1 . GLN A 1 16  ? 14.588  0.286   9.831   1.00 53.57 ? 1386 GLN A OE1 1 
ATOM   49   N  NE2 . GLN A 1 16  ? 14.950  -1.042  11.592  1.00 55.10 ? 1386 GLN A NE2 1 
ATOM   50   N  N   . MET A 1 17  ? 12.684  -1.920  5.274   1.00 31.58 ? 1387 MET A N   1 
ATOM   51   C  CA  . MET A 1 17  ? 11.584  -1.556  4.374   1.00 29.52 ? 1387 MET A CA  1 
ATOM   52   C  C   . MET A 1 17  ? 10.999  -2.753  3.633   1.00 29.67 ? 1387 MET A C   1 
ATOM   53   O  O   . MET A 1 17  ? 9.772   -2.875  3.485   1.00 28.04 ? 1387 MET A O   1 
ATOM   54   C  CB  . MET A 1 17  ? 12.060  -0.497  3.369   1.00 29.11 ? 1387 MET A CB  1 
ATOM   55   C  CG  . MET A 1 17  ? 12.201  0.832   4.038   1.00 29.14 ? 1387 MET A CG  1 
ATOM   56   S  SD  . MET A 1 17  ? 12.707  2.076   2.831   1.00 35.50 ? 1387 MET A SD  1 
ATOM   57   C  CE  . MET A 1 17  ? 12.884  3.490   3.891   1.00 35.98 ? 1387 MET A CE  1 
ATOM   58   N  N   . ASN A 1 18  ? 11.854  -3.637  3.155   1.00 30.25 ? 1388 ASN A N   1 
ATOM   59   C  CA  . ASN A 1 18  ? 11.372  -4.829  2.477   1.00 33.52 ? 1388 ASN A CA  1 
ATOM   60   C  C   . ASN A 1 18  ? 10.603  -5.748  3.453   1.00 32.39 ? 1388 ASN A C   1 
ATOM   61   O  O   . ASN A 1 18  ? 9.566   -6.312  3.090   1.00 30.55 ? 1388 ASN A O   1 
ATOM   62   C  CB  . ASN A 1 18  ? 12.504  -5.561  1.750   1.00 36.38 ? 1388 ASN A CB  1 
ATOM   63   C  CG  . ASN A 1 18  ? 12.889  -4.902  0.412   1.00 37.82 ? 1388 ASN A CG  1 
ATOM   64   O  OD1 . ASN A 1 18  ? 14.060  -4.743  0.112   1.00 42.65 ? 1388 ASN A OD1 1 
ATOM   65   N  ND2 . ASN A 1 18  ? 11.897  -4.565  -0.416  1.00 40.43 ? 1388 ASN A ND2 1 
ATOM   66   N  N   . ALA A 1 19  ? 11.078  -5.856  4.690   1.00 33.22 ? 1389 ALA A N   1 
ATOM   67   C  CA  . ALA A 1 19  ? 10.384  -6.681  5.690   1.00 33.70 ? 1389 ALA A CA  1 
ATOM   68   C  C   . ALA A 1 19  ? 8.993   -6.131  5.981   1.00 31.48 ? 1389 ALA A C   1 
ATOM   69   O  O   . ALA A 1 19  ? 8.033   -6.877  6.090   1.00 32.21 ? 1389 ALA A O   1 
ATOM   70   C  CB  . ALA A 1 19  ? 11.183  -6.745  6.983   1.00 32.66 ? 1389 ALA A CB  1 
ATOM   71   N  N   . ILE A 1 20  ? 8.896   -4.816  6.133   1.00 29.67 ? 1390 ILE A N   1 
ATOM   72   C  CA  . ILE A 1 20  ? 7.647   -4.157  6.411   1.00 27.58 ? 1390 ILE A CA  1 
ATOM   73   C  C   . ILE A 1 20  ? 6.683   -4.302  5.233   1.00 29.19 ? 1390 ILE A C   1 
ATOM   74   O  O   . ILE A 1 20  ? 5.527   -4.683  5.403   1.00 27.61 ? 1390 ILE A O   1 
ATOM   75   C  CB  . ILE A 1 20  ? 7.867   -2.677  6.761   1.00 28.78 ? 1390 ILE A CB  1 
ATOM   76   C  CG1 . ILE A 1 20  ? 8.587   -2.527  8.133   1.00 29.09 ? 1390 ILE A CG1 1 
ATOM   77   C  CG2 . ILE A 1 20  ? 6.571   -1.912  6.732   1.00 29.27 ? 1390 ILE A CG2 1 
ATOM   78   C  CD1 . ILE A 1 20  ? 9.190   -1.143  8.333   1.00 29.24 ? 1390 ILE A CD1 1 
ATOM   79   N  N   . ILE A 1 21  ? 7.132   -3.987  4.027   1.00 26.56 ? 1391 ILE A N   1 
ATOM   80   C  CA  . ILE A 1 21  ? 6.240   -4.096  2.910   1.00 27.70 ? 1391 ILE A CA  1 
ATOM   81   C  C   . ILE A 1 21  ? 5.830   -5.533  2.618   1.00 26.85 ? 1391 ILE A C   1 
ATOM   82   O  O   . ILE A 1 21  ? 4.683   -5.802  2.255   1.00 25.76 ? 1391 ILE A O   1 
ATOM   83   C  CB  . ILE A 1 21  ? 6.835   -3.412  1.651   1.00 31.57 ? 1391 ILE A CB  1 
ATOM   84   C  CG1 . ILE A 1 21  ? 5.711   -2.999  0.717   1.00 34.90 ? 1391 ILE A CG1 1 
ATOM   85   C  CG2 . ILE A 1 21  ? 7.858   -4.287  0.955   1.00 34.34 ? 1391 ILE A CG2 1 
ATOM   86   C  CD1 . ILE A 1 21  ? 4.957   -1.785  1.239   1.00 37.93 ? 1391 ILE A CD1 1 
ATOM   87   N  N   . ASP A 1 22  ? 6.753   -6.464  2.774   1.00 27.35 ? 1392 ASP A N   1 
ATOM   88   C  CA  . ASP A 1 22  ? 6.412   -7.880  2.630   1.00 29.28 ? 1392 ASP A CA  1 
ATOM   89   C  C   . ASP A 1 22  ? 5.322   -8.294  3.652   1.00 28.01 ? 1392 ASP A C   1 
ATOM   90   O  O   . ASP A 1 22  ? 4.428   -9.067  3.299   1.00 28.01 ? 1392 ASP A O   1 
ATOM   91   C  CB  . ASP A 1 22  ? 7.648   -8.761  2.788   1.00 32.49 ? 1392 ASP A CB  1 
ATOM   92   C  CG  . ASP A 1 22  ? 8.563   -8.724  1.572   1.00 36.15 ? 1392 ASP A CG  1 
ATOM   93   O  OD1 . ASP A 1 22  ? 8.213   -8.094  0.545   1.00 37.06 ? 1392 ASP A OD1 1 
ATOM   94   O  OD2 . ASP A 1 22  ? 9.648   -9.352  1.648   1.00 40.44 ? 1392 ASP A OD2 1 
ATOM   95   N  N   . THR A 1 23  ? 5.406   -7.791  4.883   1.00 28.33 ? 1393 THR A N   1 
ATOM   96   C  CA  . THR A 1 23  ? 4.392   -8.080  5.919   1.00 28.36 ? 1393 THR A CA  1 
ATOM   97   C  C   . THR A 1 23  ? 3.020   -7.601  5.482   1.00 28.70 ? 1393 THR A C   1 
ATOM   98   O  O   . THR A 1 23  ? 2.004   -8.324  5.596   1.00 28.93 ? 1393 THR A O   1 
ATOM   99   C  CB  . THR A 1 23  ? 4.750   -7.441  7.280   1.00 32.06 ? 1393 THR A CB  1 
ATOM   100  O  OG1 . THR A 1 23  ? 5.997   -7.977  7.732   1.00 33.33 ? 1393 THR A OG1 1 
ATOM   101  C  CG2 . THR A 1 23  ? 3.652   -7.702  8.349   1.00 34.05 ? 1393 THR A CG2 1 
ATOM   102  N  N   . VAL A 1 24  ? 2.983   -6.382  4.942   1.00 25.33 ? 1394 VAL A N   1 
ATOM   103  C  CA  . VAL A 1 24  ? 1.739   -5.801  4.460   1.00 24.57 ? 1394 VAL A CA  1 
ATOM   104  C  C   . VAL A 1 24  ? 1.181   -6.622  3.294   1.00 24.39 ? 1394 VAL A C   1 
ATOM   105  O  O   . VAL A 1 24  ? -0.005  -6.906  3.226   1.00 24.27 ? 1394 VAL A O   1 
ATOM   106  C  CB  . VAL A 1 24  ? 1.947   -4.314  4.058   1.00 26.26 ? 1394 VAL A CB  1 
ATOM   107  C  CG1 . VAL A 1 24  ? 0.694   -3.726  3.424   1.00 26.38 ? 1394 VAL A CG1 1 
ATOM   108  C  CG2 . VAL A 1 24  ? 2.325   -3.497  5.264   1.00 26.88 ? 1394 VAL A CG2 1 
ATOM   109  N  N   . ILE A 1 25  ? 2.020   -6.935  2.316   1.00 24.29 ? 1395 ILE A N   1 
ATOM   110  C  CA  . ILE A 1 25  ? 1.558   -7.618  1.129   1.00 24.16 ? 1395 ILE A CA  1 
ATOM   111  C  C   . ILE A 1 25  ? 1.070   -9.049  1.445   1.00 25.67 ? 1395 ILE A C   1 
ATOM   112  O  O   . ILE A 1 25  ? 0.074   -9.503  0.899   1.00 26.33 ? 1395 ILE A O   1 
ATOM   113  C  CB  . ILE A 1 25  ? 2.642   -7.627  0.047   1.00 26.71 ? 1395 ILE A CB  1 
ATOM   114  C  CG1 . ILE A 1 25  ? 2.795   -6.189  -0.506  1.00 28.27 ? 1395 ILE A CG1 1 
ATOM   115  C  CG2 . ILE A 1 25  ? 2.271   -8.592  -1.061  1.00 26.26 ? 1395 ILE A CG2 1 
ATOM   116  C  CD1 . ILE A 1 25  ? 3.880   -6.053  -1.546  1.00 30.36 ? 1395 ILE A CD1 1 
ATOM   117  N  N   . ASN A 1 26  ? 1.785   -9.727  2.343   1.00 23.28 ? 1396 ASN A N   1 
ATOM   118  C  CA  . ASN A 1 26  ? 1.471   -11.137 2.604   1.00 26.21 ? 1396 ASN A CA  1 
ATOM   119  C  C   . ASN A 1 26  ? 0.351   -11.315 3.583   1.00 25.85 ? 1396 ASN A C   1 
ATOM   120  O  O   . ASN A 1 26  ? -0.155  -12.432 3.681   1.00 27.55 ? 1396 ASN A O   1 
ATOM   121  C  CB  . ASN A 1 26  ? 2.705   -11.852 3.115   1.00 28.79 ? 1396 ASN A CB  1 
ATOM   122  C  CG  . ASN A 1 26  ? 3.786   -11.937 2.064   1.00 30.00 ? 1396 ASN A CG  1 
ATOM   123  O  OD1 . ASN A 1 26  ? 3.505   -11.968 0.854   1.00 32.77 ? 1396 ASN A OD1 1 
ATOM   124  N  ND2 . ASN A 1 26  ? 5.031   -12.036 2.515   1.00 33.34 ? 1396 ASN A ND2 1 
ATOM   125  N  N   . TYR A 1 27  ? -0.038  -10.245 4.272   1.00 25.12 ? 1397 TYR A N   1 
ATOM   126  C  CA  . TYR A 1 27  ? -1.069  -10.308 5.300   1.00 24.19 ? 1397 TYR A CA  1 
ATOM   127  C  C   . TYR A 1 27  ? -2.371  -10.943 4.799   1.00 24.10 ? 1397 TYR A C   1 
ATOM   128  O  O   . TYR A 1 27  ? -2.957  -10.541 3.790   1.00 23.59 ? 1397 TYR A O   1 
ATOM   129  C  CB  . TYR A 1 27  ? -1.371  -8.929  5.894   1.00 24.90 ? 1397 TYR A CB  1 
ATOM   130  C  CG  . TYR A 1 27  ? -2.526  -8.922  6.904   1.00 23.92 ? 1397 TYR A CG  1 
ATOM   131  C  CD1 . TYR A 1 27  ? -2.303  -9.297  8.230   1.00 27.86 ? 1397 TYR A CD1 1 
ATOM   132  C  CD2 . TYR A 1 27  ? -3.810  -8.586  6.513   1.00 24.81 ? 1397 TYR A CD2 1 
ATOM   133  C  CE1 . TYR A 1 27  ? -3.350  -9.308  9.135   1.00 29.33 ? 1397 TYR A CE1 1 
ATOM   134  C  CE2 . TYR A 1 27  ? -4.860  -8.587  7.407   1.00 26.93 ? 1397 TYR A CE2 1 
ATOM   135  C  CZ  . TYR A 1 27  ? -4.616  -8.969  8.714   1.00 29.60 ? 1397 TYR A CZ  1 
ATOM   136  O  OH  . TYR A 1 27  ? -5.670  -8.960  9.614   1.00 33.90 ? 1397 TYR A OH  1 
ATOM   137  N  N   . LYS A 1 28  ? -2.867  -11.899 5.588   1.00 25.39 ? 1398 LYS A N   1 
ATOM   138  C  CA  . LYS A 1 28  ? -4.156  -12.514 5.368   1.00 24.30 ? 1398 LYS A CA  1 
ATOM   139  C  C   . LYS A 1 28  ? -5.036  -12.316 6.591   1.00 24.23 ? 1398 LYS A C   1 
ATOM   140  O  O   . LYS A 1 28  ? -4.557  -12.432 7.738   1.00 26.23 ? 1398 LYS A O   1 
ATOM   141  C  CB  . LYS A 1 28  ? -3.986  -14.016 5.142   1.00 24.49 ? 1398 LYS A CB  1 
ATOM   142  C  CG  . LYS A 1 28  ? -3.492  -14.374 3.756   1.00 25.35 ? 1398 LYS A CG  1 
ATOM   143  C  CD  . LYS A 1 28  ? -3.239  -15.851 3.563   1.00 27.47 ? 1398 LYS A CD  1 
ATOM   144  C  CE  . LYS A 1 28  ? -2.749  -16.135 2.140   1.00 29.47 ? 1398 LYS A CE  1 
ATOM   145  N  NZ  . LYS A 1 28  ? -2.731  -17.596 1.798   1.00 31.14 ? 1398 LYS A NZ  1 
ATOM   146  N  N   . ASP A 1 29  ? -6.293  -11.992 6.347   1.00 23.67 ? 1399 ASP A N   1 
ATOM   147  C  CA  . ASP A 1 29  ? -7.251  -11.817 7.444   1.00 25.01 ? 1399 ASP A CA  1 
ATOM   148  C  C   . ASP A 1 29  ? -7.619  -13.198 8.008   1.00 25.50 ? 1399 ASP A C   1 
ATOM   149  O  O   . ASP A 1 29  ? -7.133  -14.240 7.538   1.00 23.47 ? 1399 ASP A O   1 
ATOM   150  C  CB  . ASP A 1 29  ? -8.470  -10.936 7.070   1.00 26.52 ? 1399 ASP A CB  1 
ATOM   151  C  CG  . ASP A 1 29  ? -9.404  -11.540 6.061   1.00 26.02 ? 1399 ASP A CG  1 
ATOM   152  O  OD1 . ASP A 1 29  ? -9.387  -12.767 5.750   1.00 26.27 ? 1399 ASP A OD1 1 
ATOM   153  O  OD2 . ASP A 1 29  ? -10.245 -10.761 5.550   1.00 29.29 ? 1399 ASP A OD2 1 
ATOM   154  N  N   . SER A 1 30  ? -8.500  -13.205 8.993   1.00 28.34 ? 1400 SER A N   1 
ATOM   155  C  CA  . SER A 1 30  ? -8.866  -14.475 9.645   1.00 27.52 ? 1400 SER A CA  1 
ATOM   156  C  C   . SER A 1 30  ? -9.660  -15.412 8.749   1.00 27.18 ? 1400 SER A C   1 
ATOM   157  O  O   . SER A 1 30  ? -9.795  -16.607 9.102   1.00 27.60 ? 1400 SER A O   1 
ATOM   158  C  CB  . SER A 1 30  ? -9.632  -14.158 10.937  1.00 28.88 ? 1400 SER A CB  1 
ATOM   159  O  OG  . SER A 1 30  ? -10.845 -13.538 10.657  1.00 30.81 ? 1400 SER A OG  1 
ATOM   160  N  N   . SER A 1 31  ? -10.214 -14.918 7.621   1.00 25.71 ? 1401 SER A N   1 
ATOM   161  C  CA  . SER A 1 31  ? -10.837 -15.774 6.610   1.00 25.69 ? 1401 SER A CA  1 
ATOM   162  C  C   . SER A 1 31  ? -9.879  -16.258 5.544   1.00 25.40 ? 1401 SER A C   1 
ATOM   163  O  O   . SER A 1 31  ? -10.264 -16.948 4.623   1.00 25.27 ? 1401 SER A O   1 
ATOM   164  C  CB  . SER A 1 31  ? -11.987 -15.041 5.956   1.00 31.68 ? 1401 SER A CB  1 
ATOM   165  O  OG  . SER A 1 31  ? -12.853 -14.487 6.947   1.00 37.86 ? 1401 SER A OG  1 
ATOM   166  N  N   . GLY A 1 32  ? -8.609  -15.871 5.635   1.00 24.18 ? 1402 GLY A N   1 
ATOM   167  C  CA  . GLY A 1 32  ? -7.601  -16.314 4.674   1.00 23.51 ? 1402 GLY A CA  1 
ATOM   168  C  C   . GLY A 1 32  ? -7.398  -15.413 3.468   1.00 26.13 ? 1402 GLY A C   1 
ATOM   169  O  O   . GLY A 1 32  ? -6.652  -15.767 2.545   1.00 25.48 ? 1402 GLY A O   1 
ATOM   170  N  N   . ARG A 1 33  ? -8.096  -14.281 3.455   1.00 22.68 ? 1403 ARG A N   1 
ATOM   171  C  CA  . ARG A 1 33  ? -8.031  -13.398 2.272   1.00 23.01 ? 1403 ARG A CA  1 
ATOM   172  C  C   . ARG A 1 33  ? -6.825  -12.467 2.349   1.00 22.21 ? 1403 ARG A C   1 
ATOM   173  O  O   . ARG A 1 33  ? -6.602  -11.782 3.362   1.00 22.66 ? 1403 ARG A O   1 
ATOM   174  C  CB  . ARG A 1 33  ? -9.321  -12.597 2.122   1.00 23.06 ? 1403 ARG A CB  1 
ATOM   175  C  CG  . ARG A 1 33  ? -9.450  -11.951 0.761   1.00 26.30 ? 1403 ARG A CG  1 
ATOM   176  C  CD  . ARG A 1 33  ? -10.866 -11.498 0.452   1.00 26.60 ? 1403 ARG A CD  1 
ATOM   177  N  NE  . ARG A 1 33  ? -11.363 -10.620 1.496   1.00 27.51 ? 1403 ARG A NE  1 
ATOM   178  C  CZ  . ARG A 1 33  ? -11.177 -9.294  1.508   1.00 25.44 ? 1403 ARG A CZ  1 
ATOM   179  N  NH1 . ARG A 1 33  ? -10.457 -8.718  0.542   1.00 26.10 ? 1403 ARG A NH1 1 
ATOM   180  N  NH2 . ARG A 1 33  ? -11.663 -8.573  2.535   1.00 26.89 ? 1403 ARG A NH2 1 
ATOM   181  N  N   . GLN A 1 34  ? -6.059  -12.443 1.246   1.00 22.00 ? 1404 GLN A N   1 
ATOM   182  C  CA  . GLN A 1 34  ? -4.859  -11.605 1.193   1.00 23.21 ? 1404 GLN A CA  1 
ATOM   183  C  C   . GLN A 1 34  ? -5.296  -10.202 0.767   1.00 21.50 ? 1404 GLN A C   1 
ATOM   184  O  O   . GLN A 1 34  ? -5.588  -9.967  -0.391  1.00 22.44 ? 1404 GLN A O   1 
ATOM   185  C  CB  . GLN A 1 34  ? -3.814  -12.171 0.247   1.00 25.55 ? 1404 GLN A CB  1 
ATOM   186  C  CG  . GLN A 1 34  ? -2.555  -11.306 0.238   1.00 28.67 ? 1404 GLN A CG  1 
ATOM   187  C  CD  . GLN A 1 34  ? -1.655  -11.606 -0.929  1.00 40.20 ? 1404 GLN A CD  1 
ATOM   188  O  OE1 . GLN A 1 34  ? -1.072  -12.670 -0.974  1.00 41.93 ? 1404 GLN A OE1 1 
ATOM   189  N  NE2 . GLN A 1 34  ? -1.524  -10.652 -1.879  1.00 44.97 ? 1404 GLN A NE2 1 
ATOM   190  N  N   . LEU A 1 35  ? -5.371  -9.297  1.741   1.00 21.00 ? 1405 LEU A N   1 
ATOM   191  C  CA  . LEU A 1 35  ? -6.045  -8.016  1.498   1.00 20.54 ? 1405 LEU A CA  1 
ATOM   192  C  C   . LEU A 1 35  ? -5.348  -7.133  0.461   1.00 20.32 ? 1405 LEU A C   1 
ATOM   193  O  O   . LEU A 1 35  ? -6.012  -6.348  -0.217  1.00 20.58 ? 1405 LEU A O   1 
ATOM   194  C  CB  . LEU A 1 35  ? -6.180  -7.238  2.782   1.00 21.24 ? 1405 LEU A CB  1 
ATOM   195  C  CG  . LEU A 1 35  ? -6.929  -7.940  3.933   1.00 23.41 ? 1405 LEU A CG  1 
ATOM   196  C  CD1 . LEU A 1 35  ? -7.122  -6.937  5.070   1.00 23.71 ? 1405 LEU A CD1 1 
ATOM   197  C  CD2 . LEU A 1 35  ? -8.252  -8.468  3.460   1.00 24.05 ? 1405 LEU A CD2 1 
ATOM   198  N  N   . SER A 1 36  ? -4.065  -7.308  0.344   1.00 20.33 ? 1406 SER A N   1 
ATOM   199  C  CA  . SER A 1 36  ? -3.260  -6.522  -0.621  1.00 20.06 ? 1406 SER A CA  1 
ATOM   200  C  C   . SER A 1 36  ? -3.560  -6.795  -2.080  1.00 21.09 ? 1406 SER A C   1 
ATOM   201  O  O   . SER A 1 36  ? -3.113  -6.026  -2.963  1.00 18.71 ? 1406 SER A O   1 
ATOM   202  C  CB  . SER A 1 36  ? -1.774  -6.767  -0.365  1.00 21.21 ? 1406 SER A CB  1 
ATOM   203  O  OG  . SER A 1 36  ? -1.424  -8.073  -0.758  1.00 21.86 ? 1406 SER A OG  1 
ATOM   204  N  N   . GLU A 1 37  ? -4.227  -7.911  -2.396  1.00 19.58 ? 1407 GLU A N   1 
ATOM   205  C  CA  . GLU A 1 37  ? -4.256  -8.432  -3.768  1.00 22.60 ? 1407 GLU A CA  1 
ATOM   206  C  C   . GLU A 1 37  ? -4.661  -7.363  -4.806  1.00 21.06 ? 1407 GLU A C   1 
ATOM   207  O  O   . GLU A 1 37  ? -3.933  -7.189  -5.820  1.00 22.89 ? 1407 GLU A O   1 
ATOM   208  C  CB  . GLU A 1 37  ? -5.156  -9.667  -3.870  1.00 26.04 ? 1407 GLU A CB  1 
ATOM   209  C  CG  . GLU A 1 37  ? -5.245  -10.225 -5.292  1.00 32.23 ? 1407 GLU A CG  1 
ATOM   210  C  CD  . GLU A 1 37  ? -5.825  -11.646 -5.340  1.00 42.74 ? 1407 GLU A CD  1 
ATOM   211  O  OE1 . GLU A 1 37  ? -6.176  -12.212 -4.270  1.00 48.18 ? 1407 GLU A OE1 1 
ATOM   212  O  OE2 . GLU A 1 37  ? -5.931  -12.187 -6.471  1.00 51.89 ? 1407 GLU A OE2 1 
ATOM   213  N  N   . VAL A 1 38  ? -5.762  -6.645  -4.576  1.00 19.83 ? 1408 VAL A N   1 
ATOM   214  C  CA  . VAL A 1 38  ? -6.292  -5.714  -5.532  1.00 19.58 ? 1408 VAL A CA  1 
ATOM   215  C  C   . VAL A 1 38  ? -5.400  -4.466  -5.652  1.00 17.72 ? 1408 VAL A C   1 
ATOM   216  O  O   . VAL A 1 38  ? -5.543  -3.724  -6.612  1.00 20.11 ? 1408 VAL A O   1 
ATOM   217  C  CB  . VAL A 1 38  ? -7.738  -5.311  -5.192  1.00 22.76 ? 1408 VAL A CB  1 
ATOM   218  C  CG1 . VAL A 1 38  ? -7.804  -4.404  -3.980  1.00 23.28 ? 1408 VAL A CG1 1 
ATOM   219  C  CG2 . VAL A 1 38  ? -8.420  -4.661  -6.361  1.00 25.68 ? 1408 VAL A CG2 1 
ATOM   220  N  N   . PHE A 1 39  ? -4.540  -4.257  -4.659  1.00 18.42 ? 1409 PHE A N   1 
ATOM   221  C  CA  . PHE A 1 39  ? -3.726  -3.030  -4.573  1.00 18.39 ? 1409 PHE A CA  1 
ATOM   222  C  C   . PHE A 1 39  ? -2.339  -3.165  -5.172  1.00 19.64 ? 1409 PHE A C   1 
ATOM   223  O  O   . PHE A 1 39  ? -1.577  -2.166  -5.202  1.00 20.28 ? 1409 PHE A O   1 
ATOM   224  C  CB  . PHE A 1 39  ? -3.566  -2.587  -3.120  1.00 18.08 ? 1409 PHE A CB  1 
ATOM   225  C  CG  . PHE A 1 39  ? -4.889  -2.301  -2.429  1.00 19.88 ? 1409 PHE A CG  1 
ATOM   226  C  CD1 . PHE A 1 39  ? -5.683  -1.240  -2.831  1.00 20.38 ? 1409 PHE A CD1 1 
ATOM   227  C  CD2 . PHE A 1 39  ? -5.381  -3.177  -1.455  1.00 19.51 ? 1409 PHE A CD2 1 
ATOM   228  C  CE1 . PHE A 1 39  ? -6.915  -0.973  -2.205  1.00 20.77 ? 1409 PHE A CE1 1 
ATOM   229  C  CE2 . PHE A 1 39  ? -6.606  -2.926  -0.834  1.00 20.98 ? 1409 PHE A CE2 1 
ATOM   230  C  CZ  . PHE A 1 39  ? -7.377  -1.836  -1.230  1.00 20.42 ? 1409 PHE A CZ  1 
ATOM   231  N  N   . ILE A 1 40  ? -1.989  -4.355  -5.652  1.00 19.29 ? 1410 ILE A N   1 
ATOM   232  C  CA  . ILE A 1 40  ? -0.659  -4.592  -6.182  1.00 21.14 ? 1410 ILE A CA  1 
ATOM   233  C  C   . ILE A 1 40  ? -0.436  -3.806  -7.472  1.00 20.64 ? 1410 ILE A C   1 
ATOM   234  O  O   . ILE A 1 40  ? 0.589   -3.155  -7.614  1.00 21.60 ? 1410 ILE A O   1 
ATOM   235  C  CB  . ILE A 1 40  ? -0.363  -6.075  -6.421  1.00 22.71 ? 1410 ILE A CB  1 
ATOM   236  C  CG1 . ILE A 1 40  ? -0.533  -6.914  -5.152  1.00 24.70 ? 1410 ILE A CG1 1 
ATOM   237  C  CG2 . ILE A 1 40  ? 1.066   -6.241  -6.973  1.00 24.62 ? 1410 ILE A CG2 1 
ATOM   238  C  CD1 . ILE A 1 40  ? 0.276   -6.490  -3.966  1.00 24.84 ? 1410 ILE A CD1 1 
ATOM   239  N  N   . GLN A 1 41  ? -1.398  -3.874  -8.383  1.00 20.43 ? 1411 GLN A N   1 
ATOM   240  C  CA  . GLN A 1 41  ? -1.291  -3.195  -9.645  1.00 21.63 ? 1411 GLN A CA  1 
ATOM   241  C  C   . GLN A 1 41  ? -2.558  -2.463  -10.000 1.00 21.71 ? 1411 GLN A C   1 
ATOM   242  O  O   . GLN A 1 41  ? -3.622  -3.072  -10.164 1.00 22.63 ? 1411 GLN A O   1 
ATOM   243  C  CB  . GLN A 1 41  ? -0.940  -4.178  -10.771 1.00 25.50 ? 1411 GLN A CB  1 
ATOM   244  C  CG  . GLN A 1 41  ? -0.478  -3.466  -12.031 1.00 30.09 ? 1411 GLN A CG  1 
ATOM   245  C  CD  . GLN A 1 41  ? 0.188   -4.400  -13.051 1.00 38.00 ? 1411 GLN A CD  1 
ATOM   246  O  OE1 . GLN A 1 41  ? 0.869   -5.373  -12.690 1.00 40.56 ? 1411 GLN A OE1 1 
ATOM   247  N  NE2 . GLN A 1 41  ? -0.003  -4.087  -14.340 1.00 40.36 ? 1411 GLN A NE2 1 
ATOM   248  N  N   . LEU A 1 42  ? -2.468  -1.140  -10.142 1.00 20.01 ? 1412 LEU A N   1 
ATOM   249  C  CA  . LEU A 1 42  ? -3.597  -0.375  -10.609 1.00 20.23 ? 1412 LEU A CA  1 
ATOM   250  C  C   . LEU A 1 42  ? -4.087  -0.840  -11.955 1.00 23.20 ? 1412 LEU A C   1 
ATOM   251  O  O   . LEU A 1 42  ? -3.258  -1.249  -12.758 1.00 25.09 ? 1412 LEU A O   1 
ATOM   252  C  CB  . LEU A 1 42  ? -3.226  1.104   -10.746 1.00 22.09 ? 1412 LEU A CB  1 
ATOM   253  C  CG  . LEU A 1 42  ? -3.277  1.885   -9.444  1.00 23.81 ? 1412 LEU A CG  1 
ATOM   254  C  CD1 . LEU A 1 42  ? -2.384  3.126   -9.556  1.00 26.49 ? 1412 LEU A CD1 1 
ATOM   255  C  CD2 . LEU A 1 42  ? -4.739  2.178   -9.100  1.00 23.98 ? 1412 LEU A CD2 1 
ATOM   256  N  N   . PRO A 1 43  ? -5.400  -0.720  -12.211 1.00 23.10 ? 1413 PRO A N   1 
ATOM   257  C  CA  . PRO A 1 43  ? -5.839  -0.844  -13.628 1.00 26.42 ? 1413 PRO A CA  1 
ATOM   258  C  C   . PRO A 1 43  ? -5.159  0.175   -14.512 1.00 27.67 ? 1413 PRO A C   1 
ATOM   259  O  O   . PRO A 1 43  ? -4.773  1.257   -14.047 1.00 25.52 ? 1413 PRO A O   1 
ATOM   260  C  CB  . PRO A 1 43  ? -7.349  -0.561  -13.580 1.00 26.78 ? 1413 PRO A CB  1 
ATOM   261  C  CG  . PRO A 1 43  ? -7.744  -0.624  -12.134 1.00 28.78 ? 1413 PRO A CG  1 
ATOM   262  C  CD  . PRO A 1 43  ? -6.499  -0.301  -11.331 1.00 25.19 ? 1413 PRO A CD  1 
ATOM   263  N  N   . SER A 1 44  ? -5.050  -0.133  -15.796 1.00 28.35 ? 1414 SER A N   1 
ATOM   264  C  CA  . SER A 1 44  ? -4.535  0.844   -16.743 1.00 29.49 ? 1414 SER A CA  1 
ATOM   265  C  C   . SER A 1 44  ? -5.448  2.048   -16.935 1.00 27.39 ? 1414 SER A C   1 
ATOM   266  O  O   . SER A 1 44  ? -6.625  2.020   -16.663 1.00 27.35 ? 1414 SER A O   1 
ATOM   267  C  CB  . SER A 1 44  ? -4.270  0.172   -18.100 1.00 28.85 ? 1414 SER A CB  1 
ATOM   268  O  OG  . SER A 1 44  ? -5.470  -0.063  -18.786 1.00 29.13 ? 1414 SER A OG  1 
ATOM   269  N  N   . ARG A 1 45  ? -4.887  3.097   -17.517 1.00 30.38 ? 1415 ARG A N   1 
ATOM   270  C  CA  . ARG A 1 45  ? -5.675  4.247   -17.924 1.00 33.32 ? 1415 ARG A CA  1 
ATOM   271  C  C   . ARG A 1 45  ? -6.807  3.895   -18.907 1.00 32.42 ? 1415 ARG A C   1 
ATOM   272  O  O   . ARG A 1 45  ? -7.892  4.440   -18.823 1.00 33.55 ? 1415 ARG A O   1 
ATOM   273  C  CB  . ARG A 1 45  ? -4.748  5.331   -18.481 1.00 37.78 ? 1415 ARG A CB  1 
ATOM   274  C  CG  . ARG A 1 45  ? -3.793  5.887   -17.426 1.00 42.06 ? 1415 ARG A CG  1 
ATOM   275  C  CD  . ARG A 1 45  ? -2.634  6.711   -17.994 1.00 47.81 ? 1415 ARG A CD  1 
ATOM   276  N  NE  . ARG A 1 45  ? -1.805  7.225   -16.905 1.00 48.96 ? 1415 ARG A NE  1 
ATOM   277  C  CZ  . ARG A 1 45  ? -2.048  8.339   -16.212 1.00 50.23 ? 1415 ARG A CZ  1 
ATOM   278  N  NH1 . ARG A 1 45  ? -3.079  9.131   -16.503 1.00 47.59 ? 1415 ARG A NH1 1 
ATOM   279  N  NH2 . ARG A 1 45  ? -1.235  8.671   -15.216 1.00 51.88 ? 1415 ARG A NH2 1 
ATOM   280  N  N   . LYS A 1 46  ? -6.565  2.943   -19.809 1.00 34.51 ? 1416 LYS A N   1 
ATOM   281  C  CA  . LYS A 1 46  ? -7.601  2.485   -20.726 1.00 35.29 ? 1416 LYS A CA  1 
ATOM   282  C  C   . LYS A 1 46  ? -8.654  1.620   -20.048 1.00 32.16 ? 1416 LYS A C   1 
ATOM   283  O  O   . LYS A 1 46  ? -9.834  1.677   -20.394 1.00 32.08 ? 1416 LYS A O   1 
ATOM   284  C  CB  . LYS A 1 46  ? -6.968  1.698   -21.873 1.00 41.63 ? 1416 LYS A CB  1 
ATOM   285  C  CG  . LYS A 1 46  ? -6.004  2.536   -22.703 1.00 48.91 ? 1416 LYS A CG  1 
ATOM   286  C  CD  . LYS A 1 46  ? -5.803  1.958   -24.099 1.00 55.67 ? 1416 LYS A CD  1 
ATOM   287  C  CE  . LYS A 1 46  ? -7.062  2.112   -24.949 1.00 60.45 ? 1416 LYS A CE  1 
ATOM   288  N  NZ  . LYS A 1 46  ? -6.765  2.254   -26.403 1.00 62.35 ? 1416 LYS A NZ  1 
ATOM   289  N  N   . GLU A 1 47  ? -8.244  0.830   -19.064 1.00 28.59 ? 1417 GLU A N   1 
ATOM   290  C  CA  . GLU A 1 47  ? -9.201  0.041   -18.299 1.00 28.06 ? 1417 GLU A CA  1 
ATOM   291  C  C   . GLU A 1 47  ? -10.115 0.818   -17.398 1.00 27.73 ? 1417 GLU A C   1 
ATOM   292  O  O   . GLU A 1 47  ? -11.258 0.400   -17.159 1.00 28.68 ? 1417 GLU A O   1 
ATOM   293  C  CB  . GLU A 1 47  ? -8.476  -0.996  -17.420 1.00 27.18 ? 1417 GLU A CB  1 
ATOM   294  C  CG  . GLU A 1 47  ? -7.854  -2.121  -18.218 1.00 29.85 ? 1417 GLU A CG  1 
ATOM   295  C  CD  . GLU A 1 47  ? -7.109  -3.124  -17.370 1.00 32.49 ? 1417 GLU A CD  1 
ATOM   296  O  OE1 . GLU A 1 47  ? -6.381  -2.716  -16.446 1.00 34.17 ? 1417 GLU A OE1 1 
ATOM   297  O  OE2 . GLU A 1 47  ? -7.212  -4.348  -17.664 1.00 35.40 ? 1417 GLU A OE2 1 
ATOM   298  N  N   . LEU A 1 48  ? -9.611  1.931   -16.844 1.00 28.41 ? 1418 LEU A N   1 
ATOM   299  C  CA  . LEU A 1 48  ? -10.347 2.631   -15.779 1.00 27.65 ? 1418 LEU A CA  1 
ATOM   300  C  C   . LEU A 1 48  ? -9.988  4.116   -15.811 1.00 30.95 ? 1418 LEU A C   1 
ATOM   301  O  O   . LEU A 1 48  ? -9.297  4.634   -14.907 1.00 29.53 ? 1418 LEU A O   1 
ATOM   302  C  CB  . LEU A 1 48  ? -10.016 2.034   -14.407 1.00 27.89 ? 1418 LEU A CB  1 
ATOM   303  C  CG  . LEU A 1 48  ? -11.034 2.383   -13.308 1.00 27.48 ? 1418 LEU A CG  1 
ATOM   304  C  CD1 . LEU A 1 48  ? -12.444 1.895   -13.573 1.00 29.73 ? 1418 LEU A CD1 1 
ATOM   305  C  CD2 . LEU A 1 48  ? -10.551 1.772   -12.005 1.00 26.96 ? 1418 LEU A CD2 1 
ATOM   306  N  N   . PRO A 1 49  ? -10.409 4.798   -16.882 1.00 30.38 ? 1419 PRO A N   1 
ATOM   307  C  CA  . PRO A 1 49  ? -9.972  6.183   -17.060 1.00 32.45 ? 1419 PRO A CA  1 
ATOM   308  C  C   . PRO A 1 49  ? -10.468 7.092   -15.926 1.00 30.89 ? 1419 PRO A C   1 
ATOM   309  O  O   . PRO A 1 49  ? -9.791  8.054   -15.567 1.00 32.10 ? 1419 PRO A O   1 
ATOM   310  C  CB  . PRO A 1 49  ? -10.597 6.580   -18.420 1.00 33.91 ? 1419 PRO A CB  1 
ATOM   311  C  CG  . PRO A 1 49  ? -11.632 5.532   -18.692 1.00 35.26 ? 1419 PRO A CG  1 
ATOM   312  C  CD  . PRO A 1 49  ? -11.094 4.285   -18.086 1.00 31.35 ? 1419 PRO A CD  1 
ATOM   313  N  N   . GLU A 1 50  ? -11.635 6.764   -15.392 1.00 32.37 ? 1420 GLU A N   1 
ATOM   314  C  CA  . GLU A 1 50  ? -12.226 7.499   -14.287 1.00 34.58 ? 1420 GLU A CA  1 
ATOM   315  C  C   . GLU A 1 50  ? -11.343 7.498   -13.044 1.00 30.55 ? 1420 GLU A C   1 
ATOM   316  O  O   . GLU A 1 50  ? -11.415 8.431   -12.252 1.00 30.90 ? 1420 GLU A O   1 
ATOM   317  C  CB  . GLU A 1 50  ? -13.626 6.987   -13.933 1.00 36.91 ? 1420 GLU A CB  1 
ATOM   318  C  CG  . GLU A 1 50  ? -13.733 5.510   -13.591 1.00 41.48 ? 1420 GLU A CG  1 
ATOM   319  C  CD  . GLU A 1 50  ? -14.287 4.677   -14.747 1.00 41.65 ? 1420 GLU A CD  1 
ATOM   320  O  OE1 . GLU A 1 50  ? -13.709 4.715   -15.868 1.00 39.42 ? 1420 GLU A OE1 1 
ATOM   321  O  OE2 . GLU A 1 50  ? -15.311 3.993   -14.522 1.00 46.96 ? 1420 GLU A OE2 1 
ATOM   322  N  N   . TYR A 1 51  ? -10.518 6.472   -12.852 1.00 26.85 ? 1421 TYR A N   1 
ATOM   323  C  CA  . TYR A 1 51  ? -9.594  6.479   -11.698 1.00 25.46 ? 1421 TYR A CA  1 
ATOM   324  C  C   . TYR A 1 51  ? -8.646  7.664   -11.806 1.00 27.32 ? 1421 TYR A C   1 
ATOM   325  O  O   . TYR A 1 51  ? -8.417  8.407   -10.821 1.00 25.32 ? 1421 TYR A O   1 
ATOM   326  C  CB  . TYR A 1 51  ? -8.779  5.183   -11.612 1.00 25.95 ? 1421 TYR A CB  1 
ATOM   327  C  CG  . TYR A 1 51  ? -8.024  5.068   -10.307 1.00 22.19 ? 1421 TYR A CG  1 
ATOM   328  C  CD1 . TYR A 1 51  ? -8.623  4.459   -9.201  1.00 21.17 ? 1421 TYR A CD1 1 
ATOM   329  C  CD2 . TYR A 1 51  ? -6.725  5.577   -10.161 1.00 22.40 ? 1421 TYR A CD2 1 
ATOM   330  C  CE1 . TYR A 1 51  ? -7.946  4.379   -7.982  1.00 21.05 ? 1421 TYR A CE1 1 
ATOM   331  C  CE2 . TYR A 1 51  ? -6.036  5.488   -8.951  1.00 22.08 ? 1421 TYR A CE2 1 
ATOM   332  C  CZ  . TYR A 1 51  ? -6.682  4.889   -7.853  1.00 20.94 ? 1421 TYR A CZ  1 
ATOM   333  O  OH  . TYR A 1 51  ? -6.002  4.825   -6.653  1.00 20.28 ? 1421 TYR A OH  1 
ATOM   334  N  N   . TYR A 1 52  ? -8.094  7.844   -13.009 1.00 26.00 ? 1422 TYR A N   1 
ATOM   335  C  CA  . TYR A 1 52  ? -7.028  8.789   -13.230 1.00 26.62 ? 1422 TYR A CA  1 
ATOM   336  C  C   . TYR A 1 52  ? -7.604  10.196  -13.397 1.00 29.53 ? 1422 TYR A C   1 
ATOM   337  O  O   . TYR A 1 52  ? -6.875  11.154  -13.196 1.00 32.05 ? 1422 TYR A O   1 
ATOM   338  C  CB  . TYR A 1 52  ? -6.187  8.383   -14.443 1.00 28.05 ? 1422 TYR A CB  1 
ATOM   339  C  CG  . TYR A 1 52  ? -5.483  7.070   -14.214 1.00 26.69 ? 1422 TYR A CG  1 
ATOM   340  C  CD1 . TYR A 1 52  ? -4.237  7.037   -13.644 1.00 26.93 ? 1422 TYR A CD1 1 
ATOM   341  C  CD2 . TYR A 1 52  ? -6.111  5.841   -14.530 1.00 25.59 ? 1422 TYR A CD2 1 
ATOM   342  C  CE1 . TYR A 1 52  ? -3.573  5.840   -13.407 1.00 30.07 ? 1422 TYR A CE1 1 
ATOM   343  C  CE2 . TYR A 1 52  ? -5.447  4.634   -14.310 1.00 27.75 ? 1422 TYR A CE2 1 
ATOM   344  C  CZ  . TYR A 1 52  ? -4.189  4.629   -13.757 1.00 26.76 ? 1422 TYR A CZ  1 
ATOM   345  O  OH  . TYR A 1 52  ? -3.519  3.461   -13.475 1.00 28.24 ? 1422 TYR A OH  1 
ATOM   346  N  N   . GLU A 1 53  ? -8.884  10.305  -13.748 1.00 33.10 ? 1423 GLU A N   1 
ATOM   347  C  CA  . GLU A 1 53  ? -9.569  11.597  -13.750 1.00 35.04 ? 1423 GLU A CA  1 
ATOM   348  C  C   . GLU A 1 53  ? -9.716  12.105  -12.309 1.00 35.76 ? 1423 GLU A C   1 
ATOM   349  O  O   . GLU A 1 53  ? -9.567  13.300  -12.067 1.00 34.95 ? 1423 GLU A O   1 
ATOM   350  C  CB  . GLU A 1 53  ? -10.929 11.491  -14.437 1.00 40.44 ? 1423 GLU A CB  1 
ATOM   351  C  CG  . GLU A 1 53  ? -10.820 11.221  -15.936 1.00 46.10 ? 1423 GLU A CG  1 
ATOM   352  C  CD  . GLU A 1 53  ? -12.114 10.743  -16.597 1.00 52.40 ? 1423 GLU A CD  1 
ATOM   353  O  OE1 . GLU A 1 53  ? -13.148 10.541  -15.907 1.00 57.11 ? 1423 GLU A OE1 1 
ATOM   354  O  OE2 . GLU A 1 53  ? -12.089 10.558  -17.837 1.00 56.08 ? 1423 GLU A OE2 1 
ATOM   355  N  N   . LEU A 1 54  ? -9.966  11.202  -11.355 1.00 31.20 ? 1424 LEU A N   1 
ATOM   356  C  CA  . LEU A 1 54  ? -10.180 11.586  -9.967  1.00 28.46 ? 1424 LEU A CA  1 
ATOM   357  C  C   . LEU A 1 54  ? -8.922  11.660  -9.100  1.00 29.66 ? 1424 LEU A C   1 
ATOM   358  O  O   . LEU A 1 54  ? -8.765  12.585  -8.235  1.00 30.32 ? 1424 LEU A O   1 
ATOM   359  C  CB  . LEU A 1 54  ? -11.145 10.604  -9.316  1.00 30.09 ? 1424 LEU A CB  1 
ATOM   360  C  CG  . LEU A 1 54  ? -11.547 10.931  -7.890  1.00 30.72 ? 1424 LEU A CG  1 
ATOM   361  C  CD1 . LEU A 1 54  ? -12.428 12.182  -7.882  1.00 33.71 ? 1424 LEU A CD1 1 
ATOM   362  C  CD2 . LEU A 1 54  ? -12.276 9.761   -7.273  1.00 32.08 ? 1424 LEU A CD2 1 
ATOM   363  N  N   . ILE A 1 55  ? -8.028  10.698  -9.274  1.00 25.05 ? 1425 ILE A N   1 
ATOM   364  C  CA  . ILE A 1 55  ? -6.909  10.512  -8.343  1.00 26.08 ? 1425 ILE A CA  1 
ATOM   365  C  C   . ILE A 1 55  ? -5.674  11.207  -8.889  1.00 29.69 ? 1425 ILE A C   1 
ATOM   366  O  O   . ILE A 1 55  ? -5.139  10.795  -9.919  1.00 31.29 ? 1425 ILE A O   1 
ATOM   367  C  CB  . ILE A 1 55  ? -6.633  9.000   -8.114  1.00 23.42 ? 1425 ILE A CB  1 
ATOM   368  C  CG1 . ILE A 1 55  ? -7.865  8.323   -7.520  1.00 23.61 ? 1425 ILE A CG1 1 
ATOM   369  C  CG2 . ILE A 1 55  ? -5.403  8.731   -7.274  1.00 22.71 ? 1425 ILE A CG2 1 
ATOM   370  C  CD1 . ILE A 1 55  ? -8.307  8.845   -6.139  1.00 25.77 ? 1425 ILE A CD1 1 
ATOM   371  N  N   . ARG A 1 56  ? -5.226  12.246  -8.169  1.00 33.46 ? 1426 ARG A N   1 
ATOM   372  C  CA  . ARG A 1 56  ? -4.106  13.093  -8.623  1.00 37.05 ? 1426 ARG A CA  1 
ATOM   373  C  C   . ARG A 1 56  ? -2.733  12.416  -8.623  1.00 31.17 ? 1426 ARG A C   1 
ATOM   374  O  O   . ARG A 1 56  ? -1.888  12.675  -9.494  1.00 31.00 ? 1426 ARG A O   1 
ATOM   375  C  CB  . ARG A 1 56  ? -4.025  14.352  -7.757  1.00 42.14 ? 1426 ARG A CB  1 
ATOM   376  C  CG  . ARG A 1 56  ? -5.241  15.253  -7.848  1.00 48.59 ? 1426 ARG A CG  1 
ATOM   377  C  CD  . ARG A 1 56  ? -4.962  16.589  -7.174  1.00 55.65 ? 1426 ARG A CD  1 
ATOM   378  N  NE  . ARG A 1 56  ? -6.182  17.212  -6.649  1.00 64.10 ? 1426 ARG A NE  1 
ATOM   379  C  CZ  . ARG A 1 56  ? -6.717  16.968  -5.449  1.00 72.40 ? 1426 ARG A CZ  1 
ATOM   380  N  NH1 . ARG A 1 56  ? -6.158  16.098  -4.603  1.00 73.43 ? 1426 ARG A NH1 1 
ATOM   381  N  NH2 . ARG A 1 56  ? -7.831  17.603  -5.086  1.00 78.03 ? 1426 ARG A NH2 1 
ATOM   382  N  N   . LYS A 1 57  ? -2.491  11.558  -7.632  1.00 28.34 ? 1427 LYS A N   1 
ATOM   383  C  CA  . LYS A 1 57  ? -1.192  10.953  -7.447  1.00 26.09 ? 1427 LYS A CA  1 
ATOM   384  C  C   . LYS A 1 57  ? -1.328  9.417   -7.271  1.00 25.89 ? 1427 LYS A C   1 
ATOM   385  O  O   . LYS A 1 57  ? -1.159  8.869   -6.164  1.00 25.27 ? 1427 LYS A O   1 
ATOM   386  C  CB  . LYS A 1 57  ? -0.496  11.505  -6.229  1.00 30.67 ? 1427 LYS A CB  1 
ATOM   387  C  CG  . LYS A 1 57  ? -0.218  12.999  -6.286  1.00 40.63 ? 1427 LYS A CG  1 
ATOM   388  C  CD  . LYS A 1 57  ? 0.771   13.374  -5.192  1.00 47.76 ? 1427 LYS A CD  1 
ATOM   389  C  CE  . LYS A 1 57  ? 0.766   14.870  -4.914  1.00 52.79 ? 1427 LYS A CE  1 
ATOM   390  N  NZ  . LYS A 1 57  ? -0.451  15.273  -4.154  1.00 59.18 ? 1427 LYS A NZ  1 
ATOM   391  N  N   . PRO A 1 58  ? -1.549  8.716   -8.387  1.00 25.38 ? 1428 PRO A N   1 
ATOM   392  C  CA  . PRO A 1 58  ? -1.724  7.252   -8.300  1.00 24.78 ? 1428 PRO A CA  1 
ATOM   393  C  C   . PRO A 1 58  ? -0.467  6.543   -7.837  1.00 24.02 ? 1428 PRO A C   1 
ATOM   394  O  O   . PRO A 1 58  ? 0.660   6.924   -8.174  1.00 24.12 ? 1428 PRO A O   1 
ATOM   395  C  CB  . PRO A 1 58  ? -2.079  6.854   -9.748  1.00 27.33 ? 1428 PRO A CB  1 
ATOM   396  C  CG  . PRO A 1 58  ? -2.573  8.107   -10.380 1.00 31.32 ? 1428 PRO A CG  1 
ATOM   397  C  CD  . PRO A 1 58  ? -1.781  9.218   -9.750  1.00 27.61 ? 1428 PRO A CD  1 
ATOM   398  N  N   . VAL A 1 59  ? -0.644  5.470   -7.075  1.00 21.00 ? 1429 VAL A N   1 
ATOM   399  C  CA  . VAL A 1 59  ? 0.434   4.682   -6.554  1.00 20.53 ? 1429 VAL A CA  1 
ATOM   400  C  C   . VAL A 1 59  ? -0.155  3.281   -6.269  1.00 21.61 ? 1429 VAL A C   1 
ATOM   401  O  O   . VAL A 1 59  ? -1.310  3.188   -5.871  1.00 21.91 ? 1429 VAL A O   1 
ATOM   402  C  CB  . VAL A 1 59  ? 1.093   5.312   -5.317  1.00 22.97 ? 1429 VAL A CB  1 
ATOM   403  C  CG1 . VAL A 1 59  ? 0.110   5.442   -4.149  1.00 23.93 ? 1429 VAL A CG1 1 
ATOM   404  C  CG2 . VAL A 1 59  ? 2.280   4.527   -4.835  1.00 23.12 ? 1429 VAL A CG2 1 
ATOM   405  N  N   . ASP A 1 60  ? 0.621   2.224   -6.520  1.00 21.38 ? 1430 ASP A N   1 
ATOM   406  C  CA  . ASP A 1 60  ? 0.240   0.843   -6.153  1.00 20.32 ? 1430 ASP A CA  1 
ATOM   407  C  C   . ASP A 1 60  ? 1.389   0.152   -5.472  1.00 19.65 ? 1430 ASP A C   1 
ATOM   408  O  O   . ASP A 1 60  ? 2.488   0.706   -5.351  1.00 21.49 ? 1430 ASP A O   1 
ATOM   409  C  CB  . ASP A 1 60  ? -0.303  0.055   -7.359  1.00 20.03 ? 1430 ASP A CB  1 
ATOM   410  C  CG  . ASP A 1 60  ? 0.610   0.079   -8.562  1.00 21.15 ? 1430 ASP A CG  1 
ATOM   411  O  OD1 . ASP A 1 60  ? 1.820   0.238   -8.382  1.00 22.92 ? 1430 ASP A OD1 1 
ATOM   412  O  OD2 . ASP A 1 60  ? 0.082   -0.071  -9.690  1.00 21.58 ? 1430 ASP A OD2 1 
ATOM   413  N  N   . PHE A 1 61  ? 1.193   -1.049  -4.946  1.00 18.38 ? 1431 PHE A N   1 
ATOM   414  C  CA  . PHE A 1 61  ? 2.284   -1.704  -4.259  1.00 19.13 ? 1431 PHE A CA  1 
ATOM   415  C  C   . PHE A 1 61  ? 3.452   -2.073  -5.158  1.00 19.70 ? 1431 PHE A C   1 
ATOM   416  O  O   . PHE A 1 61  ? 4.583   -2.094  -4.681  1.00 22.55 ? 1431 PHE A O   1 
ATOM   417  C  CB  . PHE A 1 61  ? 1.815   -2.910  -3.435  1.00 21.16 ? 1431 PHE A CB  1 
ATOM   418  C  CG  . PHE A 1 61  ? 1.138   -2.525  -2.138  1.00 20.78 ? 1431 PHE A CG  1 
ATOM   419  C  CD1 . PHE A 1 61  ? 1.861   -1.945  -1.099  1.00 22.90 ? 1431 PHE A CD1 1 
ATOM   420  C  CD2 . PHE A 1 61  ? -0.214  -2.766  -1.937  1.00 20.89 ? 1431 PHE A CD2 1 
ATOM   421  C  CE1 . PHE A 1 61  ? 1.255   -1.588  0.094   1.00 23.51 ? 1431 PHE A CE1 1 
ATOM   422  C  CE2 . PHE A 1 61  ? -0.830  -2.412  -0.723  1.00 21.43 ? 1431 PHE A CE2 1 
ATOM   423  C  CZ  . PHE A 1 61  ? -0.093  -1.841  0.281   1.00 23.11 ? 1431 PHE A CZ  1 
ATOM   424  N  N   . LYS A 1 62  ? 3.165   -2.301  -6.430  1.00 20.74 ? 1432 LYS A N   1 
ATOM   425  C  CA  . LYS A 1 62  ? 4.222   -2.546  -7.412  1.00 23.39 ? 1432 LYS A CA  1 
ATOM   426  C  C   . LYS A 1 62  ? 5.153   -1.320  -7.487  1.00 22.36 ? 1432 LYS A C   1 
ATOM   427  O  O   . LYS A 1 62  ? 6.392   -1.473  -7.445  1.00 23.26 ? 1432 LYS A O   1 
ATOM   428  C  CB  . LYS A 1 62  ? 3.602   -2.907  -8.759  1.00 23.64 ? 1432 LYS A CB  1 
ATOM   429  C  CG  . LYS A 1 62  ? 4.647   -3.276  -9.837  1.00 26.99 ? 1432 LYS A CG  1 
ATOM   430  C  CD  . LYS A 1 62  ? 3.984   -3.630  -11.155 1.00 30.81 ? 1432 LYS A CD  1 
ATOM   431  C  CE  . LYS A 1 62  ? 5.033   -3.885  -12.242 1.00 36.38 ? 1432 LYS A CE  1 
ATOM   432  N  NZ  . LYS A 1 62  ? 4.373   -4.146  -13.555 1.00 43.06 ? 1432 LYS A NZ  1 
ATOM   433  N  N   . LYS A 1 63  ? 4.569   -0.142  -7.525  1.00 21.93 ? 1433 LYS A N   1 
ATOM   434  C  CA  . LYS A 1 63  ? 5.336   1.115   -7.543  1.00 23.06 ? 1433 LYS A CA  1 
ATOM   435  C  C   . LYS A 1 63  ? 6.110   1.329   -6.254  1.00 24.10 ? 1433 LYS A C   1 
ATOM   436  O  O   . LYS A 1 63  ? 7.279   1.738   -6.265  1.00 22.55 ? 1433 LYS A O   1 
ATOM   437  C  CB  . LYS A 1 63  ? 4.420   2.303   -7.811  1.00 25.08 ? 1433 LYS A CB  1 
ATOM   438  C  CG  . LYS A 1 63  ? 5.152   3.650   -7.833  1.00 26.41 ? 1433 LYS A CG  1 
ATOM   439  C  CD  . LYS A 1 63  ? 6.226   3.704   -8.905  1.00 28.48 ? 1433 LYS A CD  1 
ATOM   440  C  CE  . LYS A 1 63  ? 5.647   3.773   -10.307 1.00 30.21 ? 1433 LYS A CE  1 
ATOM   441  N  NZ  . LYS A 1 63  ? 6.711   3.979   -11.335 1.00 31.10 ? 1433 LYS A NZ  1 
ATOM   442  N  N   . ILE A 1 64  ? 5.507   0.985   -5.102  1.00 21.12 ? 1434 ILE A N   1 
ATOM   443  C  CA  . ILE A 1 64  ? 6.213   1.141   -3.860  1.00 22.06 ? 1434 ILE A CA  1 
ATOM   444  C  C   . ILE A 1 64  ? 7.405   0.199   -3.808  1.00 21.43 ? 1434 ILE A C   1 
ATOM   445  O  O   . ILE A 1 64  ? 8.482   0.580   -3.355  1.00 22.67 ? 1434 ILE A O   1 
ATOM   446  C  CB  . ILE A 1 64  ? 5.228   0.943   -2.649  1.00 21.23 ? 1434 ILE A CB  1 
ATOM   447  C  CG1 . ILE A 1 64  ? 4.190   2.055   -2.686  1.00 20.81 ? 1434 ILE A CG1 1 
ATOM   448  C  CG2 . ILE A 1 64  ? 5.979   0.860   -1.341  1.00 22.89 ? 1434 ILE A CG2 1 
ATOM   449  C  CD1 . ILE A 1 64  ? 3.112   1.993   -1.602  1.00 23.04 ? 1434 ILE A CD1 1 
ATOM   450  N  N   . LYS A 1 65  ? 7.251   -1.031  -4.308  1.00 22.47 ? 1435 LYS A N   1 
ATOM   451  C  CA  . LYS A 1 65  ? 8.342   -1.961  -4.383  1.00 23.69 ? 1435 LYS A CA  1 
ATOM   452  C  C   . LYS A 1 65  ? 9.452   -1.443  -5.314  1.00 23.90 ? 1435 LYS A C   1 
ATOM   453  O  O   . LYS A 1 65  ? 10.627  -1.552  -4.958  1.00 25.79 ? 1435 LYS A O   1 
ATOM   454  C  CB  . LYS A 1 65  ? 7.855   -3.325  -4.819  1.00 26.08 ? 1435 LYS A CB  1 
ATOM   455  C  CG  . LYS A 1 65  ? 7.160   -4.089  -3.689  1.00 28.96 ? 1435 LYS A CG  1 
ATOM   456  C  CD  . LYS A 1 65  ? 6.713   -5.467  -4.194  1.00 34.81 ? 1435 LYS A CD  1 
ATOM   457  C  CE  . LYS A 1 65  ? 6.930   -6.551  -3.143  1.00 40.01 ? 1435 LYS A CE  1 
ATOM   458  N  NZ  . LYS A 1 65  ? 6.248   -7.830  -3.493  1.00 39.35 ? 1435 LYS A NZ  1 
ATOM   459  N  N   . GLU A 1 66  ? 9.053   -0.834  -6.417  1.00 23.79 ? 1436 GLU A N   1 
ATOM   460  C  CA  . GLU A 1 66  ? 10.045  -0.149  -7.309  1.00 24.55 ? 1436 GLU A CA  1 
ATOM   461  C  C   . GLU A 1 66  ? 10.809  0.918   -6.568  1.00 23.75 ? 1436 GLU A C   1 
ATOM   462  O  O   . GLU A 1 66  ? 12.054  1.050   -6.683  1.00 25.15 ? 1436 GLU A O   1 
ATOM   463  C  CB  . GLU A 1 66  ? 9.345   0.453   -8.514  1.00 24.59 ? 1436 GLU A CB  1 
ATOM   464  C  CG  . GLU A 1 66  ? 10.230  1.333   -9.414  1.00 26.13 ? 1436 GLU A CG  1 
ATOM   465  C  CD  . GLU A 1 66  ? 9.510   1.926   -10.628 1.00 30.84 ? 1436 GLU A CD  1 
ATOM   466  O  OE1 . GLU A 1 66  ? 8.312   1.671   -10.852 1.00 31.00 ? 1436 GLU A OE1 1 
ATOM   467  O  OE2 . GLU A 1 66  ? 10.121  2.685   -11.411 1.00 31.49 ? 1436 GLU A OE2 1 
ATOM   468  N  N   . ARG A 1 67  ? 10.108  1.745   -5.818  1.00 21.89 ? 1437 ARG A N   1 
ATOM   469  C  CA  . ARG A 1 67  ? 10.745  2.808   -5.079  1.00 23.22 ? 1437 ARG A CA  1 
ATOM   470  C  C   . ARG A 1 67  ? 11.676  2.289   -4.002  1.00 25.46 ? 1437 ARG A C   1 
ATOM   471  O  O   . ARG A 1 67  ? 12.721  2.845   -3.794  1.00 25.43 ? 1437 ARG A O   1 
ATOM   472  C  CB  . ARG A 1 67  ? 9.736   3.802   -4.534  1.00 22.75 ? 1437 ARG A CB  1 
ATOM   473  C  CG  . ARG A 1 67  ? 9.087   4.603   -5.657  1.00 22.74 ? 1437 ARG A CG  1 
ATOM   474  C  CD  . ARG A 1 67  ? 7.898   5.441   -5.247  1.00 23.83 ? 1437 ARG A CD  1 
ATOM   475  N  NE  . ARG A 1 67  ? 7.358   6.107   -6.438  1.00 22.63 ? 1437 ARG A NE  1 
ATOM   476  C  CZ  . ARG A 1 67  ? 6.149   6.627   -6.557  1.00 24.28 ? 1437 ARG A CZ  1 
ATOM   477  N  NH1 . ARG A 1 67  ? 5.305   6.598   -5.515  1.00 25.47 ? 1437 ARG A NH1 1 
ATOM   478  N  NH2 . ARG A 1 67  ? 5.773   7.185   -7.721  1.00 21.85 ? 1437 ARG A NH2 1 
ATOM   479  N  N   . ILE A 1 68  ? 11.314  1.205   -3.309  1.00 23.29 ? 1438 ILE A N   1 
ATOM   480  C  CA  . ILE A 1 68  ? 12.269  0.577   -2.407  1.00 25.22 ? 1438 ILE A CA  1 
ATOM   481  C  C   . ILE A 1 68  ? 13.500  0.004   -3.142  1.00 25.28 ? 1438 ILE A C   1 
ATOM   482  O  O   . ILE A 1 68  ? 14.632  0.244   -2.740  1.00 26.27 ? 1438 ILE A O   1 
ATOM   483  C  CB  . ILE A 1 68  ? 11.605  -0.562  -1.595  1.00 26.82 ? 1438 ILE A CB  1 
ATOM   484  C  CG1 . ILE A 1 68  ? 10.538  0.015   -0.696  1.00 26.93 ? 1438 ILE A CG1 1 
ATOM   485  C  CG2 . ILE A 1 68  ? 12.664  -1.266  -0.735  1.00 27.47 ? 1438 ILE A CG2 1 
ATOM   486  C  CD1 . ILE A 1 68  ? 9.594   -1.040  -0.147  1.00 28.17 ? 1438 ILE A CD1 1 
ATOM   487  N  N   . ARG A 1 69  ? 13.264  -0.705  -4.227  1.00 26.38 ? 1439 ARG A N   1 
ATOM   488  C  CA  . ARG A 1 69  ? 14.320  -1.353  -4.992  1.00 26.64 ? 1439 ARG A CA  1 
ATOM   489  C  C   . ARG A 1 69  ? 15.323  -0.302  -5.476  1.00 25.02 ? 1439 ARG A C   1 
ATOM   490  O  O   . ARG A 1 69  ? 16.527  -0.539  -5.450  1.00 25.00 ? 1439 ARG A O   1 
ATOM   491  C  CB  . ARG A 1 69  ? 13.725  -2.066  -6.156  1.00 29.51 ? 1439 ARG A CB  1 
ATOM   492  C  CG  . ARG A 1 69  ? 14.713  -2.826  -7.014  1.00 32.93 ? 1439 ARG A CG  1 
ATOM   493  C  CD  . ARG A 1 69  ? 13.993  -3.730  -8.000  1.00 34.95 ? 1439 ARG A CD  1 
ATOM   494  N  NE  . ARG A 1 69  ? 13.293  -2.988  -9.048  1.00 36.98 ? 1439 ARG A NE  1 
ATOM   495  C  CZ  . ARG A 1 69  ? 11.963  -2.868  -9.187  1.00 38.10 ? 1439 ARG A CZ  1 
ATOM   496  N  NH1 . ARG A 1 69  ? 11.107  -3.442  -8.334  1.00 37.06 ? 1439 ARG A NH1 1 
ATOM   497  N  NH2 . ARG A 1 69  ? 11.484  -2.156  -10.198 1.00 37.12 ? 1439 ARG A NH2 1 
ATOM   498  N  N   . ASN A 1 70  ? 14.797  0.841   -5.912  1.00 22.06 ? 1440 ASN A N   1 
ATOM   499  C  CA  . ASN A 1 70  ? 15.665  1.923   -6.467  1.00 21.92 ? 1440 ASN A CA  1 
ATOM   500  C  C   . ASN A 1 70  ? 16.105  2.957   -5.446  1.00 23.43 ? 1440 ASN A C   1 
ATOM   501  O  O   . ASN A 1 70  ? 16.568  4.056   -5.781  1.00 24.19 ? 1440 ASN A O   1 
ATOM   502  C  CB  . ASN A 1 70  ? 14.980  2.565   -7.698  1.00 21.39 ? 1440 ASN A CB  1 
ATOM   503  C  CG  . ASN A 1 70  ? 14.915  1.616   -8.912  1.00 22.76 ? 1440 ASN A CG  1 
ATOM   504  O  OD1 . ASN A 1 70  ? 14.056  1.751   -9.826  1.00 26.12 ? 1440 ASN A OD1 1 
ATOM   505  N  ND2 . ASN A 1 70  ? 15.773  0.648   -8.925  1.00 20.88 ? 1440 ASN A ND2 1 
ATOM   506  N  N   . HIS A 1 71  ? 15.954  2.617   -4.168  1.00 22.85 ? 1441 HIS A N   1 
ATOM   507  C  CA  . HIS A 1 71  ? 16.504  3.388   -3.090  1.00 25.01 ? 1441 HIS A CA  1 
ATOM   508  C  C   . HIS A 1 71  ? 15.934  4.808   -3.029  1.00 25.90 ? 1441 HIS A C   1 
ATOM   509  O  O   . HIS A 1 71  ? 16.638  5.780   -2.721  1.00 31.62 ? 1441 HIS A O   1 
ATOM   510  C  CB  . HIS A 1 71  ? 18.065  3.361   -3.201  1.00 27.40 ? 1441 HIS A CB  1 
ATOM   511  C  CG  . HIS A 1 71  ? 18.643  2.001   -3.440  1.00 28.43 ? 1441 HIS A CG  1 
ATOM   512  N  ND1 . HIS A 1 71  ? 18.666  1.022   -2.463  1.00 29.13 ? 1441 HIS A ND1 1 
ATOM   513  C  CD2 . HIS A 1 71  ? 19.219  1.446   -4.534  1.00 26.92 ? 1441 HIS A CD2 1 
ATOM   514  C  CE1 . HIS A 1 71  ? 19.247  -0.058  -2.938  1.00 30.46 ? 1441 HIS A CE1 1 
ATOM   515  N  NE2 . HIS A 1 71  ? 19.607  0.175   -4.191  1.00 33.16 ? 1441 HIS A NE2 1 
ATOM   516  N  N   . LYS A 1 72  ? 14.636  4.952   -3.311  1.00 24.90 ? 1442 LYS A N   1 
ATOM   517  C  CA  . LYS A 1 72  ? 14.008  6.247   -3.342  1.00 23.90 ? 1442 LYS A CA  1 
ATOM   518  C  C   . LYS A 1 72  ? 13.448  6.745   -2.014  1.00 26.89 ? 1442 LYS A C   1 
ATOM   519  O  O   . LYS A 1 72  ? 13.269  7.930   -1.857  1.00 29.81 ? 1442 LYS A O   1 
ATOM   520  C  CB  . LYS A 1 72  ? 12.914  6.291   -4.375  1.00 25.14 ? 1442 LYS A CB  1 
ATOM   521  C  CG  . LYS A 1 72  ? 13.355  6.000   -5.782  1.00 24.79 ? 1442 LYS A CG  1 
ATOM   522  C  CD  . LYS A 1 72  ? 14.462  6.966   -6.237  1.00 24.37 ? 1442 LYS A CD  1 
ATOM   523  C  CE  . LYS A 1 72  ? 14.683  6.831   -7.733  1.00 24.87 ? 1442 LYS A CE  1 
ATOM   524  N  NZ  . LYS A 1 72  ? 15.853  7.649   -8.124  1.00 25.16 ? 1442 LYS A NZ  1 
ATOM   525  N  N   . TYR A 1 73  ? 13.122  5.831   -1.095  1.00 26.70 ? 1443 TYR A N   1 
ATOM   526  C  CA  . TYR A 1 73  ? 12.733  6.263   0.241   1.00 26.69 ? 1443 TYR A CA  1 
ATOM   527  C  C   . TYR A 1 73  ? 13.968  6.369   1.136   1.00 26.14 ? 1443 TYR A C   1 
ATOM   528  O  O   . TYR A 1 73  ? 14.703  5.410   1.324   1.00 28.89 ? 1443 TYR A O   1 
ATOM   529  C  CB  . TYR A 1 73  ? 11.766  5.273   0.874   1.00 24.81 ? 1443 TYR A CB  1 
ATOM   530  C  CG  . TYR A 1 73  ? 10.505  5.018   0.047   1.00 23.49 ? 1443 TYR A CG  1 
ATOM   531  C  CD1 . TYR A 1 73  ? 9.604   6.035   -0.209  1.00 23.57 ? 1443 TYR A CD1 1 
ATOM   532  C  CD2 . TYR A 1 73  ? 10.216  3.755   -0.438  1.00 23.95 ? 1443 TYR A CD2 1 
ATOM   533  C  CE1 . TYR A 1 73  ? 8.473   5.808   -0.974  1.00 25.91 ? 1443 TYR A CE1 1 
ATOM   534  C  CE2 . TYR A 1 73  ? 9.071   3.517   -1.192  1.00 24.46 ? 1443 TYR A CE2 1 
ATOM   535  C  CZ  . TYR A 1 73  ? 8.216   4.517   -1.444  1.00 23.17 ? 1443 TYR A CZ  1 
ATOM   536  O  OH  . TYR A 1 73  ? 7.069   4.274   -2.165  1.00 24.27 ? 1443 TYR A OH  1 
ATOM   537  N  N   . ARG A 1 74  ? 14.128  7.540   1.714   1.00 30.39 ? 1444 ARG A N   1 
ATOM   538  C  CA  . ARG A 1 74  ? 15.300  7.814   2.549   1.00 35.24 ? 1444 ARG A CA  1 
ATOM   539  C  C   . ARG A 1 74  ? 15.018  7.549   4.030   1.00 35.53 ? 1444 ARG A C   1 
ATOM   540  O  O   . ARG A 1 74  ? 15.935  7.538   4.845   1.00 33.17 ? 1444 ARG A O   1 
ATOM   541  C  CB  . ARG A 1 74  ? 15.733  9.260   2.327   1.00 40.75 ? 1444 ARG A CB  1 
ATOM   542  C  CG  . ARG A 1 74  ? 16.045  9.585   0.861   1.00 44.52 ? 1444 ARG A CG  1 
ATOM   543  C  CD  . ARG A 1 74  ? 17.228  8.788   0.300   1.00 49.89 ? 1444 ARG A CD  1 
ATOM   544  N  NE  . ARG A 1 74  ? 18.483  9.112   0.995   1.00 57.75 ? 1444 ARG A NE  1 
ATOM   545  C  CZ  . ARG A 1 74  ? 19.675  8.554   0.750   1.00 64.71 ? 1444 ARG A CZ  1 
ATOM   546  N  NH1 . ARG A 1 74  ? 19.821  7.626   -0.194  1.00 66.25 ? 1444 ARG A NH1 1 
ATOM   547  N  NH2 . ARG A 1 74  ? 20.740  8.936   1.461   1.00 66.34 ? 1444 ARG A NH2 1 
ATOM   548  N  N   . SER A 1 75  ? 13.754  7.309   4.370   1.00 31.91 ? 1445 SER A N   1 
ATOM   549  C  CA  . SER A 1 75  ? 13.369  7.043   5.762   1.00 30.44 ? 1445 SER A CA  1 
ATOM   550  C  C   . SER A 1 75  ? 12.121  6.157   5.793   1.00 31.35 ? 1445 SER A C   1 
ATOM   551  O  O   . SER A 1 75  ? 11.397  6.078   4.799   1.00 28.54 ? 1445 SER A O   1 
ATOM   552  C  CB  . SER A 1 75  ? 13.057  8.336   6.461   1.00 31.78 ? 1445 SER A CB  1 
ATOM   553  O  OG  . SER A 1 75  ? 11.840  8.904   6.019   1.00 32.92 ? 1445 SER A OG  1 
ATOM   554  N  N   . LEU A 1 76  ? 11.849  5.556   6.947   1.00 29.57 ? 1446 LEU A N   1 
ATOM   555  C  CA  . LEU A 1 76  ? 10.593  4.822   7.118   1.00 29.80 ? 1446 LEU A CA  1 
ATOM   556  C  C   . LEU A 1 76  ? 9.391   5.740   6.992   1.00 28.92 ? 1446 LEU A C   1 
ATOM   557  O  O   . LEU A 1 76  ? 8.341   5.339   6.458   1.00 27.59 ? 1446 LEU A O   1 
ATOM   558  C  CB  . LEU A 1 76  ? 10.572  4.051   8.442   1.00 31.96 ? 1446 LEU A CB  1 
ATOM   559  C  CG  . LEU A 1 76  ? 11.603  2.933   8.556   1.00 32.16 ? 1446 LEU A CG  1 
ATOM   560  C  CD1 . LEU A 1 76  ? 11.456  2.298   9.942   1.00 35.24 ? 1446 LEU A CD1 1 
ATOM   561  C  CD2 . LEU A 1 76  ? 11.517  1.873   7.470   1.00 31.06 ? 1446 LEU A CD2 1 
ATOM   562  N  N   . GLY A 1 77  ? 9.527   6.990   7.445   1.00 27.74 ? 1447 GLY A N   1 
ATOM   563  C  CA  . GLY A 1 77  ? 8.516   8.003   7.256   1.00 29.51 ? 1447 GLY A CA  1 
ATOM   564  C  C   . GLY A 1 77  ? 8.118   8.213   5.794   1.00 29.11 ? 1447 GLY A C   1 
ATOM   565  O  O   . GLY A 1 77  ? 6.942   8.398   5.523   1.00 29.35 ? 1447 GLY A O   1 
ATOM   566  N  N   . ASP A 1 78  ? 9.089   8.193   4.873   1.00 29.30 ? 1448 ASP A N   1 
ATOM   567  C  CA  . ASP A 1 78  ? 8.819   8.419   3.444   1.00 28.89 ? 1448 ASP A CA  1 
ATOM   568  C  C   . ASP A 1 78  ? 8.042   7.205   2.862   1.00 25.58 ? 1448 ASP A C   1 
ATOM   569  O  O   . ASP A 1 78  ? 7.095   7.407   2.086   1.00 26.34 ? 1448 ASP A O   1 
ATOM   570  C  CB  . ASP A 1 78  ? 10.124  8.620   2.679   1.00 33.01 ? 1448 ASP A CB  1 
ATOM   571  C  CG  . ASP A 1 78  ? 10.851  9.923   3.062   1.00 38.80 ? 1448 ASP A CG  1 
ATOM   572  O  OD1 . ASP A 1 78  ? 10.189  10.932  3.375   1.00 37.54 ? 1448 ASP A OD1 1 
ATOM   573  O  OD2 . ASP A 1 78  ? 12.101  9.920   3.022   1.00 49.67 ? 1448 ASP A OD2 1 
ATOM   574  N  N   . LEU A 1 79  ? 8.463   5.998   3.248   1.00 25.17 ? 1449 LEU A N   1 
ATOM   575  C  CA  . LEU A 1 79  ? 7.716   4.768   2.894   1.00 24.22 ? 1449 LEU A CA  1 
ATOM   576  C  C   . LEU A 1 79  ? 6.300   4.851   3.411   1.00 25.70 ? 1449 LEU A C   1 
ATOM   577  O  O   . LEU A 1 79  ? 5.325   4.631   2.672   1.00 22.13 ? 1449 LEU A O   1 
ATOM   578  C  CB  . LEU A 1 79  ? 8.393   3.529   3.425   1.00 24.98 ? 1449 LEU A CB  1 
ATOM   579  C  CG  . LEU A 1 79  ? 7.684   2.179   3.192   1.00 25.63 ? 1449 LEU A CG  1 
ATOM   580  C  CD1 . LEU A 1 79  ? 7.478   1.881   1.696   1.00 26.62 ? 1449 LEU A CD1 1 
ATOM   581  C  CD2 . LEU A 1 79  ? 8.447   1.085   3.908   1.00 26.78 ? 1449 LEU A CD2 1 
ATOM   582  N  N   . GLU A 1 80  ? 6.160   5.220   4.676   1.00 24.61 ? 1450 GLU A N   1 
ATOM   583  C  CA  . GLU A 1 80  ? 4.815   5.331   5.260   1.00 26.39 ? 1450 GLU A CA  1 
ATOM   584  C  C   . GLU A 1 80  ? 3.914   6.324   4.526   1.00 25.87 ? 1450 GLU A C   1 
ATOM   585  O  O   . GLU A 1 80  ? 2.748   6.041   4.239   1.00 25.58 ? 1450 GLU A O   1 
ATOM   586  C  CB  . GLU A 1 80  ? 4.896   5.684   6.750   1.00 27.85 ? 1450 GLU A CB  1 
ATOM   587  C  CG  . GLU A 1 80  ? 3.513   5.824   7.384   1.00 30.20 ? 1450 GLU A CG  1 
ATOM   588  C  CD  . GLU A 1 80  ? 3.502   5.591   8.908   1.00 35.16 ? 1450 GLU A CD  1 
ATOM   589  O  OE1 . GLU A 1 80  ? 4.461   5.009   9.459   1.00 37.43 ? 1450 GLU A OE1 1 
ATOM   590  O  OE2 . GLU A 1 80  ? 2.482   5.937   9.540   1.00 39.37 ? 1450 GLU A OE2 1 
ATOM   591  N  N   . LYS A 1 81  ? 4.459   7.470   4.127   1.00 23.02 ? 1451 LYS A N   1 
ATOM   592  C  CA  . LYS A 1 81  ? 3.709   8.414   3.350   1.00 25.85 ? 1451 LYS A CA  1 
ATOM   593  C  C   . LYS A 1 81  ? 3.108   7.820   2.045   1.00 23.92 ? 1451 LYS A C   1 
ATOM   594  O  O   . LYS A 1 81  ? 1.957   8.107   1.715   1.00 23.78 ? 1451 LYS A O   1 
ATOM   595  C  CB  . LYS A 1 81  ? 4.577   9.623   3.005   1.00 29.79 ? 1451 LYS A CB  1 
ATOM   596  C  CG  . LYS A 1 81  ? 4.646   10.644  4.130   1.00 37.23 ? 1451 LYS A CG  1 
ATOM   597  C  CD  . LYS A 1 81  ? 5.638   11.768  3.818   1.00 44.22 ? 1451 LYS A CD  1 
ATOM   598  C  CE  . LYS A 1 81  ? 5.325   12.514  2.525   1.00 49.38 ? 1451 LYS A CE  1 
ATOM   599  N  NZ  . LYS A 1 81  ? 6.351   13.562  2.191   1.00 52.78 ? 1451 LYS A NZ  1 
ATOM   600  N  N   . ASP A 1 82  ? 3.883   7.011   1.328   1.00 22.52 ? 1452 ASP A N   1 
ATOM   601  C  CA  . ASP A 1 82  ? 3.360   6.397   0.088   1.00 23.13 ? 1452 ASP A CA  1 
ATOM   602  C  C   . ASP A 1 82  ? 2.282   5.318   0.349   1.00 20.45 ? 1452 ASP A C   1 
ATOM   603  O  O   . ASP A 1 82  ? 1.299   5.239   -0.395  1.00 21.07 ? 1452 ASP A O   1 
ATOM   604  C  CB  . ASP A 1 82  ? 4.467   5.822   -0.802  1.00 24.49 ? 1452 ASP A CB  1 
ATOM   605  C  CG  . ASP A 1 82  ? 4.819   6.737   -1.976  1.00 27.33 ? 1452 ASP A CG  1 
ATOM   606  O  OD1 . ASP A 1 82  ? 4.182   7.801   -2.147  1.00 30.21 ? 1452 ASP A OD1 1 
ATOM   607  O  OD2 . ASP A 1 82  ? 5.739   6.359   -2.721  1.00 27.62 ? 1452 ASP A OD2 1 
ATOM   608  N  N   . VAL A 1 83  ? 2.468   4.556   1.434   1.00 20.96 ? 1453 VAL A N   1 
ATOM   609  C  CA  . VAL A 1 83  ? 1.477   3.522   1.810   1.00 21.14 ? 1453 VAL A CA  1 
ATOM   610  C  C   . VAL A 1 83  ? 0.196   4.216   2.227   1.00 20.88 ? 1453 VAL A C   1 
ATOM   611  O  O   . VAL A 1 83  ? -0.921  3.866   1.793   1.00 21.11 ? 1453 VAL A O   1 
ATOM   612  C  CB  . VAL A 1 83  ? 2.006   2.594   2.913   1.00 21.19 ? 1453 VAL A CB  1 
ATOM   613  C  CG1 . VAL A 1 83  ? 0.894   1.672   3.407   1.00 21.37 ? 1453 VAL A CG1 1 
ATOM   614  C  CG2 . VAL A 1 83  ? 3.133   1.747   2.402   1.00 22.20 ? 1453 VAL A CG2 1 
ATOM   615  N  N   . MET A 1 84  ? 0.306   5.288   3.008   1.00 20.51 ? 1454 MET A N   1 
ATOM   616  C  CA  . MET A 1 84  ? -0.882  6.013   3.364   1.00 22.84 ? 1454 MET A CA  1 
ATOM   617  C  C   . MET A 1 84  ? -1.550  6.691   2.205   1.00 21.45 ? 1454 MET A C   1 
ATOM   618  O  O   . MET A 1 84  ? -2.779  6.778   2.152   1.00 21.50 ? 1454 MET A O   1 
ATOM   619  C  CB  . MET A 1 84  ? -0.596  6.973   4.530   1.00 24.33 ? 1454 MET A CB  1 
ATOM   620  C  CG  . MET A 1 84  ? -0.061  6.252   5.783   1.00 28.82 ? 1454 MET A CG  1 
ATOM   621  S  SD  . MET A 1 84  ? -1.187  4.981   6.458   1.00 34.16 ? 1454 MET A SD  1 
ATOM   622  C  CE  . MET A 1 84  ? -0.074  3.837   7.254   1.00 35.62 ? 1454 MET A CE  1 
ATOM   623  N  N   . LEU A 1 85  ? -0.764  7.200   1.247   1.00 21.54 ? 1455 LEU A N   1 
ATOM   624  C  CA  . LEU A 1 85  ? -1.325  7.726   0.005   1.00 20.35 ? 1455 LEU A CA  1 
ATOM   625  C  C   . LEU A 1 85  ? -2.143  6.704   -0.798  1.00 19.42 ? 1455 LEU A C   1 
ATOM   626  O  O   . LEU A 1 85  ? -3.275  6.985   -1.242  1.00 19.75 ? 1455 LEU A O   1 
ATOM   627  C  CB  . LEU A 1 85  ? -0.218  8.326   -0.865  1.00 21.74 ? 1455 LEU A CB  1 
ATOM   628  C  CG  . LEU A 1 85  ? -0.681  8.880   -2.214  1.00 22.78 ? 1455 LEU A CG  1 
ATOM   629  C  CD1 . LEU A 1 85  ? -1.675  10.043  -2.141  1.00 25.38 ? 1455 LEU A CD1 1 
ATOM   630  C  CD2 . LEU A 1 85  ? 0.546   9.273   -3.054  1.00 25.32 ? 1455 LEU A CD2 1 
ATOM   631  N  N   . LEU A 1 86  ? -1.564  5.536   -0.926  1.00 19.01 ? 1456 LEU A N   1 
ATOM   632  C  CA  . LEU A 1 86  ? -2.218  4.419   -1.604  1.00 17.79 ? 1456 LEU A CA  1 
ATOM   633  C  C   . LEU A 1 86  ? -3.585  4.175   -0.958  1.00 18.45 ? 1456 LEU A C   1 
ATOM   634  O  O   . LEU A 1 86  ? -4.622  4.146   -1.631  1.00 19.37 ? 1456 LEU A O   1 
ATOM   635  C  CB  . LEU A 1 86  ? -1.361  3.177   -1.510  1.00 19.75 ? 1456 LEU A CB  1 
ATOM   636  C  CG  . LEU A 1 86  ? -1.797  1.954   -2.334  1.00 19.31 ? 1456 LEU A CG  1 
ATOM   637  C  CD1 . LEU A 1 86  ? -0.648  1.017   -2.495  1.00 19.45 ? 1456 LEU A CD1 1 
ATOM   638  C  CD2 . LEU A 1 86  ? -2.938  1.219   -1.630  1.00 21.01 ? 1456 LEU A CD2 1 
ATOM   639  N  N   . CYS A 1 87  ? -3.577  4.052   0.354   1.00 20.12 ? 1457 CYS A N   1 
ATOM   640  C  CA  . CYS A 1 87  ? -4.841  3.748   1.083   1.00 21.61 ? 1457 CYS A CA  1 
ATOM   641  C  C   . CYS A 1 87  ? -5.823  4.904   0.996   1.00 20.30 ? 1457 CYS A C   1 
ATOM   642  O  O   . CYS A 1 87  ? -7.028  4.760   0.829   1.00 19.49 ? 1457 CYS A O   1 
ATOM   643  C  CB  . CYS A 1 87  ? -4.516  3.366   2.524   1.00 23.55 ? 1457 CYS A CB  1 
ATOM   644  S  SG  . CYS A 1 87  ? -3.558  1.852   2.754   1.00 25.20 ? 1457 CYS A SG  1 
ATOM   645  N  N   . HIS A 1 88  ? -5.309  6.141   1.071   1.00 19.64 ? 1458 HIS A N   1 
ATOM   646  C  CA  . HIS A 1 88  ? -6.166  7.286   0.888   1.00 20.97 ? 1458 HIS A CA  1 
ATOM   647  C  C   . HIS A 1 88  ? -6.808  7.363   -0.497  1.00 19.35 ? 1458 HIS A C   1 
ATOM   648  O  O   . HIS A 1 88  ? -7.985  7.668   -0.664  1.00 18.76 ? 1458 HIS A O   1 
ATOM   649  C  CB  . HIS A 1 88  ? -5.364  8.565   1.178   1.00 20.99 ? 1458 HIS A CB  1 
ATOM   650  C  CG  . HIS A 1 88  ? -6.153  9.802   0.971   1.00 22.33 ? 1458 HIS A CG  1 
ATOM   651  N  ND1 . HIS A 1 88  ? -7.323  10.053  1.657   1.00 23.41 ? 1458 HIS A ND1 1 
ATOM   652  C  CD2 . HIS A 1 88  ? -5.970  10.848  0.149   1.00 24.79 ? 1458 HIS A CD2 1 
ATOM   653  C  CE1 . HIS A 1 88  ? -7.821  11.208  1.274   1.00 25.82 ? 1458 HIS A CE1 1 
ATOM   654  N  NE2 . HIS A 1 88  ? -7.033  11.700  0.340   1.00 27.09 ? 1458 HIS A NE2 1 
ATOM   655  N  N   . ASN A 1 89  ? -6.018  7.030   -1.525  1.00 18.47 ? 1459 ASN A N   1 
ATOM   656  C  CA  . ASN A 1 89  ? -6.548  6.981   -2.881  1.00 19.21 ? 1459 ASN A CA  1 
ATOM   657  C  C   . ASN A 1 89  ? -7.649  5.927   -3.024  1.00 18.91 ? 1459 ASN A C   1 
ATOM   658  O  O   . ASN A 1 89  ? -8.660  6.187   -3.680  1.00 19.05 ? 1459 ASN A O   1 
ATOM   659  C  CB  . ASN A 1 89  ? -5.409  6.682   -3.868  1.00 18.96 ? 1459 ASN A CB  1 
ATOM   660  C  CG  . ASN A 1 89  ? -4.490  7.885   -4.095  1.00 20.19 ? 1459 ASN A CG  1 
ATOM   661  O  OD1 . ASN A 1 89  ? -4.821  9.044   -3.701  1.00 21.67 ? 1459 ASN A OD1 1 
ATOM   662  N  ND2 . ASN A 1 89  ? -3.352  7.632   -4.680  1.00 20.12 ? 1459 ASN A ND2 1 
ATOM   663  N  N   . ALA A 1 90  ? -7.451  4.775   -2.372  1.00 20.11 ? 1460 ALA A N   1 
ATOM   664  C  CA  . ALA A 1 90  ? -8.445  3.698   -2.395  1.00 19.58 ? 1460 ALA A CA  1 
ATOM   665  C  C   . ALA A 1 90  ? -9.751  4.156   -1.721  1.00 20.25 ? 1460 ALA A C   1 
ATOM   666  O  O   . ALA A 1 90  ? -10.854 3.898   -2.204  1.00 19.54 ? 1460 ALA A O   1 
ATOM   667  C  CB  . ALA A 1 90  ? -7.907  2.468   -1.718  1.00 19.75 ? 1460 ALA A CB  1 
ATOM   668  N  N   . GLN A 1 91  ? -9.609  4.895   -0.629  1.00 19.88 ? 1461 GLN A N   1 
ATOM   669  C  CA  . GLN A 1 91  ? -10.808 5.412   0.032   1.00 20.36 ? 1461 GLN A CA  1 
ATOM   670  C  C   . GLN A 1 91  ? -11.514 6.520   -0.707  1.00 20.52 ? 1461 GLN A C   1 
ATOM   671  O  O   . GLN A 1 91  ? -12.727 6.694   -0.601  1.00 21.47 ? 1461 GLN A O   1 
ATOM   672  C  CB  . GLN A 1 91  ? -10.424 5.825   1.443   1.00 19.32 ? 1461 GLN A CB  1 
ATOM   673  C  CG  . GLN A 1 91  ? -10.173 4.662   2.355   1.00 21.02 ? 1461 GLN A CG  1 
ATOM   674  C  CD  . GLN A 1 91  ? -9.370  5.011   3.570   1.00 24.82 ? 1461 GLN A CD  1 
ATOM   675  O  OE1 . GLN A 1 91  ? -9.664  6.043   4.258   1.00 27.76 ? 1461 GLN A OE1 1 
ATOM   676  N  NE2 . GLN A 1 91  ? -8.348  4.207   3.864   1.00 24.31 ? 1461 GLN A NE2 1 
ATOM   677  N  N   . THR A 1 92  ? -10.739 7.292   -1.463  1.00 18.61 ? 1462 THR A N   1 
ATOM   678  C  CA  . THR A 1 92  ? -11.255 8.334   -2.301  1.00 19.90 ? 1462 THR A CA  1 
ATOM   679  C  C   . THR A 1 92  ? -12.049 7.790   -3.445  1.00 21.78 ? 1462 THR A C   1 
ATOM   680  O  O   . THR A 1 92  ? -13.184 8.232   -3.716  1.00 22.05 ? 1462 THR A O   1 
ATOM   681  C  CB  . THR A 1 92  ? -10.144 9.278   -2.787  1.00 22.37 ? 1462 THR A CB  1 
ATOM   682  O  OG1 . THR A 1 92  ? -9.481  9.887   -1.666  1.00 23.44 ? 1462 THR A OG1 1 
ATOM   683  C  CG2 . THR A 1 92  ? -10.738 10.322  -3.712  1.00 22.15 ? 1462 THR A CG2 1 
ATOM   684  N  N   . PHE A 1 93  ? -11.475 6.794   -4.145  1.00 20.25 ? 1463 PHE A N   1 
ATOM   685  C  CA  . PHE A 1 93  ? -12.124 6.308   -5.350  1.00 21.04 ? 1463 PHE A CA  1 
ATOM   686  C  C   . PHE A 1 93  ? -13.288 5.353   -5.108  1.00 20.66 ? 1463 PHE A C   1 
ATOM   687  O  O   . PHE A 1 93  ? -14.288 5.409   -5.823  1.00 24.28 ? 1463 PHE A O   1 
ATOM   688  C  CB  . PHE A 1 93  ? -11.079 5.613   -6.256  1.00 21.87 ? 1463 PHE A CB  1 
ATOM   689  C  CG  . PHE A 1 93  ? -11.674 5.030   -7.516  1.00 24.90 ? 1463 PHE A CG  1 
ATOM   690  C  CD1 . PHE A 1 93  ? -12.025 5.856   -8.570  1.00 25.09 ? 1463 PHE A CD1 1 
ATOM   691  C  CD2 . PHE A 1 93  ? -11.859 3.664   -7.631  1.00 25.13 ? 1463 PHE A CD2 1 
ATOM   692  C  CE1 . PHE A 1 93  ? -12.573 5.322   -9.731  1.00 28.03 ? 1463 PHE A CE1 1 
ATOM   693  C  CE2 . PHE A 1 93  ? -12.413 3.122   -8.779  1.00 26.75 ? 1463 PHE A CE2 1 
ATOM   694  C  CZ  . PHE A 1 93  ? -12.769 3.944   -9.818  1.00 26.38 ? 1463 PHE A CZ  1 
ATOM   695  N  N   . ASN A 1 94  ? -13.135 4.455   -4.154  1.00 21.01 ? 1464 ASN A N   1 
ATOM   696  C  CA  . ASN A 1 94  ? -14.112 3.396   -3.933  1.00 22.77 ? 1464 ASN A CA  1 
ATOM   697  C  C   . ASN A 1 94  ? -15.173 3.806   -2.937  1.00 23.63 ? 1464 ASN A C   1 
ATOM   698  O  O   . ASN A 1 94  ? -14.930 4.648   -2.053  1.00 22.47 ? 1464 ASN A O   1 
ATOM   699  C  CB  . ASN A 1 94  ? -13.420 2.140   -3.480  1.00 22.12 ? 1464 ASN A CB  1 
ATOM   700  C  CG  . ASN A 1 94  ? -12.378 1.654   -4.498  1.00 22.71 ? 1464 ASN A CG  1 
ATOM   701  O  OD1 . ASN A 1 94  ? -12.730 1.009   -5.509  1.00 23.27 ? 1464 ASN A OD1 1 
ATOM   702  N  ND2 . ASN A 1 94  ? -11.131 1.932   -4.231  1.00 21.16 ? 1464 ASN A ND2 1 
ATOM   703  N  N   . LEU A 1 95  ? -16.346 3.210   -3.072  1.00 22.29 ? 1465 LEU A N   1 
ATOM   704  C  CA  . LEU A 1 95  ? -17.471 3.562   -2.209  1.00 23.90 ? 1465 LEU A CA  1 
ATOM   705  C  C   . LEU A 1 95  ? -17.184 3.241   -0.760  1.00 22.14 ? 1465 LEU A C   1 
ATOM   706  O  O   . LEU A 1 95  ? -16.612 2.201   -0.394  1.00 21.87 ? 1465 LEU A O   1 
ATOM   707  C  CB  . LEU A 1 95  ? -18.764 2.847   -2.625  1.00 24.54 ? 1465 LEU A CB  1 
ATOM   708  C  CG  . LEU A 1 95  ? -19.402 3.257   -3.938  1.00 29.74 ? 1465 LEU A CG  1 
ATOM   709  C  CD1 . LEU A 1 95  ? -20.565 2.315   -4.225  1.00 32.06 ? 1465 LEU A CD1 1 
ATOM   710  C  CD2 . LEU A 1 95  ? -19.884 4.698   -3.872  1.00 32.06 ? 1465 LEU A CD2 1 
ATOM   711  N  N   . GLU A 1 96  ? -17.574 4.175   0.102   1.00 22.74 ? 1466 GLU A N   1 
ATOM   712  C  CA  . GLU A 1 96  ? -17.505 3.926   1.500   1.00 22.33 ? 1466 GLU A CA  1 
ATOM   713  C  C   . GLU A 1 96  ? -18.280 2.643   1.831   1.00 22.29 ? 1466 GLU A C   1 
ATOM   714  O  O   . GLU A 1 96  ? -19.358 2.424   1.278   1.00 26.14 ? 1466 GLU A O   1 
ATOM   715  C  CB  . GLU A 1 96  ? -18.106 5.123   2.283   1.00 23.27 ? 1466 GLU A CB  1 
ATOM   716  C  CG  . GLU A 1 96  ? -18.140 4.897   3.767   1.00 25.92 ? 1466 GLU A CG  1 
ATOM   717  C  CD  . GLU A 1 96  ? -18.872 6.023   4.500   1.00 26.52 ? 1466 GLU A CD  1 
ATOM   718  O  OE1 . GLU A 1 96  ? -18.808 7.170   4.025   1.00 28.48 ? 1466 GLU A OE1 1 
ATOM   719  O  OE2 . GLU A 1 96  ? -19.509 5.724   5.533   1.00 27.34 ? 1466 GLU A OE2 1 
ATOM   720  N  N   . GLY A 1 97  ? -17.719 1.800   2.670   1.00 24.30 ? 1467 GLY A N   1 
ATOM   721  C  CA  . GLY A 1 97  ? -18.360 0.538   3.064   1.00 25.03 ? 1467 GLY A CA  1 
ATOM   722  C  C   . GLY A 1 97  ? -18.139 -0.628  2.098   1.00 27.61 ? 1467 GLY A C   1 
ATOM   723  O  O   . GLY A 1 97  ? -18.466 -1.776  2.439   1.00 29.28 ? 1467 GLY A O   1 
ATOM   724  N  N   . SER A 1 98  ? -17.557 -0.350  0.943   1.00 23.67 ? 1468 SER A N   1 
ATOM   725  C  CA  . SER A 1 98  ? -17.154 -1.428  -0.016  1.00 24.19 ? 1468 SER A CA  1 
ATOM   726  C  C   . SER A 1 98  ? -16.014 -2.220  0.584   1.00 23.85 ? 1468 SER A C   1 
ATOM   727  O  O   . SER A 1 98  ? -15.261 -1.755  1.426   1.00 22.49 ? 1468 SER A O   1 
ATOM   728  C  CB  . SER A 1 98  ? -16.745 -0.891  -1.379  1.00 24.36 ? 1468 SER A CB  1 
ATOM   729  O  OG  . SER A 1 98  ? -15.554 -0.114  -1.351  1.00 23.02 ? 1468 SER A OG  1 
ATOM   730  N  N   . GLN A 1 99  ? -15.868 -3.462  0.135   1.00 22.48 ? 1469 GLN A N   1 
ATOM   731  C  CA  . GLN A 1 99  ? -14.798 -4.275  0.660   1.00 23.60 ? 1469 GLN A CA  1 
ATOM   732  C  C   . GLN A 1 99  ? -13.420 -3.643  0.403   1.00 21.24 ? 1469 GLN A C   1 
ATOM   733  O  O   . GLN A 1 99  ? -12.573 -3.693  1.266   1.00 21.28 ? 1469 GLN A O   1 
ATOM   734  C  CB  . GLN A 1 99  ? -14.873 -5.706  0.071   1.00 26.82 ? 1469 GLN A CB  1 
ATOM   735  C  CG  . GLN A 1 99  ? -13.789 -6.640  0.567   1.00 30.06 ? 1469 GLN A CG  1 
ATOM   736  C  CD  . GLN A 1 99  ? -13.969 -8.042  0.021   1.00 38.65 ? 1469 GLN A CD  1 
ATOM   737  O  OE1 . GLN A 1 99  ? -14.531 -8.922  0.695   1.00 45.86 ? 1469 GLN A OE1 1 
ATOM   738  N  NE2 . GLN A 1 99  ? -13.544 -8.250  -1.228  1.00 40.85 ? 1469 GLN A NE2 1 
ATOM   739  N  N   . ILE A 1 100 ? -13.198 -3.095  -0.769  1.00 21.25 ? 1470 ILE A N   1 
ATOM   740  C  CA  . ILE A 1 100 ? -11.905 -2.479  -1.073  1.00 22.01 ? 1470 ILE A CA  1 
ATOM   741  C  C   . ILE A 1 100 ? -11.602 -1.272  -0.155  1.00 19.96 ? 1470 ILE A C   1 
ATOM   742  O  O   . ILE A 1 100 ? -10.518 -1.148  0.347   1.00 19.78 ? 1470 ILE A O   1 
ATOM   743  C  CB  . ILE A 1 100 ? -11.759 -2.120  -2.578  1.00 25.05 ? 1470 ILE A CB  1 
ATOM   744  C  CG1 . ILE A 1 100 ? -10.417 -1.428  -2.854  1.00 26.66 ? 1470 ILE A CG1 1 
ATOM   745  C  CG2 . ILE A 1 100 ? -12.927 -1.263  -3.064  1.00 26.75 ? 1470 ILE A CG2 1 
ATOM   746  C  CD1 . ILE A 1 100 ? -10.049 -1.366  -4.328  1.00 33.82 ? 1470 ILE A CD1 1 
ATOM   747  N  N   . TYR A 1 101 ? -12.606 -0.414  0.052   1.00 20.51 ? 1471 TYR A N   1 
ATOM   748  C  CA  . TYR A 1 101 ? -12.487 0.703   1.001   1.00 20.51 ? 1471 TYR A CA  1 
ATOM   749  C  C   . TYR A 1 101 ? -12.117 0.190   2.380   1.00 20.75 ? 1471 TYR A C   1 
ATOM   750  O  O   . TYR A 1 101 ? -11.156 0.665   2.997   1.00 20.62 ? 1471 TYR A O   1 
ATOM   751  C  CB  . TYR A 1 101 ? -13.822 1.444   1.034   1.00 20.51 ? 1471 TYR A CB  1 
ATOM   752  C  CG  . TYR A 1 101 ? -13.901 2.714   1.854   1.00 20.26 ? 1471 TYR A CG  1 
ATOM   753  C  CD1 . TYR A 1 101 ? -14.039 2.673   3.224   1.00 23.11 ? 1471 TYR A CD1 1 
ATOM   754  C  CD2 . TYR A 1 101 ? -13.910 3.932   1.216   1.00 20.90 ? 1471 TYR A CD2 1 
ATOM   755  C  CE1 . TYR A 1 101 ? -14.150 3.856   3.950   1.00 24.55 ? 1471 TYR A CE1 1 
ATOM   756  C  CE2 . TYR A 1 101 ? -14.004 5.132   1.931   1.00 22.06 ? 1471 TYR A CE2 1 
ATOM   757  C  CZ  . TYR A 1 101 ? -14.126 5.063   3.292   1.00 23.94 ? 1471 TYR A CZ  1 
ATOM   758  O  OH  . TYR A 1 101 ? -14.230 6.282   3.985   1.00 25.11 ? 1471 TYR A OH  1 
ATOM   759  N  N   . GLU A 1 102 ? -12.857 -0.819  2.873   1.00 20.66 ? 1472 GLU A N   1 
ATOM   760  C  CA  . GLU A 1 102 ? -12.559 -1.380  4.180   1.00 21.23 ? 1472 GLU A CA  1 
ATOM   761  C  C   . GLU A 1 102 ? -11.205 -2.054  4.277   1.00 18.83 ? 1472 GLU A C   1 
ATOM   762  O  O   . GLU A 1 102 ? -10.531 -1.914  5.295   1.00 21.73 ? 1472 GLU A O   1 
ATOM   763  C  CB  . GLU A 1 102 ? -13.634 -2.382  4.613   1.00 24.21 ? 1472 GLU A CB  1 
ATOM   764  C  CG  . GLU A 1 102 ? -15.031 -1.784  4.742   1.00 27.98 ? 1472 GLU A CG  1 
ATOM   765  C  CD  . GLU A 1 102 ? -15.135 -0.758  5.849   1.00 33.74 ? 1472 GLU A CD  1 
ATOM   766  O  OE1 . GLU A 1 102 ? -14.357 -0.816  6.847   1.00 37.05 ? 1472 GLU A OE1 1 
ATOM   767  O  OE2 . GLU A 1 102 ? -16.010 0.121   5.698   1.00 45.51 ? 1472 GLU A OE2 1 
ATOM   768  N  N   . ASP A 1 103 ? -10.793 -2.752  3.207   1.00 18.21 ? 1473 ASP A N   1 
ATOM   769  C  CA  . ASP A 1 103 ? -9.497  -3.416  3.190   1.00 19.23 ? 1473 ASP A CA  1 
ATOM   770  C  C   . ASP A 1 103 ? -8.365  -2.403  3.295   1.00 19.07 ? 1473 ASP A C   1 
ATOM   771  O  O   . ASP A 1 103 ? -7.384  -2.656  3.995   1.00 20.10 ? 1473 ASP A O   1 
ATOM   772  C  CB  . ASP A 1 103 ? -9.300  -4.245  1.908   1.00 20.19 ? 1473 ASP A CB  1 
ATOM   773  C  CG  . ASP A 1 103 ? -10.197 -5.476  1.818   1.00 23.47 ? 1473 ASP A CG  1 
ATOM   774  O  OD1 . ASP A 1 103 ? -10.785 -5.911  2.858   1.00 25.75 ? 1473 ASP A OD1 1 
ATOM   775  O  OD2 . ASP A 1 103 ? -10.338 -5.980  0.669   1.00 24.93 ? 1473 ASP A OD2 1 
ATOM   776  N  N   . SER A 1 104 ? -8.513  -1.265  2.599   1.00 19.57 ? 1474 SER A N   1 
ATOM   777  C  CA  . SER A 1 104 ? -7.482  -0.204  2.642   1.00 20.06 ? 1474 SER A CA  1 
ATOM   778  C  C   . SER A 1 104 ? -7.293  0.335   4.059   1.00 20.17 ? 1474 SER A C   1 
ATOM   779  O  O   . SER A 1 104 ? -6.169  0.586   4.452   1.00 21.84 ? 1474 SER A O   1 
ATOM   780  C  CB  . SER A 1 104 ? -7.791  0.929   1.635   1.00 19.58 ? 1474 SER A CB  1 
ATOM   781  O  OG  . SER A 1 104 ? -8.835  1.753   2.109   1.00 21.05 ? 1474 SER A OG  1 
ATOM   782  N  N   . ILE A 1 105 ? -8.370  0.403   4.858   1.00 20.89 ? 1475 ILE A N   1 
ATOM   783  C  CA  . ILE A 1 105 ? -8.247  0.814   6.264   1.00 22.98 ? 1475 ILE A CA  1 
ATOM   784  C  C   . ILE A 1 105 ? -7.463  -0.208  7.095   1.00 22.38 ? 1475 ILE A C   1 
ATOM   785  O  O   . ILE A 1 105 ? -6.574  0.145   7.875   1.00 23.14 ? 1475 ILE A O   1 
ATOM   786  C  CB  . ILE A 1 105 ? -9.651  1.066   6.867   1.00 23.40 ? 1475 ILE A CB  1 
ATOM   787  C  CG1 . ILE A 1 105 ? -10.344 2.218   6.174   1.00 23.80 ? 1475 ILE A CG1 1 
ATOM   788  C  CG2 . ILE A 1 105 ? -9.557  1.297   8.374   1.00 26.24 ? 1475 ILE A CG2 1 
ATOM   789  C  CD1 . ILE A 1 105 ? -11.811 2.336   6.541   1.00 25.80 ? 1475 ILE A CD1 1 
ATOM   790  N  N   . VAL A 1 106 ? -7.754  -1.500  6.901   1.00 21.22 ? 1476 VAL A N   1 
ATOM   791  C  CA  . VAL A 1 106 ? -7.041  -2.554  7.608   1.00 21.69 ? 1476 VAL A CA  1 
ATOM   792  C  C   . VAL A 1 106 ? -5.546  -2.486  7.244   1.00 21.76 ? 1476 VAL A C   1 
ATOM   793  O  O   . VAL A 1 106 ? -4.670  -2.581  8.074   1.00 22.86 ? 1476 VAL A O   1 
ATOM   794  C  CB  . VAL A 1 106 ? -7.645  -3.939  7.308   1.00 22.52 ? 1476 VAL A CB  1 
ATOM   795  C  CG1 . VAL A 1 106 ? -6.767  -5.029  7.911   1.00 22.73 ? 1476 VAL A CG1 1 
ATOM   796  C  CG2 . VAL A 1 106 ? -9.096  -3.984  7.835   1.00 26.09 ? 1476 VAL A CG2 1 
ATOM   797  N  N   . LEU A 1 107 ? -5.257  -2.295  5.955   1.00 23.40 ? 1477 LEU A N   1 
ATOM   798  C  CA  . LEU A 1 107 ? -3.862  -2.288  5.542   1.00 23.17 ? 1477 LEU A CA  1 
ATOM   799  C  C   . LEU A 1 107 ? -3.073  -1.109  6.128   1.00 21.80 ? 1477 LEU A C   1 
ATOM   800  O  O   . LEU A 1 107 ? -1.884  -1.259  6.423   1.00 21.78 ? 1477 LEU A O   1 
ATOM   801  C  CB  . LEU A 1 107 ? -3.746  -2.339  4.009   1.00 22.92 ? 1477 LEU A CB  1 
ATOM   802  C  CG  . LEU A 1 107 ? -4.114  -3.664  3.351   1.00 23.99 ? 1477 LEU A CG  1 
ATOM   803  C  CD1 . LEU A 1 107 ? -4.058  -3.502  1.829   1.00 27.98 ? 1477 LEU A CD1 1 
ATOM   804  C  CD2 . LEU A 1 107 ? -3.189  -4.782  3.794   1.00 25.11 ? 1477 LEU A CD2 1 
ATOM   805  N  N   . GLN A 1 108 ? -3.705  0.019   6.358   1.00 21.25 ? 1478 GLN A N   1 
ATOM   806  C  CA  . GLN A 1 108 ? -3.043  1.124   7.097   1.00 23.71 ? 1478 GLN A CA  1 
ATOM   807  C  C   . GLN A 1 108 ? -2.561  0.629   8.462   1.00 25.52 ? 1478 GLN A C   1 
ATOM   808  O  O   . GLN A 1 108 ? -1.397  0.821   8.863   1.00 23.69 ? 1478 GLN A O   1 
ATOM   809  C  CB  . GLN A 1 108 ? -3.974  2.266   7.333   1.00 26.03 ? 1478 GLN A CB  1 
ATOM   810  C  CG  . GLN A 1 108 ? -4.470  2.962   6.108   1.00 26.61 ? 1478 GLN A CG  1 
ATOM   811  C  CD  . GLN A 1 108 ? -5.569  3.950   6.403   1.00 30.96 ? 1478 GLN A CD  1 
ATOM   812  O  OE1 . GLN A 1 108 ? -6.165  3.955   7.508   1.00 38.85 ? 1478 GLN A OE1 1 
ATOM   813  N  NE2 . GLN A 1 108 ? -5.854  4.779   5.460   1.00 30.91 ? 1478 GLN A NE2 1 
ATOM   814  N  N   . SER A 1 109 ? -3.460  -0.053  9.179   1.00 25.15 ? 1479 SER A N   1 
ATOM   815  C  CA  . SER A 1 109 ? -3.092  -0.627  10.489  1.00 27.13 ? 1479 SER A CA  1 
ATOM   816  C  C   . SER A 1 109 ? -2.025  -1.672  10.455  1.00 26.83 ? 1479 SER A C   1 
ATOM   817  O  O   . SER A 1 109 ? -1.127  -1.683  11.316  1.00 28.72 ? 1479 SER A O   1 
ATOM   818  C  CB  . SER A 1 109 ? -4.316  -1.259  11.188  1.00 30.47 ? 1479 SER A CB  1 
ATOM   819  O  OG  . SER A 1 109 ? -5.419  -0.393  11.100  1.00 39.75 ? 1479 SER A OG  1 
ATOM   820  N  N   . VAL A 1 110 ? -2.093  -2.570  9.474   1.00 23.82 ? 1480 VAL A N   1 
ATOM   821  C  CA  . VAL A 1 110 ? -1.096  -3.579  9.277   1.00 24.05 ? 1480 VAL A CA  1 
ATOM   822  C  C   . VAL A 1 110 ? 0.275   -2.933  9.025   1.00 24.03 ? 1480 VAL A C   1 
ATOM   823  O  O   . VAL A 1 110 ? 1.294   -3.401  9.580   1.00 24.45 ? 1480 VAL A O   1 
ATOM   824  C  CB  . VAL A 1 110 ? -1.464  -4.500  8.115   1.00 25.04 ? 1480 VAL A CB  1 
ATOM   825  C  CG1 . VAL A 1 110 ? -0.332  -5.460  7.796   1.00 25.78 ? 1480 VAL A CG1 1 
ATOM   826  C  CG2 . VAL A 1 110 ? -2.716  -5.309  8.451   1.00 26.77 ? 1480 VAL A CG2 1 
ATOM   827  N  N   . PHE A 1 111 ? 0.282   -1.860  8.226   1.00 23.54 ? 1481 PHE A N   1 
ATOM   828  C  CA  . PHE A 1 111 ? 1.551   -1.152  8.003   1.00 24.40 ? 1481 PHE A CA  1 
ATOM   829  C  C   . PHE A 1 111 ? 2.137   -0.637  9.327   1.00 24.96 ? 1481 PHE A C   1 
ATOM   830  O  O   . PHE A 1 111 ? 3.318   -0.869  9.608   1.00 27.53 ? 1481 PHE A O   1 
ATOM   831  C  CB  . PHE A 1 111 ? 1.432   -0.008  6.988   1.00 23.66 ? 1481 PHE A CB  1 
ATOM   832  C  CG  . PHE A 1 111 ? 2.737   0.706   6.787   1.00 24.43 ? 1481 PHE A CG  1 
ATOM   833  C  CD1 . PHE A 1 111 ? 3.640   0.262   5.837   1.00 26.64 ? 1481 PHE A CD1 1 
ATOM   834  C  CD2 . PHE A 1 111 ? 3.090   1.764   7.625   1.00 27.02 ? 1481 PHE A CD2 1 
ATOM   835  C  CE1 . PHE A 1 111 ? 4.880   0.888   5.692   1.00 27.09 ? 1481 PHE A CE1 1 
ATOM   836  C  CE2 . PHE A 1 111 ? 4.326   2.379   7.490   1.00 28.19 ? 1481 PHE A CE2 1 
ATOM   837  C  CZ  . PHE A 1 111 ? 5.208   1.934   6.527   1.00 25.80 ? 1481 PHE A CZ  1 
ATOM   838  N  N   . LYS A 1 112 ? 1.312   0.061   10.083  1.00 27.50 ? 1482 LYS A N   1 
ATOM   839  C  CA  . LYS A 1 112 ? 1.765   0.684   11.334  1.00 31.81 ? 1482 LYS A CA  1 
ATOM   840  C  C   . LYS A 1 112 ? 2.247   -0.356  12.353  1.00 34.64 ? 1482 LYS A C   1 
ATOM   841  O  O   . LYS A 1 112 ? 3.250   -0.141  13.028  1.00 36.16 ? 1482 LYS A O   1 
ATOM   842  C  CB  . LYS A 1 112 ? 0.683   1.564   11.925  1.00 34.31 ? 1482 LYS A CB  1 
ATOM   843  C  CG  . LYS A 1 112 ? 0.391   2.816   11.124  1.00 38.01 ? 1482 LYS A CG  1 
ATOM   844  C  CD  . LYS A 1 112 ? -0.829  3.530   11.662  1.00 44.90 ? 1482 LYS A CD  1 
ATOM   845  C  CE  . LYS A 1 112 ? -1.380  4.559   10.691  1.00 48.33 ? 1482 LYS A CE  1 
ATOM   846  N  NZ  . LYS A 1 112 ? -0.694  5.873   10.759  1.00 54.06 ? 1482 LYS A NZ  1 
ATOM   847  N  N   . SER A 1 113 ? 1.582   -1.500  12.431  1.00 33.16 ? 1483 SER A N   1 
ATOM   848  C  CA  . SER A 1 113 ? 2.044   -2.593  13.314  1.00 36.18 ? 1483 SER A CA  1 
ATOM   849  C  C   . SER A 1 113 ? 3.337   -3.250  12.859  1.00 35.51 ? 1483 SER A C   1 
ATOM   850  O  O   . SER A 1 113 ? 4.205   -3.588  13.677  1.00 36.68 ? 1483 SER A O   1 
ATOM   851  C  CB  . SER A 1 113 ? 0.948   -3.651  13.429  1.00 37.84 ? 1483 SER A CB  1 
ATOM   852  O  OG  . SER A 1 113 ? -0.200  -3.032  13.944  1.00 40.82 ? 1483 SER A OG  1 
ATOM   853  N  N   . ALA A 1 114 ? 3.482   -3.428  11.553  1.00 32.02 ? 1484 ALA A N   1 
ATOM   854  C  CA  . ALA A 1 114 ? 4.671   -4.015  11.002  1.00 32.55 ? 1484 ALA A CA  1 
ATOM   855  C  C   . ALA A 1 114 ? 5.855   -3.071  11.299  1.00 34.84 ? 1484 ALA A C   1 
ATOM   856  O  O   . ALA A 1 114 ? 6.947   -3.510  11.672  1.00 33.37 ? 1484 ALA A O   1 
ATOM   857  C  CB  . ALA A 1 114 ? 4.519   -4.239  9.513   1.00 34.81 ? 1484 ALA A CB  1 
ATOM   858  N  N   . ARG A 1 115 ? 5.619   -1.780  11.161  1.00 33.20 ? 1485 ARG A N   1 
ATOM   859  C  CA  . ARG A 1 115 ? 6.690   -0.813  11.371  1.00 36.69 ? 1485 ARG A CA  1 
ATOM   860  C  C   . ARG A 1 115 ? 7.069   -0.783  12.861  1.00 39.92 ? 1485 ARG A C   1 
ATOM   861  O  O   . ARG A 1 115 ? 8.251   -0.714  13.207  1.00 41.16 ? 1485 ARG A O   1 
ATOM   862  C  CB  . ARG A 1 115 ? 6.255   0.566   10.919  1.00 35.82 ? 1485 ARG A CB  1 
ATOM   863  C  CG  . ARG A 1 115 ? 7.392   1.572   10.892  1.00 37.34 ? 1485 ARG A CG  1 
ATOM   864  C  CD  . ARG A 1 115 ? 6.914   2.976   10.596  1.00 36.49 ? 1485 ARG A CD  1 
ATOM   865  N  NE  . ARG A 1 115 ? 7.917   3.934   11.059  1.00 35.91 ? 1485 ARG A NE  1 
ATOM   866  C  CZ  . ARG A 1 115 ? 7.897   5.240   10.844  1.00 35.50 ? 1485 ARG A CZ  1 
ATOM   867  N  NH1 . ARG A 1 115 ? 6.920   5.813   10.154  1.00 32.51 ? 1485 ARG A NH1 1 
ATOM   868  N  NH2 . ARG A 1 115 ? 8.887   5.989   11.340  1.00 37.21 ? 1485 ARG A NH2 1 
ATOM   869  N  N   . GLN A 1 116 ? 6.068   -0.825  13.736  1.00 41.42 ? 1486 GLN A N   1 
ATOM   870  C  CA  . GLN A 1 116 ? 6.347   -0.896  15.189  1.00 48.18 ? 1486 GLN A CA  1 
ATOM   871  C  C   . GLN A 1 116 ? 7.129   -2.167  15.567  1.00 47.86 ? 1486 GLN A C   1 
ATOM   872  O  O   . GLN A 1 116 ? 8.153   -2.099  16.281  1.00 44.36 ? 1486 GLN A O   1 
ATOM   873  C  CB  . GLN A 1 116 ? 5.062   -0.754  16.009  1.00 50.64 ? 1486 GLN A CB  1 
ATOM   874  C  CG  . GLN A 1 116 ? 4.497   0.665   16.011  1.00 57.82 ? 1486 GLN A CG  1 
ATOM   875  C  CD  . GLN A 1 116 ? 5.531   1.740   16.399  1.00 63.33 ? 1486 GLN A CD  1 
ATOM   876  O  OE1 . GLN A 1 116 ? 5.918   1.850   17.568  1.00 65.64 ? 1486 GLN A OE1 1 
ATOM   877  N  NE2 . GLN A 1 116 ? 5.982   2.537   15.413  1.00 62.40 ? 1486 GLN A NE2 1 
ATOM   878  N  N   . LYS A 1 117 ? 6.686   -3.307  15.050  1.00 45.90 ? 1487 LYS A N   1 
ATOM   879  C  CA  . LYS A 1 117 ? 7.323   -4.601  15.329  1.00 52.37 ? 1487 LYS A CA  1 
ATOM   880  C  C   . LYS A 1 117 ? 8.751   -4.730  14.772  1.00 55.15 ? 1487 LYS A C   1 
ATOM   881  O  O   . LYS A 1 117 ? 9.672   -5.139  15.485  1.00 57.88 ? 1487 LYS A O   1 
ATOM   882  C  CB  . LYS A 1 117 ? 6.449   -5.743  14.791  1.00 56.84 ? 1487 LYS A CB  1 
ATOM   883  C  CG  . LYS A 1 117 ? 7.167   -7.067  14.586  1.00 63.83 ? 1487 LYS A CG  1 
ATOM   884  C  CD  . LYS A 1 117 ? 6.180   -8.186  14.287  1.00 68.55 ? 1487 LYS A CD  1 
ATOM   885  C  CE  . LYS A 1 117 ? 6.865   -9.548  14.273  1.00 72.58 ? 1487 LYS A CE  1 
ATOM   886  N  NZ  . LYS A 1 117 ? 5.886   -10.666 14.432  1.00 74.34 ? 1487 LYS A NZ  1 
ATOM   887  N  N   . ILE A 1 118 ? 8.923   -4.408  13.498  1.00 52.61 ? 1488 ILE A N   1 
ATOM   888  C  CA  . ILE A 1 118 ? 10.200  -4.627  12.805  1.00 53.38 ? 1488 ILE A CA  1 
ATOM   889  C  C   . ILE A 1 118 ? 11.256  -3.581  13.193  1.00 51.56 ? 1488 ILE A C   1 
ATOM   890  O  O   . ILE A 1 118 ? 12.442  -3.919  13.336  1.00 49.46 ? 1488 ILE A O   1 
ATOM   891  C  CB  . ILE A 1 118 ? 9.999   -4.651  11.264  1.00 54.97 ? 1488 ILE A CB  1 
ATOM   892  C  CG1 . ILE A 1 118 ? 9.111   -5.834  10.839  1.00 58.52 ? 1488 ILE A CG1 1 
ATOM   893  C  CG2 . ILE A 1 118 ? 11.329  -4.680  10.513  1.00 56.36 ? 1488 ILE A CG2 1 
ATOM   894  C  CD1 . ILE A 1 118 ? 9.699   -7.212  11.090  1.00 61.71 ? 1488 ILE A CD1 1 
ATOM   895  N  N   . ALA A 1 119 ? 10.822  -2.334  13.382  1.00 49.84 ? 1489 ALA A N   1 
ATOM   896  C  CA  . ALA A 1 119 ? 11.736  -1.211  13.648  1.00 51.46 ? 1489 ALA A CA  1 
ATOM   897  C  C   . ALA A 1 119 ? 12.001  -0.949  15.142  1.00 54.82 ? 1489 ALA A C   1 
ATOM   898  O  O   . ALA A 1 119 ? 13.007  -0.319  15.484  1.00 56.27 ? 1489 ALA A O   1 
ATOM   899  C  CB  . ALA A 1 119 ? 11.216  0.059   12.985  1.00 52.30 ? 1489 ALA A CB  1 
ATOM   900  N  N   . LYS A 1 120 ? 11.107  -1.400  16.020  1.00 57.66 ? 1490 LYS A N   1 
ATOM   901  C  CA  . LYS A 1 120 ? 11.311  -1.266  17.473  1.00 62.94 ? 1490 LYS A CA  1 
ATOM   902  C  C   . LYS A 1 120 ? 11.296  -2.638  18.153  1.00 62.89 ? 1490 LYS A C   1 
ATOM   903  O  O   . LYS A 1 120 ? 12.082  -3.524  17.806  1.00 60.95 ? 1490 LYS A O   1 
ATOM   904  C  CB  . LYS A 1 120 ? 10.238  -0.367  18.101  1.00 66.49 ? 1490 LYS A CB  1 
ATOM   905  C  CG  . LYS A 1 120 ? 9.908   0.892   17.307  1.00 69.30 ? 1490 LYS A CG  1 
ATOM   906  C  CD  . LYS A 1 120 ? 11.052  1.893   17.298  1.00 68.43 ? 1490 LYS A CD  1 
ATOM   907  C  CE  . LYS A 1 120 ? 10.884  2.892   16.162  1.00 73.13 ? 1490 LYS A CE  1 
ATOM   908  N  NZ  . LYS A 1 120 ? 11.519  4.203   16.470  1.00 74.53 ? 1490 LYS A NZ  1 
HETATM 909  ZN ZN  . ZN  B 2 .   ? 20.430  -1.240  -5.335  1.00 31.37 ? 1501 ZN  A ZN  1 
HETATM 910  C  CAW . 5BW C 3 .   ? -11.809 -1.925  -12.720 1.00 23.74 ? 1502 5BW A CAW 1 
HETATM 911  C  CAV . 5BW C 3 .   ? -11.422 -2.080  -14.054 1.00 25.98 ? 1502 5BW A CAV 1 
HETATM 912  C  CAU . 5BW C 3 .   ? -10.347 -2.896  -14.346 1.00 22.81 ? 1502 5BW A CAU 1 
HETATM 913  C  CAT . 5BW C 3 .   ? -9.655  -3.518  -13.324 1.00 23.67 ? 1502 5BW A CAT 1 
HETATM 914  N  NAS . 5BW C 3 .   ? -10.032 -3.352  -11.997 1.00 23.69 ? 1502 5BW A NAS 1 
HETATM 915  C  CAR . 5BW C 3 .   ? -11.103 -2.573  -11.724 1.00 24.02 ? 1502 5BW A CAR 1 
HETATM 916  N  NAO . 5BW C 3 .   ? -11.470 -2.454  -10.441 1.00 24.48 ? 1502 5BW A NAO 1 
HETATM 917  C  CAN . 5BW C 3 .   ? -12.329 -1.422  -9.876  1.00 24.58 ? 1502 5BW A CAN 1 
HETATM 918  C  CAM . 5BW C 3 .   ? -11.897 -1.507  -8.449  1.00 24.76 ? 1502 5BW A CAM 1 
HETATM 919  C  CAX . 5BW C 3 .   ? -11.896 -2.960  -8.238  1.00 25.74 ? 1502 5BW A CAX 1 
HETATM 920  C  CAP . 5BW C 3 .   ? -10.878 -3.172  -9.352  1.00 23.76 ? 1502 5BW A CAP 1 
HETATM 921  C  CAQ . 5BW C 3 .   ? -9.695  -2.355  -8.814  1.00 23.86 ? 1502 5BW A CAQ 1 
HETATM 922  N  NAL . 5BW C 3 .   ? -10.470 -1.123  -8.468  1.00 23.88 ? 1502 5BW A NAL 1 
HETATM 923  C  CAK . 5BW C 3 .   ? -10.009 -0.277  -7.559  1.00 21.99 ? 1502 5BW A CAK 1 
HETATM 924  C  CAH . 5BW C 3 .   ? -8.533  -0.154  -7.367  1.00 19.79 ? 1502 5BW A CAH 1 
HETATM 925  C  CAG . 5BW C 3 .   ? -7.987  0.893   -6.424  1.00 21.39 ? 1502 5BW A CAG 1 
HETATM 926  O  OAI . 5BW C 3 .   ? -8.809  1.661   -5.894  1.00 21.39 ? 1502 5BW A OAI 1 
HETATM 927  C  CAE . 5BW C 3 .   ? -6.595  0.888   -6.190  1.00 18.62 ? 1502 5BW A CAE 1 
HETATM 928  C  CAF . 5BW C 3 .   ? -5.697  -0.124  -6.667  1.00 19.86 ? 1502 5BW A CAF 1 
HETATM 929  C  CAA . 5BW C 3 .   ? -4.353  -0.067  -6.384  1.00 20.06 ? 1502 5BW A CAA 1 
HETATM 930  C  CAB . 5BW C 3 .   ? -3.831  0.957   -5.602  1.00 20.29 ? 1502 5BW A CAB 1 
HETATM 931  C  CAC . 5BW C 3 .   ? -4.667  1.952   -5.107  1.00 18.83 ? 1502 5BW A CAC 1 
HETATM 932  C  CAD . 5BW C 3 .   ? -6.019  1.915   -5.421  1.00 18.90 ? 1502 5BW A CAD 1 
HETATM 933  O  OAJ . 5BW C 3 .   ? -6.878  2.906   -5.031  1.00 20.61 ? 1502 5BW A OAJ 1 
HETATM 934  O  O   . HOH D 4 .   ? -9.945  -5.614  -1.738  1.00 30.10 ? 1601 HOH A O   1 
HETATM 935  O  O   . HOH D 4 .   ? -15.923 3.194   -12.229 1.00 48.57 ? 1602 HOH A O   1 
HETATM 936  O  O   . HOH D 4 .   ? -5.195  -1.608  -20.825 1.00 43.12 ? 1603 HOH A O   1 
HETATM 937  O  O   . HOH D 4 .   ? 4.310   2.482   13.428  1.00 41.11 ? 1604 HOH A O   1 
HETATM 938  O  O   . HOH D 4 .   ? 7.200   9.265   0.265   1.00 38.17 ? 1605 HOH A O   1 
HETATM 939  O  O   . HOH D 4 .   ? -14.838 -0.512  -5.781  1.00 37.87 ? 1606 HOH A O   1 
HETATM 940  O  O   . HOH D 4 .   ? -5.521  -17.937 1.609   1.00 33.92 ? 1607 HOH A O   1 
HETATM 941  O  O   . HOH D 4 .   ? 12.457  9.748   0.427   1.00 45.95 ? 1608 HOH A O   1 
HETATM 942  O  O   . HOH D 4 .   ? -8.186  -8.259  9.261   1.00 32.20 ? 1609 HOH A O   1 
HETATM 943  O  O   . HOH D 4 .   ? 1.081   8.033   8.744   1.00 46.20 ? 1610 HOH A O   1 
HETATM 944  O  O   . HOH D 4 .   ? 14.572  9.825   -3.167  1.00 41.42 ? 1611 HOH A O   1 
HETATM 945  O  O   . HOH D 4 .   ? 6.053   -8.688  -0.880  1.00 42.37 ? 1612 HOH A O   1 
HETATM 946  O  O   . HOH D 4 .   ? -10.983 -5.973  5.509   1.00 31.41 ? 1613 HOH A O   1 
HETATM 947  O  O   . HOH D 4 .   ? 5.239   9.380   7.319   1.00 38.71 ? 1614 HOH A O   1 
HETATM 948  O  O   . HOH D 4 .   ? -16.039 8.183   3.509   1.00 31.18 ? 1615 HOH A O   1 
HETATM 949  O  O   . HOH D 4 .   ? 6.330   -0.109  -10.990 1.00 38.99 ? 1616 HOH A O   1 
HETATM 950  O  O   . HOH D 4 .   ? 18.163  -2.576  -4.906  1.00 33.55 ? 1617 HOH A O   1 
HETATM 951  O  O   . HOH D 4 .   ? -11.995 -1.758  7.668   1.00 31.61 ? 1618 HOH A O   1 
HETATM 952  O  O   . HOH D 4 .   ? 1.835   -10.581 7.030   1.00 31.71 ? 1619 HOH A O   1 
HETATM 953  O  O   . HOH D 4 .   ? -11.910 -12.359 8.293   1.00 37.62 ? 1620 HOH A O   1 
HETATM 954  O  O   . HOH D 4 .   ? -10.135 -18.524 10.961  1.00 34.71 ? 1621 HOH A O   1 
HETATM 955  O  O   . HOH D 4 .   ? -5.011  8.851   -18.358 1.00 55.04 ? 1622 HOH A O   1 
HETATM 956  O  O   . HOH D 4 .   ? -4.156  10.900  -12.430 1.00 34.52 ? 1623 HOH A O   1 
HETATM 957  O  O   . HOH D 4 .   ? -2.463  -8.236  2.473   1.00 22.17 ? 1624 HOH A O   1 
HETATM 958  O  O   . HOH D 4 .   ? -3.311  5.010   -5.943  1.00 20.75 ? 1625 HOH A O   1 
HETATM 959  O  O   . HOH D 4 .   ? -10.361 -8.354  6.809   1.00 33.71 ? 1626 HOH A O   1 
HETATM 960  O  O   . HOH D 4 .   ? -8.702  -5.211  -19.770 1.00 34.97 ? 1627 HOH A O   1 
HETATM 961  O  O   . HOH D 4 .   ? 1.013   -7.212  -10.691 1.00 46.90 ? 1628 HOH A O   1 
HETATM 962  O  O   . HOH D 4 .   ? -7.611  -7.172  -2.264  1.00 26.55 ? 1629 HOH A O   1 
HETATM 963  O  O   . HOH D 4 .   ? 3.900   4.599   12.098  1.00 42.95 ? 1630 HOH A O   1 
HETATM 964  O  O   . HOH D 4 .   ? -6.250  -2.932  -9.127  1.00 22.20 ? 1631 HOH A O   1 
HETATM 965  O  O   . HOH D 4 .   ? -5.107  -12.637 10.404  1.00 32.69 ? 1632 HOH A O   1 
HETATM 966  O  O   . HOH D 4 .   ? 8.819   3.645   -13.615 1.00 36.18 ? 1633 HOH A O   1 
HETATM 967  O  O   . HOH D 4 .   ? 16.134  10.195  -7.167  1.00 36.27 ? 1634 HOH A O   1 
HETATM 968  O  O   . HOH D 4 .   ? -2.233  -1.969  -15.205 1.00 42.06 ? 1635 HOH A O   1 
HETATM 969  O  O   . HOH D 4 .   ? 8.100   -3.354  -8.498  1.00 29.90 ? 1636 HOH A O   1 
HETATM 970  O  O   . HOH D 4 .   ? -11.246 3.298   -22.112 1.00 49.10 ? 1637 HOH A O   1 
HETATM 971  O  O   . HOH D 4 .   ? 4.211   10.071  -0.591  1.00 41.16 ? 1638 HOH A O   1 
HETATM 972  O  O   . HOH D 4 .   ? -12.230 -11.795 3.842   1.00 41.16 ? 1639 HOH A O   1 
HETATM 973  O  O   . HOH D 4 .   ? 0.471   10.350  2.371   1.00 29.95 ? 1640 HOH A O   1 
HETATM 974  O  O   . HOH D 4 .   ? -3.511  -6.036  -8.324  1.00 24.47 ? 1641 HOH A O   1 
HETATM 975  O  O   . HOH D 4 .   ? -14.390 10.729  -4.059  1.00 47.46 ? 1642 HOH A O   1 
HETATM 976  O  O   . HOH D 4 .   ? 3.402   0.248   -10.695 1.00 35.11 ? 1643 HOH A O   1 
HETATM 977  O  O   . HOH D 4 .   ? 1.218   -0.701  -12.177 1.00 53.41 ? 1644 HOH A O   1 
HETATM 978  O  O   . HOH D 4 .   ? -8.241  9.275   -17.574 1.00 41.23 ? 1645 HOH A O   1 
HETATM 979  O  O   . HOH D 4 .   ? -3.927  11.383  -4.985  1.00 27.77 ? 1646 HOH A O   1 
HETATM 980  O  O   . HOH D 4 .   ? -12.818 -18.138 4.395   1.00 33.27 ? 1647 HOH A O   1 
HETATM 981  O  O   . HOH D 4 .   ? -6.437  -4.644  -14.372 1.00 39.61 ? 1648 HOH A O   1 
HETATM 982  O  O   . HOH D 4 .   ? -4.325  6.982   4.516   1.00 26.75 ? 1649 HOH A O   1 
HETATM 983  O  O   . HOH D 4 .   ? -7.937  -4.578  -10.538 1.00 26.41 ? 1650 HOH A O   1 
HETATM 984  O  O   . HOH D 4 .   ? -6.626  -14.202 -0.903  1.00 29.03 ? 1651 HOH A O   1 
HETATM 985  O  O   . HOH D 4 .   ? -11.648 -2.400  -17.526 1.00 28.21 ? 1652 HOH A O   1 
HETATM 986  O  O   . HOH D 4 .   ? -6.402  2.181   9.863   1.00 35.30 ? 1653 HOH A O   1 
HETATM 987  O  O   . HOH D 4 .   ? 11.434  -3.942  -3.623  1.00 34.53 ? 1654 HOH A O   1 
HETATM 988  O  O   . HOH D 4 .   ? -1.690  -0.444  13.836  1.00 41.22 ? 1655 HOH A O   1 
HETATM 989  O  O   . HOH D 4 .   ? -6.998  10.821  -3.111  1.00 31.46 ? 1656 HOH A O   1 
HETATM 990  O  O   . HOH D 4 .   ? -6.228  -10.937 11.651  1.00 56.39 ? 1657 HOH A O   1 
HETATM 991  O  O   . HOH D 4 .   ? -1.595  10.740  -13.227 1.00 47.01 ? 1658 HOH A O   1 
HETATM 992  O  O   . HOH D 4 .   ? 13.893  5.629   8.999   1.00 44.09 ? 1659 HOH A O   1 
HETATM 993  O  O   . HOH D 4 .   ? -19.599 8.284   1.463   1.00 30.64 ? 1660 HOH A O   1 
HETATM 994  O  O   . HOH D 4 .   ? -18.974 6.607   -0.657  1.00 29.70 ? 1661 HOH A O   1 
HETATM 995  O  O   . HOH D 4 .   ? -17.908 -4.676  -1.546  1.00 33.05 ? 1662 HOH A O   1 
HETATM 996  O  O   . HOH D 4 .   ? -10.919 6.310   6.882   1.00 41.78 ? 1663 HOH A O   1 
HETATM 997  O  O   . HOH D 4 .   ? -7.431  8.073   3.820   1.00 39.55 ? 1664 HOH A O   1 
HETATM 998  O  O   . HOH D 4 .   ? -16.797 1.025   -4.986  1.00 28.41 ? 1665 HOH A O   1 
HETATM 999  O  O   . HOH D 4 .   ? -1.978  3.102   -17.954 1.00 37.45 ? 1666 HOH A O   1 
HETATM 1000 O  O   . HOH D 4 .   ? -15.643 -7.199  2.814   1.00 44.21 ? 1667 HOH A O   1 
HETATM 1001 O  O   . HOH D 4 .   ? 2.999   8.062   -6.765  1.00 32.63 ? 1668 HOH A O   1 
HETATM 1002 O  O   . HOH D 4 .   ? 5.246   -11.114 -1.400  1.00 47.55 ? 1669 HOH A O   1 
HETATM 1003 O  O   . HOH D 4 .   ? 11.395  8.239   9.397   1.00 36.38 ? 1670 HOH A O   1 
HETATM 1004 O  O   . HOH D 4 .   ? -9.105  -10.621 10.358  1.00 38.05 ? 1671 HOH A O   1 
HETATM 1005 O  O   . HOH D 4 .   ? -3.706  2.640   -20.649 1.00 38.86 ? 1672 HOH A O   1 
HETATM 1006 O  O   . HOH D 4 .   ? -1.183  -13.141 7.753   1.00 29.99 ? 1673 HOH A O   1 
HETATM 1007 O  O   . HOH D 4 .   ? -15.041 -3.679  -3.089  1.00 34.95 ? 1674 HOH A O   1 
HETATM 1008 O  O   . HOH D 4 .   ? -8.727  -9.647  -1.758  1.00 30.03 ? 1675 HOH A O   1 
HETATM 1009 O  O   . HOH D 4 .   ? -14.059 -0.107  -16.132 1.00 32.86 ? 1676 HOH A O   1 
HETATM 1010 O  O   . HOH D 4 .   ? -6.341  13.276  -2.178  1.00 34.46 ? 1677 HOH A O   1 
HETATM 1011 O  O   . HOH D 4 .   ? 8.924   9.024   11.036  1.00 46.84 ? 1678 HOH A O   1 
HETATM 1012 O  O   . HOH D 4 .   ? 11.498  -5.338  -5.960  1.00 44.42 ? 1679 HOH A O   1 
HETATM 1013 O  O   . HOH D 4 .   ? -8.301  -1.585  10.884  1.00 39.77 ? 1680 HOH A O   1 
HETATM 1014 O  O   . HOH D 4 .   ? -12.000 -6.471  -3.294  1.00 43.67 ? 1681 HOH A O   1 
HETATM 1015 O  O   . HOH D 4 .   ? -4.267  11.781  -15.237 1.00 44.34 ? 1682 HOH A O   1 
HETATM 1016 O  O   . HOH D 4 .   ? 8.472   -2.433  -11.186 1.00 35.72 ? 1683 HOH A O   1 
HETATM 1017 O  O   . HOH D 4 .   ? 20.926  -2.697  -3.802  1.00 26.90 ? 1684 HOH A O   1 
HETATM 1018 O  O   . HOH D 4 .   ? -7.043  11.774  -16.389 1.00 52.41 ? 1685 HOH A O   1 
HETATM 1019 O  O   . HOH D 4 .   ? -13.011 1.645   -19.642 1.00 53.74 ? 1686 HOH A O   1 
HETATM 1020 O  O   . HOH D 4 .   ? -4.879  -4.478  -12.842 1.00 44.08 ? 1687 HOH A O   1 
HETATM 1021 O  O   . HOH D 4 .   ? -6.067  14.049  -11.519 1.00 44.90 ? 1688 HOH A O   1 
HETATM 1022 O  O   . HOH D 4 .   ? -9.894  -19.244 1.930   1.00 44.55 ? 1689 HOH A O   1 
HETATM 1023 O  O   . HOH D 4 .   ? 2.387   9.121   6.547   1.00 42.69 ? 1690 HOH A O   1 
HETATM 1024 O  O   . HOH D 4 .   ? -4.126  2.996   11.087  1.00 44.17 ? 1691 HOH A O   1 
HETATM 1025 O  O   . HOH D 4 .   ? -2.350  10.449  1.950   1.00 33.37 ? 1692 HOH A O   1 
HETATM 1026 O  O   . HOH D 4 .   ? 1.635   3.642   -10.043 1.00 46.15 ? 1693 HOH A O   1 
HETATM 1027 O  O   . HOH D 4 .   ? -12.802 -14.101 2.461   1.00 40.35 ? 1694 HOH A O   1 
HETATM 1028 O  O   . HOH D 4 .   ? -3.685  9.820   4.454   1.00 40.87 ? 1695 HOH A O   1 
HETATM 1029 O  O   . HOH D 4 .   ? 2.316   -15.423 2.475   1.00 52.60 ? 1696 HOH A O   1 
HETATM 1030 O  O   . HOH D 4 .   ? -12.490 -4.633  7.517   1.00 33.02 ? 1697 HOH A O   1 
HETATM 1031 O  O   . HOH D 4 .   ? -6.127  13.270  3.934   1.00 53.13 ? 1698 HOH A O   1 
HETATM 1032 O  O   . HOH D 4 .   ? -11.359 -15.413 14.214  1.00 58.95 ? 1699 HOH A O   1 
HETATM 1033 O  O   . HOH D 4 .   ? 4.571   -6.108  -7.150  1.00 35.69 ? 1700 HOH A O   1 
HETATM 1034 O  O   . HOH D 4 .   ? -9.366  -9.897  -6.175  1.00 53.53 ? 1701 HOH A O   1 
HETATM 1035 O  O   . HOH D 4 .   ? -13.007 -18.668 7.394   1.00 35.18 ? 1702 HOH A O   1 
HETATM 1036 O  O   . HOH D 4 .   ? -1.389  -7.876  -9.728  1.00 39.75 ? 1703 HOH A O   1 
HETATM 1037 O  O   . HOH D 4 .   ? 3.447   -7.121  -9.654  1.00 42.68 ? 1704 HOH A O   1 
HETATM 1038 O  O   . HOH D 4 .   ? -7.367  -19.998 1.480   1.00 33.52 ? 1705 HOH A O   1 
HETATM 1039 O  O   . HOH D 4 .   ? -0.762  0.222   -16.881 1.00 50.17 ? 1706 HOH A O   1 
HETATM 1040 O  O   . HOH D 4 .   ? 7.234   -5.825  -7.997  1.00 40.55 ? 1707 HOH A O   1 
HETATM 1041 O  O   . HOH D 4 .   ? -2.594  -12.065 11.753  1.00 42.37 ? 1708 HOH A O   1 
HETATM 1042 O  O   . HOH D 4 .   ? -18.896 -0.879  -4.327  1.00 38.86 ? 1709 HOH A O   1 
HETATM 1043 O  O   . HOH D 4 .   ? 0.595   10.721  5.255   1.00 35.91 ? 1710 HOH A O   1 
HETATM 1044 O  O   . HOH D 4 .   ? -11.206 -1.490  10.192  1.00 39.56 ? 1711 HOH A O   1 
HETATM 1045 O  O   . HOH D 4 .   ? 13.850  10.941  -5.471  1.00 34.43 ? 1712 HOH A O   1 
HETATM 1046 O  O   . HOH D 4 .   ? -12.212 -2.082  -21.878 1.00 46.19 ? 1713 HOH A O   1 
HETATM 1047 O  O   . HOH D 4 .   ? -14.741 -5.720  6.227   1.00 40.65 ? 1714 HOH A O   1 
# 
